data_1L4S
#
_entry.id   1L4S
#
_entity_poly.entity_id   1
_entity_poly.type   'polypeptide(L)'
_entity_poly.pdbx_seq_one_letter_code
;TMNITSKQMEITPAIRQHVADRLAKLEKWQTHLINPHIILSKEPQGFVADATINTPNGVLVASGKHEDMYTAINELINKL
ERQLNKLQHKGEARRAATSVKDANFVEEVEEE
;
_entity_poly.pdbx_strand_id   A
#
# COMPACT_ATOMS: atom_id res chain seq x y z
N THR A 1 0.34 3.89 -11.11
CA THR A 1 1.61 3.71 -10.35
C THR A 1 1.59 4.50 -9.05
N MET A 2 0.89 5.64 -9.07
CA MET A 2 0.79 6.49 -7.89
C MET A 2 -0.23 7.59 -8.10
N ASN A 3 -1.42 7.41 -7.50
CA ASN A 3 -2.49 8.39 -7.63
C ASN A 3 -2.88 8.95 -6.27
N ILE A 4 -2.80 10.28 -6.14
CA ILE A 4 -3.16 10.94 -4.88
C ILE A 4 -4.29 11.94 -5.10
N THR A 5 -5.36 11.80 -4.33
CA THR A 5 -6.51 12.69 -4.44
C THR A 5 -6.98 13.15 -3.07
N SER A 6 -7.72 14.25 -3.05
CA SER A 6 -8.24 14.81 -1.79
C SER A 6 -9.38 15.79 -2.07
N LYS A 7 -10.37 15.79 -1.19
CA LYS A 7 -11.53 16.66 -1.34
C LYS A 7 -11.43 17.86 -0.40
N GLN A 8 -10.21 18.28 -0.11
CA GLN A 8 -9.98 19.40 0.78
C GLN A 8 -8.82 20.27 0.27
N MET A 9 -7.73 19.61 -0.08
CA MET A 9 -6.55 20.31 -0.59
C MET A 9 -6.21 19.84 -2.00
N GLU A 10 -5.09 20.32 -2.53
CA GLU A 10 -4.66 19.95 -3.86
C GLU A 10 -3.36 19.15 -3.81
N ILE A 11 -3.00 18.53 -4.93
CA ILE A 11 -1.78 17.73 -5.00
C ILE A 11 -0.59 18.57 -5.44
N THR A 12 0.38 18.72 -4.54
CA THR A 12 1.57 19.49 -4.83
C THR A 12 2.74 18.57 -5.21
N PRO A 13 3.66 19.05 -6.08
CA PRO A 13 4.82 18.27 -6.49
C PRO A 13 5.65 17.80 -5.31
N ALA A 14 5.49 18.47 -4.17
CA ALA A 14 6.21 18.10 -2.97
C ALA A 14 5.59 16.86 -2.33
N ILE A 15 4.27 16.84 -2.31
CA ILE A 15 3.53 15.72 -1.74
C ILE A 15 3.62 14.52 -2.69
N ARG A 16 3.75 14.84 -3.99
CA ARG A 16 3.88 13.80 -4.99
C ARG A 16 5.28 13.20 -4.92
N GLN A 17 6.29 14.07 -4.82
CA GLN A 17 7.66 13.63 -4.72
C GLN A 17 7.91 12.91 -3.39
N HIS A 18 7.28 13.39 -2.32
CA HIS A 18 7.42 12.75 -1.02
C HIS A 18 6.97 11.30 -1.10
N VAL A 19 5.69 11.09 -1.40
CA VAL A 19 5.15 9.75 -1.53
C VAL A 19 5.87 8.99 -2.64
N ALA A 20 6.04 9.63 -3.79
CA ALA A 20 6.73 9.00 -4.91
C ALA A 20 8.13 8.54 -4.55
N ASP A 21 8.87 9.39 -3.83
CA ASP A 21 10.24 9.03 -3.44
C ASP A 21 10.23 7.76 -2.58
N ARG A 22 9.18 7.60 -1.79
CA ARG A 22 9.06 6.43 -0.93
C ARG A 22 8.70 5.18 -1.73
N LEU A 23 8.01 5.37 -2.86
CA LEU A 23 7.63 4.25 -3.70
C LEU A 23 8.87 3.61 -4.33
N ALA A 24 9.67 4.45 -4.98
CA ALA A 24 10.90 3.99 -5.62
C ALA A 24 11.86 3.37 -4.61
N LYS A 25 11.72 3.77 -3.35
CA LYS A 25 12.57 3.26 -2.28
C LYS A 25 12.10 1.89 -1.82
N LEU A 26 10.80 1.64 -1.96
CA LEU A 26 10.22 0.37 -1.56
C LEU A 26 10.53 -0.73 -2.58
N GLU A 27 11.83 -0.98 -2.79
CA GLU A 27 12.27 -2.00 -3.72
C GLU A 27 12.01 -3.40 -3.19
N LYS A 28 12.46 -3.65 -1.96
CA LYS A 28 12.26 -4.95 -1.32
C LYS A 28 10.79 -5.35 -1.34
N TRP A 29 9.94 -4.35 -1.40
CA TRP A 29 8.50 -4.53 -1.42
C TRP A 29 7.96 -4.71 -2.84
N GLN A 30 8.69 -4.17 -3.81
CA GLN A 30 8.30 -4.28 -5.21
C GLN A 30 8.08 -5.74 -5.60
N THR A 31 6.83 -6.07 -5.92
CA THR A 31 6.47 -7.42 -6.31
C THR A 31 5.16 -7.46 -7.09
N HIS A 32 4.19 -6.65 -6.67
CA HIS A 32 2.90 -6.60 -7.35
C HIS A 32 2.35 -5.17 -7.36
N LEU A 33 1.17 -4.94 -6.78
CA LEU A 33 0.58 -3.61 -6.75
C LEU A 33 0.32 -3.11 -8.17
N ILE A 34 -0.95 -2.91 -8.50
CA ILE A 34 -1.32 -2.43 -9.83
C ILE A 34 -2.20 -1.19 -9.76
N ASN A 35 -1.61 -0.05 -10.06
CA ASN A 35 -2.35 1.21 -10.05
C ASN A 35 -2.91 1.52 -8.66
N PRO A 36 -2.04 1.94 -7.73
CA PRO A 36 -2.45 2.28 -6.36
C PRO A 36 -3.12 3.64 -6.29
N HIS A 37 -3.96 3.83 -5.28
CA HIS A 37 -4.67 5.09 -5.10
C HIS A 37 -4.67 5.53 -3.65
N ILE A 38 -4.29 6.78 -3.41
CA ILE A 38 -4.24 7.34 -2.06
C ILE A 38 -5.14 8.56 -1.95
N ILE A 39 -5.92 8.62 -0.88
CA ILE A 39 -6.83 9.73 -0.64
C ILE A 39 -6.45 10.49 0.63
N LEU A 40 -6.66 11.80 0.61
CA LEU A 40 -6.34 12.65 1.76
C LEU A 40 -7.58 13.39 2.25
N SER A 41 -7.85 13.29 3.54
CA SER A 41 -8.99 13.96 4.15
C SER A 41 -8.53 14.85 5.30
N LYS A 42 -9.48 15.42 6.03
CA LYS A 42 -9.16 16.30 7.15
C LYS A 42 -10.33 16.40 8.12
N GLU A 43 -9.98 16.43 9.40
CA GLU A 43 -10.97 16.54 10.47
C GLU A 43 -10.51 17.63 11.44
N PRO A 44 -11.44 18.22 12.19
CA PRO A 44 -11.10 19.28 13.16
C PRO A 44 -9.98 18.87 14.10
N GLN A 45 -9.83 17.56 14.27
CA GLN A 45 -8.82 17.01 15.15
C GLN A 45 -7.49 16.74 14.44
N GLY A 46 -7.46 16.91 13.11
CA GLY A 46 -6.23 16.68 12.37
C GLY A 46 -6.50 16.19 10.96
N PHE A 47 -5.48 15.65 10.31
CA PHE A 47 -5.64 15.15 8.95
C PHE A 47 -5.62 13.63 8.89
N VAL A 48 -6.28 13.10 7.87
CA VAL A 48 -6.39 11.67 7.67
C VAL A 48 -5.97 11.29 6.25
N ALA A 49 -5.28 10.15 6.12
CA ALA A 49 -4.84 9.68 4.82
C ALA A 49 -5.16 8.20 4.64
N ASP A 50 -5.88 7.88 3.56
CA ASP A 50 -6.25 6.50 3.27
C ASP A 50 -5.63 6.05 1.95
N ALA A 51 -5.33 4.75 1.84
CA ALA A 51 -4.73 4.22 0.63
C ALA A 51 -5.20 2.80 0.33
N THR A 52 -5.41 2.52 -0.94
CA THR A 52 -5.86 1.20 -1.37
C THR A 52 -5.04 0.71 -2.56
N ILE A 53 -4.59 -0.54 -2.51
CA ILE A 53 -3.79 -1.09 -3.59
C ILE A 53 -4.30 -2.47 -4.00
N ASN A 54 -4.43 -2.68 -5.30
CA ASN A 54 -4.89 -3.96 -5.84
C ASN A 54 -3.72 -4.75 -6.39
N THR A 55 -3.62 -6.02 -6.00
CA THR A 55 -2.54 -6.88 -6.48
C THR A 55 -3.09 -8.19 -7.04
N PRO A 56 -2.26 -8.94 -7.78
CA PRO A 56 -2.68 -10.22 -8.37
C PRO A 56 -2.91 -11.31 -7.32
N ASN A 57 -2.52 -11.03 -6.08
CA ASN A 57 -2.69 -12.00 -5.00
C ASN A 57 -3.53 -11.43 -3.86
N GLY A 58 -4.34 -10.43 -4.15
CA GLY A 58 -5.19 -9.83 -3.12
C GLY A 58 -5.14 -8.32 -3.12
N VAL A 59 -5.66 -7.72 -2.06
CA VAL A 59 -5.68 -6.27 -1.94
C VAL A 59 -5.29 -5.83 -0.53
N LEU A 60 -4.57 -4.72 -0.44
CA LEU A 60 -4.13 -4.19 0.85
C LEU A 60 -4.77 -2.84 1.14
N VAL A 61 -4.87 -2.49 2.42
CA VAL A 61 -5.46 -1.23 2.82
C VAL A 61 -4.68 -0.60 3.98
N ALA A 62 -4.65 0.73 4.02
CA ALA A 62 -3.94 1.45 5.07
C ALA A 62 -4.55 2.84 5.29
N SER A 63 -4.52 3.29 6.54
CA SER A 63 -5.09 4.59 6.88
C SER A 63 -4.30 5.27 8.00
N GLY A 64 -4.39 6.60 8.05
CA GLY A 64 -3.71 7.37 9.07
C GLY A 64 -4.54 8.55 9.52
N LYS A 65 -4.32 9.01 10.74
CA LYS A 65 -5.10 10.14 11.27
C LYS A 65 -4.27 10.99 12.23
N HIS A 66 -3.02 11.26 11.87
CA HIS A 66 -2.16 12.09 12.70
C HIS A 66 -2.54 13.56 12.55
N GLU A 67 -2.22 14.36 13.56
CA GLU A 67 -2.54 15.79 13.53
C GLU A 67 -1.83 16.48 12.37
N ASP A 68 -0.70 15.91 11.94
CA ASP A 68 0.07 16.48 10.84
C ASP A 68 -0.23 15.79 9.52
N MET A 69 -0.68 16.58 8.55
CA MET A 69 -1.00 16.05 7.22
C MET A 69 0.10 15.16 6.66
N TYR A 70 1.34 15.66 6.72
CA TYR A 70 2.49 14.91 6.22
C TYR A 70 2.74 13.64 7.03
N THR A 71 2.53 13.73 8.34
CA THR A 71 2.74 12.58 9.21
C THR A 71 1.74 11.48 8.89
N ALA A 72 0.49 11.86 8.62
CA ALA A 72 -0.54 10.90 8.29
C ALA A 72 -0.18 10.14 7.01
N ILE A 73 0.21 10.87 5.97
CA ILE A 73 0.59 10.25 4.72
C ILE A 73 1.77 9.31 4.93
N ASN A 74 2.74 9.76 5.71
CA ASN A 74 3.93 8.95 6.00
C ASN A 74 3.52 7.72 6.81
N GLU A 75 2.59 7.91 7.74
CA GLU A 75 2.11 6.82 8.58
C GLU A 75 1.35 5.79 7.76
N LEU A 76 0.46 6.28 6.89
CA LEU A 76 -0.32 5.39 6.04
C LEU A 76 0.60 4.45 5.26
N ILE A 77 1.48 5.01 4.44
CA ILE A 77 2.42 4.19 3.68
C ILE A 77 3.22 3.29 4.61
N ASN A 78 3.42 3.74 5.85
CA ASN A 78 4.12 2.94 6.84
C ASN A 78 3.40 1.61 7.03
N LYS A 79 2.07 1.69 6.99
CA LYS A 79 1.21 0.53 7.13
C LYS A 79 1.27 -0.30 5.85
N LEU A 80 1.48 0.35 4.72
CA LEU A 80 1.60 -0.37 3.46
C LEU A 80 2.82 -1.27 3.55
N GLU A 81 3.92 -0.67 4.00
CA GLU A 81 5.18 -1.37 4.20
C GLU A 81 5.01 -2.47 5.25
N ARG A 82 4.43 -2.09 6.38
CA ARG A 82 4.22 -3.04 7.48
C ARG A 82 3.28 -4.17 7.05
N GLN A 83 2.40 -3.87 6.10
CA GLN A 83 1.45 -4.87 5.61
C GLN A 83 2.14 -5.88 4.70
N LEU A 84 2.99 -5.37 3.81
CA LEU A 84 3.71 -6.23 2.88
C LEU A 84 4.68 -7.13 3.64
N ASN A 85 5.10 -6.69 4.82
CA ASN A 85 6.03 -7.48 5.64
C ASN A 85 5.36 -8.78 6.07
N LYS A 86 4.08 -8.68 6.44
CA LYS A 86 3.32 -9.84 6.88
C LYS A 86 2.96 -10.74 5.70
N LEU A 87 3.00 -10.19 4.49
CA LEU A 87 2.67 -10.95 3.29
C LEU A 87 3.72 -12.03 3.04
N GLN A 88 4.98 -11.68 3.29
CA GLN A 88 6.08 -12.61 3.10
C GLN A 88 6.16 -13.59 4.27
N HIS A 89 5.58 -13.20 5.40
CA HIS A 89 5.58 -14.03 6.60
C HIS A 89 7.00 -14.43 7.00
N LYS A 90 7.11 -15.46 7.83
CA LYS A 90 8.42 -15.94 8.29
C LYS A 90 8.28 -17.28 9.00
N GLY A 91 7.26 -17.39 9.85
CA GLY A 91 7.04 -18.62 10.58
C GLY A 91 8.10 -18.87 11.63
N GLU A 92 8.02 -20.03 12.29
CA GLU A 92 8.98 -20.38 13.33
C GLU A 92 9.92 -21.50 12.86
N ALA A 93 9.43 -22.32 11.93
CA ALA A 93 10.22 -23.42 11.40
C ALA A 93 10.50 -24.46 12.47
N ARG A 94 10.15 -25.71 12.19
CA ARG A 94 10.38 -26.80 13.13
C ARG A 94 10.51 -28.13 12.40
N ARG A 95 11.65 -28.78 12.56
CA ARG A 95 11.91 -30.06 11.91
C ARG A 95 11.42 -31.22 12.79
N ALA A 96 12.22 -31.58 13.79
CA ALA A 96 11.86 -32.66 14.70
C ALA A 96 12.94 -32.85 15.77
N ALA A 97 12.83 -33.95 16.51
CA ALA A 97 13.80 -34.25 17.56
C ALA A 97 14.94 -35.13 17.04
N THR A 98 14.62 -35.97 16.06
CA THR A 98 15.61 -36.87 15.47
C THR A 98 15.68 -36.68 13.96
N SER A 99 14.58 -37.03 13.28
CA SER A 99 14.52 -36.90 11.83
C SER A 99 13.14 -37.30 11.31
N VAL A 100 12.60 -38.40 11.84
CA VAL A 100 11.29 -38.89 11.44
C VAL A 100 11.11 -38.88 9.92
N LYS A 101 9.91 -39.17 9.46
CA LYS A 101 9.61 -39.20 8.03
C LYS A 101 8.13 -39.49 7.78
N ASP A 102 7.43 -38.51 7.21
CA ASP A 102 6.01 -38.65 6.93
C ASP A 102 5.62 -37.84 5.69
N ALA A 103 5.07 -38.51 4.69
CA ALA A 103 4.66 -37.85 3.46
C ALA A 103 3.97 -38.84 2.53
N ASN A 104 2.80 -38.43 2.00
CA ASN A 104 2.05 -39.27 1.09
C ASN A 104 1.42 -38.44 -0.03
N PHE A 105 1.39 -39.00 -1.23
CA PHE A 105 0.81 -38.32 -2.38
C PHE A 105 -0.50 -38.96 -2.81
N VAL A 106 -0.62 -40.27 -2.57
CA VAL A 106 -1.83 -41.00 -2.93
C VAL A 106 -3.06 -40.39 -2.27
N GLU A 107 -2.87 -39.82 -1.08
CA GLU A 107 -3.96 -39.20 -0.36
C GLU A 107 -3.48 -37.96 0.39
N GLU A 108 -3.51 -36.82 -0.30
CA GLU A 108 -3.08 -35.56 0.31
C GLU A 108 -3.52 -34.37 -0.56
N VAL A 109 -4.69 -34.49 -1.15
CA VAL A 109 -5.23 -33.42 -2.00
C VAL A 109 -6.75 -33.49 -2.07
N GLU A 110 -7.28 -34.69 -2.28
CA GLU A 110 -8.72 -34.88 -2.36
C GLU A 110 -9.41 -34.45 -1.08
N GLU A 111 -9.00 -35.05 0.05
CA GLU A 111 -9.58 -34.72 1.34
C GLU A 111 -8.78 -33.60 2.02
N GLU A 112 -7.48 -33.57 1.76
CA GLU A 112 -6.60 -32.56 2.34
C GLU A 112 -6.79 -31.22 1.64
N THR A 1 -0.55 4.04 -11.52
CA THR A 1 0.81 4.14 -10.94
C THR A 1 0.97 5.43 -10.14
N MET A 2 1.04 5.30 -8.82
CA MET A 2 1.19 6.46 -7.95
C MET A 2 0.06 7.46 -8.16
N ASN A 3 -1.05 7.26 -7.48
CA ASN A 3 -2.21 8.13 -7.60
C ASN A 3 -2.68 8.64 -6.24
N ILE A 4 -2.46 9.92 -5.98
CA ILE A 4 -2.87 10.53 -4.71
C ILE A 4 -3.88 11.64 -4.96
N THR A 5 -5.01 11.58 -4.25
CA THR A 5 -6.06 12.58 -4.39
C THR A 5 -6.55 13.06 -3.04
N SER A 6 -7.29 14.16 -3.04
CA SER A 6 -7.84 14.74 -1.81
C SER A 6 -8.95 15.73 -2.15
N LYS A 7 -9.97 15.77 -1.30
CA LYS A 7 -11.10 16.68 -1.51
C LYS A 7 -11.02 17.90 -0.60
N GLN A 8 -10.00 17.95 0.27
CA GLN A 8 -9.83 19.07 1.17
C GLN A 8 -8.80 20.06 0.63
N MET A 9 -7.84 19.55 -0.13
CA MET A 9 -6.80 20.39 -0.70
C MET A 9 -6.41 19.91 -2.10
N GLU A 10 -5.49 20.62 -2.73
CA GLU A 10 -5.03 20.28 -4.07
C GLU A 10 -3.73 19.49 -4.01
N ILE A 11 -3.37 18.84 -5.11
CA ILE A 11 -2.15 18.04 -5.17
C ILE A 11 -0.98 18.89 -5.66
N THR A 12 0.01 19.05 -4.80
CA THR A 12 1.20 19.83 -5.13
C THR A 12 2.36 18.91 -5.51
N PRO A 13 3.35 19.44 -6.25
CA PRO A 13 4.53 18.66 -6.65
C PRO A 13 5.35 18.20 -5.46
N ALA A 14 5.08 18.79 -4.29
CA ALA A 14 5.81 18.42 -3.08
C ALA A 14 5.16 17.21 -2.43
N ILE A 15 3.83 17.20 -2.42
CA ILE A 15 3.09 16.09 -1.85
C ILE A 15 3.17 14.89 -2.78
N ARG A 16 3.30 15.19 -4.08
CA ARG A 16 3.43 14.15 -5.08
C ARG A 16 4.81 13.50 -4.97
N GLN A 17 5.83 14.35 -4.88
CA GLN A 17 7.20 13.89 -4.75
C GLN A 17 7.41 13.20 -3.41
N HIS A 18 6.76 13.70 -2.37
CA HIS A 18 6.87 13.10 -1.05
C HIS A 18 6.39 11.66 -1.08
N VAL A 19 5.10 11.47 -1.37
CA VAL A 19 4.53 10.14 -1.45
C VAL A 19 5.19 9.33 -2.56
N ALA A 20 5.34 9.93 -3.73
CA ALA A 20 5.97 9.25 -4.87
C ALA A 20 7.37 8.75 -4.52
N ASP A 21 8.18 9.60 -3.91
CA ASP A 21 9.54 9.21 -3.54
C ASP A 21 9.51 8.01 -2.59
N ARG A 22 8.44 7.92 -1.81
CA ARG A 22 8.29 6.82 -0.86
C ARG A 22 7.90 5.54 -1.60
N LEU A 23 7.19 5.68 -2.71
CA LEU A 23 6.77 4.52 -3.50
C LEU A 23 7.98 3.85 -4.13
N ALA A 24 8.80 4.66 -4.80
CA ALA A 24 10.00 4.15 -5.46
C ALA A 24 10.93 3.49 -4.43
N LYS A 25 10.80 3.89 -3.17
CA LYS A 25 11.61 3.34 -2.10
C LYS A 25 11.08 1.97 -1.69
N LEU A 26 9.76 1.80 -1.78
CA LEU A 26 9.12 0.55 -1.43
C LEU A 26 9.24 -0.46 -2.57
N GLU A 27 10.47 -0.73 -2.99
CA GLU A 27 10.72 -1.67 -4.08
C GLU A 27 11.41 -2.94 -3.57
N LYS A 28 11.83 -2.93 -2.30
CA LYS A 28 12.51 -4.08 -1.71
C LYS A 28 11.57 -5.28 -1.60
N TRP A 29 10.27 -5.03 -1.77
CA TRP A 29 9.27 -6.09 -1.67
C TRP A 29 9.12 -6.82 -3.00
N GLN A 30 8.41 -7.94 -2.98
CA GLN A 30 8.18 -8.73 -4.18
C GLN A 30 6.83 -8.40 -4.82
N THR A 31 6.07 -7.52 -4.17
CA THR A 31 4.76 -7.11 -4.68
C THR A 31 4.94 -6.11 -5.82
N HIS A 32 4.27 -6.38 -6.94
CA HIS A 32 4.34 -5.50 -8.10
C HIS A 32 3.38 -4.33 -7.96
N LEU A 33 2.20 -4.60 -7.44
CA LEU A 33 1.18 -3.58 -7.25
C LEU A 33 0.77 -2.98 -8.60
N ILE A 34 -0.54 -2.81 -8.82
CA ILE A 34 -1.02 -2.28 -10.08
C ILE A 34 -1.95 -1.09 -9.88
N ASN A 35 -1.43 0.10 -10.19
CA ASN A 35 -2.17 1.34 -10.09
C ASN A 35 -2.77 1.55 -8.70
N PRO A 36 -1.94 1.92 -7.71
CA PRO A 36 -2.40 2.17 -6.35
C PRO A 36 -3.03 3.55 -6.22
N HIS A 37 -3.93 3.71 -5.25
CA HIS A 37 -4.60 4.99 -5.05
C HIS A 37 -4.61 5.39 -3.58
N ILE A 38 -4.17 6.61 -3.31
CA ILE A 38 -4.13 7.14 -1.95
C ILE A 38 -4.98 8.40 -1.85
N ILE A 39 -5.78 8.50 -0.78
CA ILE A 39 -6.64 9.65 -0.58
C ILE A 39 -6.24 10.42 0.68
N LEU A 40 -6.40 11.73 0.63
CA LEU A 40 -6.06 12.60 1.75
C LEU A 40 -7.30 13.35 2.26
N SER A 41 -7.54 13.27 3.56
CA SER A 41 -8.68 13.95 4.16
C SER A 41 -8.23 14.85 5.31
N LYS A 42 -9.19 15.35 6.07
CA LYS A 42 -8.90 16.23 7.19
C LYS A 42 -10.17 16.54 7.98
N GLU A 43 -10.00 16.69 9.30
CA GLU A 43 -11.11 16.99 10.19
C GLU A 43 -10.71 18.16 11.08
N PRO A 44 -11.66 18.73 11.84
CA PRO A 44 -11.38 19.85 12.73
C PRO A 44 -10.19 19.58 13.64
N GLN A 45 -9.86 18.32 13.80
CA GLN A 45 -8.74 17.91 14.62
C GLN A 45 -7.47 17.93 13.81
N GLY A 46 -7.28 16.90 12.99
CA GLY A 46 -6.09 16.81 12.18
C GLY A 46 -6.37 16.25 10.79
N PHE A 47 -5.36 15.66 10.18
CA PHE A 47 -5.51 15.10 8.84
C PHE A 47 -5.49 13.57 8.83
N VAL A 48 -6.18 13.03 7.84
CA VAL A 48 -6.29 11.59 7.67
C VAL A 48 -5.83 11.18 6.27
N ALA A 49 -5.15 10.04 6.17
CA ALA A 49 -4.66 9.55 4.89
C ALA A 49 -5.00 8.07 4.70
N ASP A 50 -5.65 7.75 3.58
CA ASP A 50 -6.02 6.38 3.27
C ASP A 50 -5.36 5.92 1.99
N ALA A 51 -5.08 4.63 1.88
CA ALA A 51 -4.46 4.08 0.69
C ALA A 51 -4.93 2.66 0.39
N THR A 52 -5.12 2.36 -0.89
CA THR A 52 -5.56 1.04 -1.31
C THR A 52 -4.75 0.56 -2.50
N ILE A 53 -4.24 -0.65 -2.43
CA ILE A 53 -3.44 -1.20 -3.53
C ILE A 53 -3.86 -2.62 -3.89
N ASN A 54 -3.92 -2.88 -5.20
CA ASN A 54 -4.30 -4.19 -5.71
C ASN A 54 -3.07 -4.97 -6.17
N THR A 55 -2.84 -6.11 -5.53
CA THR A 55 -1.69 -6.96 -5.87
C THR A 55 -2.17 -8.25 -6.50
N PRO A 56 -1.30 -8.91 -7.30
CA PRO A 56 -1.65 -10.18 -7.97
C PRO A 56 -1.94 -11.31 -6.98
N ASN A 57 -1.57 -11.10 -5.72
CA ASN A 57 -1.78 -12.12 -4.69
C ASN A 57 -2.69 -11.60 -3.57
N GLY A 58 -3.50 -10.58 -3.88
CA GLY A 58 -4.38 -10.02 -2.87
C GLY A 58 -4.42 -8.51 -2.90
N VAL A 59 -5.00 -7.92 -1.85
CA VAL A 59 -5.10 -6.47 -1.76
C VAL A 59 -4.74 -5.99 -0.35
N LEU A 60 -4.07 -4.85 -0.27
CA LEU A 60 -3.66 -4.29 1.01
C LEU A 60 -4.33 -2.94 1.26
N VAL A 61 -4.50 -2.60 2.54
CA VAL A 61 -5.13 -1.34 2.92
C VAL A 61 -4.42 -0.72 4.12
N ALA A 62 -4.39 0.61 4.16
CA ALA A 62 -3.74 1.33 5.25
C ALA A 62 -4.36 2.70 5.44
N SER A 63 -4.32 3.19 6.68
CA SER A 63 -4.89 4.50 6.99
C SER A 63 -4.08 5.21 8.09
N GLY A 64 -4.19 6.54 8.11
CA GLY A 64 -3.50 7.34 9.11
C GLY A 64 -4.32 8.53 9.52
N LYS A 65 -4.21 8.94 10.78
CA LYS A 65 -5.00 10.08 11.28
C LYS A 65 -4.20 10.96 12.23
N HIS A 66 -2.95 11.23 11.86
CA HIS A 66 -2.10 12.09 12.69
C HIS A 66 -2.49 13.56 12.51
N GLU A 67 -2.18 14.37 13.52
CA GLU A 67 -2.51 15.79 13.48
C GLU A 67 -1.80 16.48 12.31
N ASP A 68 -0.65 15.93 11.90
CA ASP A 68 0.13 16.50 10.81
C ASP A 68 -0.16 15.79 9.48
N MET A 69 -0.59 16.57 8.49
CA MET A 69 -0.89 16.05 7.16
C MET A 69 0.20 15.12 6.64
N TYR A 70 1.45 15.60 6.71
CA TYR A 70 2.59 14.83 6.23
C TYR A 70 2.83 13.58 7.08
N THR A 71 2.63 13.71 8.38
CA THR A 71 2.83 12.59 9.29
C THR A 71 1.83 11.47 8.99
N ALA A 72 0.59 11.85 8.76
CA ALA A 72 -0.46 10.88 8.47
C ALA A 72 -0.12 10.10 7.19
N ILE A 73 0.26 10.83 6.15
CA ILE A 73 0.61 10.21 4.88
C ILE A 73 1.79 9.25 5.08
N ASN A 74 2.81 9.71 5.80
CA ASN A 74 3.98 8.90 6.08
C ASN A 74 3.61 7.68 6.92
N GLU A 75 2.70 7.88 7.88
CA GLU A 75 2.24 6.80 8.74
C GLU A 75 1.49 5.76 7.94
N LEU A 76 0.62 6.21 7.04
CA LEU A 76 -0.14 5.30 6.19
C LEU A 76 0.80 4.35 5.46
N ILE A 77 1.74 4.92 4.70
CA ILE A 77 2.71 4.11 3.97
C ILE A 77 3.49 3.23 4.94
N ASN A 78 3.67 3.70 6.17
CA ASN A 78 4.36 2.94 7.19
C ASN A 78 3.65 1.61 7.39
N LYS A 79 2.33 1.67 7.33
CA LYS A 79 1.47 0.49 7.48
C LYS A 79 1.52 -0.35 6.21
N LEU A 80 1.75 0.29 5.07
CA LEU A 80 1.89 -0.45 3.83
C LEU A 80 3.09 -1.37 3.96
N GLU A 81 4.20 -0.78 4.40
CA GLU A 81 5.43 -1.51 4.63
C GLU A 81 5.23 -2.56 5.73
N ARG A 82 4.55 -2.15 6.79
CA ARG A 82 4.30 -3.05 7.91
C ARG A 82 3.45 -4.24 7.46
N GLN A 83 2.54 -4.00 6.52
CA GLN A 83 1.68 -5.05 6.01
C GLN A 83 2.46 -5.97 5.07
N LEU A 84 3.34 -5.38 4.27
CA LEU A 84 4.16 -6.14 3.34
C LEU A 84 5.13 -7.05 4.09
N ASN A 85 5.48 -6.65 5.32
CA ASN A 85 6.40 -7.43 6.14
C ASN A 85 5.80 -8.79 6.47
N LYS A 86 4.52 -8.79 6.80
CA LYS A 86 3.83 -10.03 7.14
C LYS A 86 3.57 -10.87 5.89
N LEU A 87 3.54 -10.22 4.74
CA LEU A 87 3.30 -10.89 3.46
C LEU A 87 4.47 -11.77 3.04
N GLN A 88 5.62 -11.58 3.69
CA GLN A 88 6.81 -12.36 3.35
C GLN A 88 6.72 -13.78 3.90
N HIS A 89 6.35 -13.88 5.16
CA HIS A 89 6.23 -15.18 5.82
C HIS A 89 4.84 -15.78 5.60
N LYS A 90 4.56 -16.86 6.32
CA LYS A 90 3.27 -17.54 6.23
C LYS A 90 3.25 -18.51 5.06
N GLY A 91 3.77 -19.72 5.27
CA GLY A 91 3.80 -20.71 4.22
C GLY A 91 4.76 -20.34 3.09
N GLU A 92 4.70 -21.09 1.99
CA GLU A 92 5.57 -20.83 0.85
C GLU A 92 4.86 -21.17 -0.45
N ALA A 93 4.82 -20.21 -1.37
CA ALA A 93 4.18 -20.40 -2.66
C ALA A 93 4.85 -21.52 -3.46
N ARG A 94 4.27 -21.85 -4.60
CA ARG A 94 4.81 -22.90 -5.45
C ARG A 94 4.48 -22.62 -6.92
N ARG A 95 3.23 -22.31 -7.19
CA ARG A 95 2.79 -22.02 -8.55
C ARG A 95 2.69 -20.51 -8.78
N ALA A 96 3.55 -19.76 -8.11
CA ALA A 96 3.56 -18.31 -8.23
C ALA A 96 4.13 -17.88 -9.58
N ALA A 97 5.05 -18.67 -10.11
CA ALA A 97 5.67 -18.37 -11.39
C ALA A 97 4.65 -18.37 -12.52
N THR A 98 5.05 -17.90 -13.69
CA THR A 98 4.17 -17.85 -14.85
C THR A 98 4.22 -19.16 -15.63
N SER A 99 3.07 -19.59 -16.12
CA SER A 99 2.98 -20.83 -16.90
C SER A 99 2.71 -20.54 -18.37
N VAL A 100 2.70 -21.59 -19.18
CA VAL A 100 2.44 -21.45 -20.61
C VAL A 100 1.03 -21.90 -20.97
N LYS A 101 0.51 -22.85 -20.20
CA LYS A 101 -0.84 -23.37 -20.44
C LYS A 101 -1.87 -22.26 -20.34
N ASP A 102 -3.13 -22.60 -20.60
CA ASP A 102 -4.21 -21.63 -20.54
C ASP A 102 -5.56 -22.34 -20.34
N ALA A 103 -5.55 -23.39 -19.53
CA ALA A 103 -6.76 -24.15 -19.25
C ALA A 103 -7.77 -23.31 -18.47
N ASN A 104 -7.30 -22.25 -17.83
CA ASN A 104 -8.18 -21.37 -17.05
C ASN A 104 -9.36 -20.89 -17.90
N PHE A 105 -10.34 -20.27 -17.23
CA PHE A 105 -11.51 -19.77 -17.91
C PHE A 105 -11.14 -18.74 -18.97
N VAL A 106 -12.14 -18.17 -19.64
CA VAL A 106 -11.92 -17.18 -20.67
C VAL A 106 -12.70 -15.90 -20.38
N GLU A 107 -11.99 -14.77 -20.39
CA GLU A 107 -12.61 -13.48 -20.12
C GLU A 107 -13.52 -13.07 -21.28
N GLU A 108 -14.70 -12.56 -20.94
CA GLU A 108 -15.66 -12.13 -21.95
C GLU A 108 -15.71 -10.61 -22.04
N VAL A 109 -16.21 -10.10 -23.17
CA VAL A 109 -16.31 -8.66 -23.37
C VAL A 109 -17.72 -8.16 -23.08
N GLU A 110 -18.39 -8.81 -22.13
CA GLU A 110 -19.74 -8.44 -21.75
C GLU A 110 -19.88 -8.36 -20.23
N GLU A 111 -18.79 -8.01 -19.57
CA GLU A 111 -18.79 -7.90 -18.11
C GLU A 111 -18.45 -6.48 -17.66
N GLU A 112 -19.43 -5.59 -17.74
CA GLU A 112 -19.24 -4.20 -17.35
C GLU A 112 -20.57 -3.51 -17.10
N THR A 1 1.91 3.88 -11.29
CA THR A 1 0.53 4.40 -11.45
C THR A 1 0.04 5.05 -10.17
N MET A 2 0.95 5.72 -9.46
CA MET A 2 0.60 6.38 -8.21
C MET A 2 -0.49 7.42 -8.43
N ASN A 3 -1.62 7.24 -7.76
CA ASN A 3 -2.74 8.16 -7.90
C ASN A 3 -3.12 8.77 -6.54
N ILE A 4 -2.87 10.06 -6.38
CA ILE A 4 -3.19 10.75 -5.14
C ILE A 4 -4.34 11.73 -5.34
N THR A 5 -5.38 11.60 -4.54
CA THR A 5 -6.54 12.48 -4.64
C THR A 5 -6.97 12.97 -3.26
N SER A 6 -7.73 14.06 -3.23
CA SER A 6 -8.21 14.64 -1.98
C SER A 6 -9.35 15.61 -2.25
N LYS A 7 -10.35 15.59 -1.38
CA LYS A 7 -11.52 16.45 -1.52
C LYS A 7 -11.42 17.65 -0.59
N GLN A 8 -10.20 18.13 -0.36
CA GLN A 8 -9.96 19.27 0.49
C GLN A 8 -8.88 20.17 -0.09
N MET A 9 -7.75 19.56 -0.45
CA MET A 9 -6.63 20.29 -1.02
C MET A 9 -6.30 19.75 -2.42
N GLU A 10 -5.22 20.26 -3.00
CA GLU A 10 -4.79 19.82 -4.33
C GLU A 10 -3.48 19.05 -4.24
N ILE A 11 -3.08 18.46 -5.36
CA ILE A 11 -1.84 17.68 -5.41
C ILE A 11 -0.67 18.56 -5.82
N THR A 12 0.25 18.75 -4.88
CA THR A 12 1.44 19.56 -5.12
C THR A 12 2.64 18.68 -5.43
N PRO A 13 3.61 19.21 -6.18
CA PRO A 13 4.82 18.46 -6.54
C PRO A 13 5.59 18.00 -5.31
N ALA A 14 5.29 18.62 -4.17
CA ALA A 14 5.95 18.26 -2.93
C ALA A 14 5.31 17.01 -2.32
N ILE A 15 3.98 16.97 -2.36
CA ILE A 15 3.24 15.84 -1.84
C ILE A 15 3.39 14.66 -2.79
N ARG A 16 3.60 14.97 -4.06
CA ARG A 16 3.80 13.95 -5.08
C ARG A 16 5.19 13.36 -4.95
N GLN A 17 6.18 14.24 -4.80
CA GLN A 17 7.57 13.81 -4.65
C GLN A 17 7.77 13.10 -3.31
N HIS A 18 7.12 13.59 -2.26
CA HIS A 18 7.24 12.97 -0.96
C HIS A 18 6.76 11.52 -1.02
N VAL A 19 5.48 11.33 -1.37
CA VAL A 19 4.93 10.00 -1.48
C VAL A 19 5.67 9.20 -2.56
N ALA A 20 5.88 9.81 -3.72
CA ALA A 20 6.58 9.15 -4.80
C ALA A 20 7.98 8.69 -4.39
N ASP A 21 8.71 9.53 -3.65
CA ASP A 21 10.05 9.16 -3.21
C ASP A 21 9.99 7.92 -2.34
N ARG A 22 8.90 7.77 -1.60
CA ARG A 22 8.73 6.62 -0.72
C ARG A 22 8.37 5.38 -1.52
N LEU A 23 7.73 5.56 -2.68
CA LEU A 23 7.35 4.44 -3.51
C LEU A 23 8.59 3.78 -4.12
N ALA A 24 9.40 4.59 -4.78
CA ALA A 24 10.63 4.11 -5.41
C ALA A 24 11.57 3.49 -4.37
N LYS A 25 11.42 3.90 -3.12
CA LYS A 25 12.24 3.37 -2.04
C LYS A 25 11.72 2.00 -1.61
N LEU A 26 10.41 1.82 -1.72
CA LEU A 26 9.77 0.57 -1.36
C LEU A 26 9.93 -0.49 -2.44
N GLU A 27 11.18 -0.79 -2.77
CA GLU A 27 11.49 -1.78 -3.80
C GLU A 27 10.84 -3.12 -3.51
N LYS A 28 11.39 -3.86 -2.55
CA LYS A 28 10.87 -5.18 -2.19
C LYS A 28 9.37 -5.11 -1.91
N TRP A 29 8.92 -3.94 -1.48
CA TRP A 29 7.51 -3.70 -1.16
C TRP A 29 6.75 -3.20 -2.38
N GLN A 30 7.10 -3.71 -3.55
CA GLN A 30 6.43 -3.31 -4.79
C GLN A 30 6.22 -4.53 -5.69
N THR A 31 5.48 -5.50 -5.18
CA THR A 31 5.20 -6.72 -5.93
C THR A 31 4.11 -6.49 -6.97
N HIS A 32 4.52 -6.11 -8.18
CA HIS A 32 3.59 -5.86 -9.27
C HIS A 32 2.65 -4.69 -8.95
N LEU A 33 1.55 -4.99 -8.25
CA LEU A 33 0.58 -3.96 -7.90
C LEU A 33 -0.03 -3.37 -9.17
N ILE A 34 -1.32 -3.04 -9.12
CA ILE A 34 -1.99 -2.47 -10.29
C ILE A 34 -2.87 -1.28 -9.94
N ASN A 35 -2.41 -0.10 -10.37
CA ASN A 35 -3.12 1.16 -10.15
C ASN A 35 -3.46 1.39 -8.68
N PRO A 36 -2.48 1.80 -7.87
CA PRO A 36 -2.69 2.09 -6.45
C PRO A 36 -3.30 3.47 -6.25
N HIS A 37 -4.37 3.54 -5.47
CA HIS A 37 -5.04 4.82 -5.22
C HIS A 37 -4.83 5.31 -3.78
N ILE A 38 -4.48 6.59 -3.67
CA ILE A 38 -4.26 7.21 -2.37
C ILE A 38 -5.20 8.40 -2.20
N ILE A 39 -5.84 8.48 -1.03
CA ILE A 39 -6.78 9.57 -0.75
C ILE A 39 -6.38 10.33 0.51
N LEU A 40 -6.51 11.65 0.45
CA LEU A 40 -6.18 12.50 1.59
C LEU A 40 -7.42 13.25 2.08
N SER A 41 -7.67 13.15 3.38
CA SER A 41 -8.82 13.81 3.99
C SER A 41 -8.37 14.72 5.13
N LYS A 42 -9.35 15.30 5.83
CA LYS A 42 -9.04 16.20 6.94
C LYS A 42 -10.22 16.32 7.89
N GLU A 43 -9.91 16.35 9.17
CA GLU A 43 -10.91 16.47 10.22
C GLU A 43 -10.49 17.57 11.20
N PRO A 44 -11.43 18.17 11.91
CA PRO A 44 -11.11 19.23 12.88
C PRO A 44 -10.02 18.82 13.85
N GLN A 45 -9.89 17.51 14.04
CA GLN A 45 -8.90 16.96 14.95
C GLN A 45 -7.56 16.69 14.27
N GLY A 46 -7.49 16.84 12.95
CA GLY A 46 -6.24 16.60 12.25
C GLY A 46 -6.47 16.13 10.83
N PHE A 47 -5.44 15.57 10.21
CA PHE A 47 -5.55 15.07 8.83
C PHE A 47 -5.53 13.56 8.77
N VAL A 48 -6.14 13.05 7.71
CA VAL A 48 -6.23 11.61 7.49
C VAL A 48 -5.74 11.24 6.09
N ALA A 49 -5.01 10.13 6.00
CA ALA A 49 -4.48 9.67 4.73
C ALA A 49 -4.78 8.19 4.52
N ASP A 50 -5.44 7.85 3.42
CA ASP A 50 -5.78 6.47 3.14
C ASP A 50 -5.16 6.01 1.83
N ALA A 51 -4.79 4.74 1.75
CA ALA A 51 -4.19 4.20 0.54
C ALA A 51 -4.62 2.75 0.30
N THR A 52 -4.87 2.41 -0.95
CA THR A 52 -5.29 1.06 -1.31
C THR A 52 -4.54 0.59 -2.55
N ILE A 53 -3.97 -0.61 -2.48
CA ILE A 53 -3.22 -1.16 -3.61
C ILE A 53 -3.64 -2.59 -3.91
N ASN A 54 -3.83 -2.89 -5.19
CA ASN A 54 -4.22 -4.23 -5.62
C ASN A 54 -3.03 -4.97 -6.22
N THR A 55 -2.69 -6.11 -5.62
CA THR A 55 -1.57 -6.92 -6.10
C THR A 55 -2.06 -8.27 -6.60
N PRO A 56 -1.31 -8.92 -7.50
CA PRO A 56 -1.68 -10.22 -8.05
C PRO A 56 -1.68 -11.33 -7.00
N ASN A 57 -1.12 -11.03 -5.83
CA ASN A 57 -1.04 -12.01 -4.75
C ASN A 57 -1.93 -11.60 -3.56
N GLY A 58 -2.55 -10.42 -3.64
CA GLY A 58 -3.40 -9.97 -2.56
C GLY A 58 -3.67 -8.48 -2.61
N VAL A 59 -4.21 -7.95 -1.52
CA VAL A 59 -4.51 -6.52 -1.43
C VAL A 59 -3.96 -5.92 -0.15
N LEU A 60 -3.43 -4.71 -0.26
CA LEU A 60 -2.86 -4.01 0.89
C LEU A 60 -3.61 -2.72 1.18
N VAL A 61 -3.79 -2.40 2.46
CA VAL A 61 -4.49 -1.18 2.85
C VAL A 61 -3.81 -0.53 4.05
N ALA A 62 -3.85 0.79 4.11
CA ALA A 62 -3.24 1.53 5.20
C ALA A 62 -3.88 2.90 5.39
N SER A 63 -3.82 3.40 6.63
CA SER A 63 -4.41 4.69 6.97
C SER A 63 -3.55 5.45 7.98
N GLY A 64 -3.76 6.76 8.06
CA GLY A 64 -3.03 7.59 8.99
C GLY A 64 -3.79 8.86 9.34
N LYS A 65 -4.35 8.90 10.55
CA LYS A 65 -5.14 10.05 10.99
C LYS A 65 -4.40 10.88 12.03
N HIS A 66 -3.11 11.13 11.80
CA HIS A 66 -2.33 11.94 12.71
C HIS A 66 -2.67 13.42 12.56
N GLU A 67 -2.43 14.20 13.60
CA GLU A 67 -2.73 15.63 13.57
C GLU A 67 -1.94 16.33 12.46
N ASP A 68 -0.79 15.78 12.10
CA ASP A 68 0.05 16.35 11.06
C ASP A 68 -0.17 15.67 9.72
N MET A 69 -0.59 16.45 8.72
CA MET A 69 -0.84 15.94 7.38
C MET A 69 0.32 15.08 6.88
N TYR A 70 1.54 15.59 7.06
CA TYR A 70 2.73 14.88 6.61
C TYR A 70 2.94 13.60 7.41
N THR A 71 2.71 13.67 8.72
CA THR A 71 2.88 12.51 9.58
C THR A 71 1.87 11.42 9.23
N ALA A 72 0.65 11.84 8.91
CA ALA A 72 -0.40 10.89 8.54
C ALA A 72 -0.02 10.12 7.29
N ILE A 73 0.39 10.84 6.24
CA ILE A 73 0.78 10.19 5.00
C ILE A 73 1.98 9.28 5.22
N ASN A 74 2.95 9.78 5.98
CA ASN A 74 4.14 9.00 6.29
C ASN A 74 3.78 7.76 7.11
N GLU A 75 2.85 7.93 8.04
CA GLU A 75 2.39 6.82 8.87
C GLU A 75 1.66 5.79 8.02
N LEU A 76 0.81 6.25 7.12
CA LEU A 76 0.07 5.36 6.23
C LEU A 76 1.03 4.39 5.56
N ILE A 77 1.95 4.92 4.75
CA ILE A 77 2.94 4.09 4.08
C ILE A 77 3.68 3.24 5.10
N ASN A 78 3.82 3.76 6.32
CA ASN A 78 4.47 3.04 7.39
C ASN A 78 3.74 1.73 7.66
N LYS A 79 2.43 1.74 7.41
CA LYS A 79 1.58 0.57 7.61
C LYS A 79 1.59 -0.31 6.37
N LEU A 80 1.80 0.30 5.21
CA LEU A 80 1.87 -0.48 3.97
C LEU A 80 3.08 -1.41 4.07
N GLU A 81 4.21 -0.82 4.42
CA GLU A 81 5.45 -1.54 4.60
C GLU A 81 5.32 -2.60 5.69
N ARG A 82 4.82 -2.18 6.84
CA ARG A 82 4.65 -3.09 7.97
C ARG A 82 3.66 -4.21 7.64
N GLN A 83 2.68 -3.90 6.80
CA GLN A 83 1.69 -4.88 6.40
C GLN A 83 2.27 -5.87 5.41
N LEU A 84 3.05 -5.36 4.46
CA LEU A 84 3.68 -6.20 3.45
C LEU A 84 4.71 -7.12 4.10
N ASN A 85 5.30 -6.66 5.20
CA ASN A 85 6.29 -7.44 5.93
C ASN A 85 5.68 -8.73 6.48
N LYS A 86 4.38 -8.68 6.75
CA LYS A 86 3.67 -9.84 7.27
C LYS A 86 3.49 -10.91 6.20
N LEU A 87 3.66 -10.53 4.94
CA LEU A 87 3.50 -11.47 3.84
C LEU A 87 4.65 -12.48 3.81
N GLN A 88 5.73 -12.18 4.52
CA GLN A 88 6.89 -13.06 4.56
C GLN A 88 6.63 -14.26 5.48
N HIS A 89 5.70 -14.10 6.40
CA HIS A 89 5.34 -15.16 7.33
C HIS A 89 4.30 -16.09 6.72
N LYS A 90 3.36 -15.52 5.99
CA LYS A 90 2.31 -16.29 5.35
C LYS A 90 2.86 -17.13 4.20
N GLY A 91 4.02 -16.74 3.68
CA GLY A 91 4.62 -17.47 2.58
C GLY A 91 5.30 -18.74 3.05
N GLU A 92 4.54 -19.64 3.66
CA GLU A 92 5.07 -20.90 4.15
C GLU A 92 4.34 -22.08 3.53
N ALA A 93 3.02 -21.94 3.38
CA ALA A 93 2.20 -22.99 2.79
C ALA A 93 1.27 -22.42 1.72
N ARG A 94 0.43 -21.48 2.11
CA ARG A 94 -0.51 -20.86 1.18
C ARG A 94 -1.48 -21.89 0.62
N ARG A 95 -2.78 -21.61 0.78
CA ARG A 95 -3.81 -22.51 0.29
C ARG A 95 -5.14 -21.78 0.14
N ALA A 96 -5.51 -21.00 1.14
CA ALA A 96 -6.75 -20.24 1.12
C ALA A 96 -7.95 -21.17 0.98
N ALA A 97 -8.33 -21.81 2.07
CA ALA A 97 -9.47 -22.73 2.06
C ALA A 97 -10.65 -22.15 2.85
N THR A 98 -11.69 -21.74 2.13
CA THR A 98 -12.87 -21.17 2.76
C THR A 98 -14.05 -22.13 2.66
N SER A 99 -15.08 -21.88 3.47
CA SER A 99 -16.28 -22.72 3.46
C SER A 99 -16.97 -22.68 2.10
N VAL A 100 -18.06 -23.43 1.98
CA VAL A 100 -18.82 -23.48 0.73
C VAL A 100 -20.23 -22.92 0.92
N LYS A 101 -20.75 -22.26 -0.10
CA LYS A 101 -22.08 -21.67 -0.05
C LYS A 101 -23.02 -22.39 -1.00
N ASP A 102 -24.13 -22.91 -0.48
CA ASP A 102 -25.11 -23.61 -1.28
C ASP A 102 -26.30 -24.05 -0.43
N ALA A 103 -27.16 -23.09 -0.10
CA ALA A 103 -28.34 -23.38 0.71
C ALA A 103 -29.39 -22.28 0.56
N ASN A 104 -30.65 -22.68 0.45
CA ASN A 104 -31.75 -21.73 0.31
C ASN A 104 -31.62 -20.91 -0.97
N PHE A 105 -30.80 -21.40 -1.91
CA PHE A 105 -30.59 -20.71 -3.17
C PHE A 105 -30.31 -19.23 -2.96
N VAL A 106 -29.04 -18.87 -2.91
CA VAL A 106 -28.65 -17.47 -2.72
C VAL A 106 -28.91 -16.65 -3.96
N GLU A 107 -29.94 -15.80 -3.90
CA GLU A 107 -30.30 -14.95 -5.03
C GLU A 107 -30.69 -13.56 -4.55
N GLU A 108 -30.24 -12.54 -5.29
CA GLU A 108 -30.55 -11.16 -4.95
C GLU A 108 -30.02 -10.82 -3.55
N VAL A 109 -28.79 -10.32 -3.49
CA VAL A 109 -28.19 -9.95 -2.21
C VAL A 109 -27.33 -8.70 -2.36
N GLU A 110 -27.56 -7.72 -1.49
CA GLU A 110 -26.81 -6.47 -1.53
C GLU A 110 -25.71 -6.47 -0.47
N GLU A 111 -24.67 -7.26 -0.72
CA GLU A 111 -23.55 -7.35 0.21
C GLU A 111 -22.33 -7.97 -0.46
N GLU A 112 -21.28 -7.18 -0.63
CA GLU A 112 -20.05 -7.66 -1.27
C GLU A 112 -18.98 -7.96 -0.22
N THR A 1 3.86 7.73 -10.45
CA THR A 1 3.43 6.38 -10.88
C THR A 1 2.09 6.00 -10.25
N MET A 2 1.79 6.59 -9.09
CA MET A 2 0.55 6.31 -8.39
C MET A 2 -0.45 7.45 -8.57
N ASN A 3 -1.62 7.32 -7.94
CA ASN A 3 -2.66 8.34 -8.03
C ASN A 3 -3.04 8.87 -6.65
N ILE A 4 -2.73 10.15 -6.42
CA ILE A 4 -3.04 10.80 -5.15
C ILE A 4 -4.15 11.83 -5.35
N THR A 5 -5.21 11.72 -4.55
CA THR A 5 -6.33 12.65 -4.64
C THR A 5 -6.76 13.12 -3.25
N SER A 6 -7.50 14.22 -3.21
CA SER A 6 -7.98 14.79 -1.95
C SER A 6 -9.10 15.78 -2.21
N LYS A 7 -10.16 15.71 -1.40
CA LYS A 7 -11.29 16.61 -1.54
C LYS A 7 -11.26 17.72 -0.49
N GLN A 8 -10.09 17.94 0.10
CA GLN A 8 -9.92 18.97 1.10
C GLN A 8 -8.57 19.66 0.96
N MET A 9 -7.99 19.55 -0.24
CA MET A 9 -6.69 20.17 -0.53
C MET A 9 -6.24 19.83 -1.94
N GLU A 10 -5.05 20.30 -2.30
CA GLU A 10 -4.50 20.05 -3.63
C GLU A 10 -3.21 19.25 -3.54
N ILE A 11 -2.83 18.61 -4.64
CA ILE A 11 -1.61 17.81 -4.68
C ILE A 11 -0.43 18.63 -5.16
N THR A 12 0.57 18.77 -4.30
CA THR A 12 1.77 19.52 -4.62
C THR A 12 2.91 18.59 -5.04
N PRO A 13 3.81 19.05 -5.92
CA PRO A 13 4.94 18.24 -6.37
C PRO A 13 5.80 17.75 -5.20
N ALA A 14 5.67 18.40 -4.06
CA ALA A 14 6.43 18.00 -2.88
C ALA A 14 5.77 16.82 -2.19
N ILE A 15 4.44 16.84 -2.15
CA ILE A 15 3.68 15.75 -1.54
C ILE A 15 3.72 14.54 -2.46
N ARG A 16 3.79 14.82 -3.76
CA ARG A 16 3.85 13.77 -4.76
C ARG A 16 5.23 13.11 -4.71
N GLN A 17 6.27 13.95 -4.69
CA GLN A 17 7.64 13.46 -4.63
C GLN A 17 7.91 12.78 -3.29
N HIS A 18 7.31 13.30 -2.22
CA HIS A 18 7.48 12.72 -0.91
C HIS A 18 7.02 11.25 -0.92
N VAL A 19 5.72 11.06 -1.13
CA VAL A 19 5.16 9.72 -1.20
C VAL A 19 5.79 8.92 -2.33
N ALA A 20 5.89 9.53 -3.51
CA ALA A 20 6.48 8.87 -4.67
C ALA A 20 7.89 8.35 -4.38
N ASP A 21 8.74 9.21 -3.83
CA ASP A 21 10.11 8.82 -3.52
C ASP A 21 10.12 7.64 -2.55
N ARG A 22 9.08 7.54 -1.72
CA ARG A 22 8.98 6.44 -0.77
C ARG A 22 8.58 5.16 -1.48
N LEU A 23 7.84 5.28 -2.58
CA LEU A 23 7.42 4.12 -3.35
C LEU A 23 8.61 3.47 -4.03
N ALA A 24 9.40 4.27 -4.72
CA ALA A 24 10.58 3.78 -5.42
C ALA A 24 11.55 3.11 -4.46
N LYS A 25 11.54 3.54 -3.20
CA LYS A 25 12.41 2.96 -2.19
C LYS A 25 11.84 1.63 -1.68
N LEU A 26 10.52 1.55 -1.65
CA LEU A 26 9.83 0.34 -1.19
C LEU A 26 9.79 -0.71 -2.31
N GLU A 27 10.95 -1.09 -2.81
CA GLU A 27 11.05 -2.07 -3.88
C GLU A 27 10.55 -3.44 -3.42
N LYS A 28 11.24 -4.02 -2.44
CA LYS A 28 10.87 -5.33 -1.90
C LYS A 28 9.37 -5.39 -1.57
N TRP A 29 8.82 -4.23 -1.28
CA TRP A 29 7.42 -4.08 -0.93
C TRP A 29 6.53 -3.93 -2.16
N GLN A 30 7.04 -3.24 -3.19
CA GLN A 30 6.29 -3.04 -4.42
C GLN A 30 5.85 -4.38 -5.00
N THR A 31 6.82 -5.25 -5.25
CA THR A 31 6.55 -6.59 -5.80
C THR A 31 5.46 -6.57 -6.86
N HIS A 32 4.21 -6.76 -6.45
CA HIS A 32 3.09 -6.77 -7.38
C HIS A 32 1.97 -5.84 -6.92
N LEU A 33 1.69 -4.82 -7.73
CA LEU A 33 0.64 -3.86 -7.43
C LEU A 33 0.00 -3.37 -8.73
N ILE A 34 -1.30 -3.05 -8.69
CA ILE A 34 -1.99 -2.59 -9.88
C ILE A 34 -3.06 -1.54 -9.55
N ASN A 35 -2.86 -0.36 -10.12
CA ASN A 35 -3.76 0.77 -9.97
C ASN A 35 -3.69 1.36 -8.56
N PRO A 36 -2.49 1.75 -8.10
CA PRO A 36 -2.32 2.33 -6.76
C PRO A 36 -3.03 3.67 -6.62
N HIS A 37 -3.84 3.83 -5.57
CA HIS A 37 -4.55 5.08 -5.37
C HIS A 37 -4.57 5.49 -3.90
N ILE A 38 -4.15 6.72 -3.63
CA ILE A 38 -4.12 7.24 -2.28
C ILE A 38 -5.00 8.49 -2.16
N ILE A 39 -5.77 8.56 -1.07
CA ILE A 39 -6.66 9.69 -0.84
C ILE A 39 -6.26 10.45 0.42
N LEU A 40 -6.45 11.76 0.40
CA LEU A 40 -6.11 12.61 1.54
C LEU A 40 -7.34 13.40 2.01
N SER A 41 -7.62 13.31 3.29
CA SER A 41 -8.76 14.02 3.88
C SER A 41 -8.30 14.89 5.04
N LYS A 42 -9.27 15.46 5.75
CA LYS A 42 -8.96 16.32 6.89
C LYS A 42 -10.16 16.51 7.79
N GLU A 43 -9.90 16.60 9.08
CA GLU A 43 -10.92 16.81 10.08
C GLU A 43 -10.49 17.89 11.04
N PRO A 44 -11.39 18.37 11.91
CA PRO A 44 -11.06 19.42 12.87
C PRO A 44 -9.96 18.99 13.84
N GLN A 45 -9.86 17.68 14.03
CA GLN A 45 -8.88 17.10 14.94
C GLN A 45 -7.56 16.76 14.25
N GLY A 46 -7.51 16.86 12.92
CA GLY A 46 -6.28 16.55 12.22
C GLY A 46 -6.52 16.08 10.80
N PHE A 47 -5.49 15.56 10.15
CA PHE A 47 -5.61 15.07 8.79
C PHE A 47 -5.61 13.56 8.71
N VAL A 48 -6.24 13.05 7.66
CA VAL A 48 -6.35 11.62 7.44
C VAL A 48 -5.87 11.24 6.04
N ALA A 49 -5.18 10.11 5.92
CA ALA A 49 -4.69 9.65 4.64
C ALA A 49 -5.00 8.17 4.45
N ASP A 50 -5.69 7.84 3.37
CA ASP A 50 -6.05 6.45 3.09
C ASP A 50 -5.47 6.00 1.76
N ALA A 51 -5.18 4.71 1.64
CA ALA A 51 -4.63 4.16 0.42
C ALA A 51 -5.10 2.74 0.18
N THR A 52 -5.40 2.42 -1.07
CA THR A 52 -5.86 1.07 -1.42
C THR A 52 -5.15 0.59 -2.68
N ILE A 53 -4.65 -0.64 -2.65
CA ILE A 53 -3.96 -1.20 -3.79
C ILE A 53 -4.42 -2.62 -4.10
N ASN A 54 -4.64 -2.90 -5.38
CA ASN A 54 -5.07 -4.22 -5.83
C ASN A 54 -3.91 -4.97 -6.46
N THR A 55 -3.56 -6.11 -5.88
CA THR A 55 -2.47 -6.93 -6.40
C THR A 55 -2.99 -8.24 -6.96
N PRO A 56 -2.14 -8.98 -7.70
CA PRO A 56 -2.51 -10.26 -8.30
C PRO A 56 -2.66 -11.38 -7.26
N ASN A 57 -2.29 -11.09 -6.02
CA ASN A 57 -2.37 -12.08 -4.95
C ASN A 57 -3.29 -11.60 -3.82
N GLY A 58 -3.78 -10.37 -3.91
CA GLY A 58 -4.66 -9.84 -2.88
C GLY A 58 -4.73 -8.33 -2.89
N VAL A 59 -5.34 -7.76 -1.86
CA VAL A 59 -5.49 -6.32 -1.75
C VAL A 59 -5.02 -5.81 -0.39
N LEU A 60 -4.40 -4.64 -0.37
CA LEU A 60 -3.90 -4.05 0.86
C LEU A 60 -4.59 -2.71 1.15
N VAL A 61 -4.70 -2.37 2.43
CA VAL A 61 -5.32 -1.12 2.83
C VAL A 61 -4.58 -0.49 4.00
N ALA A 62 -4.50 0.84 4.00
CA ALA A 62 -3.79 1.55 5.06
C ALA A 62 -4.39 2.94 5.29
N SER A 63 -4.26 3.43 6.53
CA SER A 63 -4.79 4.74 6.89
C SER A 63 -3.91 5.45 7.91
N GLY A 64 -3.99 6.78 7.93
CA GLY A 64 -3.22 7.57 8.86
C GLY A 64 -3.93 8.86 9.24
N LYS A 65 -4.53 8.88 10.42
CA LYS A 65 -5.28 10.04 10.89
C LYS A 65 -4.52 10.84 11.93
N HIS A 66 -3.23 11.08 11.68
CA HIS A 66 -2.41 11.87 12.59
C HIS A 66 -2.74 13.35 12.44
N GLU A 67 -2.49 14.12 13.49
CA GLU A 67 -2.77 15.55 13.46
C GLU A 67 -1.97 16.25 12.37
N ASP A 68 -0.82 15.68 12.01
CA ASP A 68 0.03 16.26 10.98
C ASP A 68 -0.20 15.61 9.62
N MET A 69 -0.56 16.43 8.64
CA MET A 69 -0.82 15.96 7.28
C MET A 69 0.30 15.05 6.77
N TYR A 70 1.54 15.51 6.89
CA TYR A 70 2.69 14.74 6.42
C TYR A 70 2.87 13.46 7.24
N THR A 71 2.62 13.54 8.54
CA THR A 71 2.77 12.38 9.42
C THR A 71 1.76 11.30 9.04
N ALA A 72 0.53 11.71 8.74
CA ALA A 72 -0.51 10.78 8.35
C ALA A 72 -0.12 10.03 7.08
N ILE A 73 0.33 10.77 6.07
CA ILE A 73 0.75 10.17 4.81
C ILE A 73 1.89 9.19 5.04
N ASN A 74 2.88 9.62 5.83
CA ASN A 74 4.03 8.78 6.14
C ASN A 74 3.60 7.54 6.93
N GLU A 75 2.65 7.74 7.85
CA GLU A 75 2.16 6.64 8.67
C GLU A 75 1.41 5.63 7.80
N LEU A 76 0.56 6.12 6.90
CA LEU A 76 -0.18 5.24 6.00
C LEU A 76 0.78 4.30 5.29
N ILE A 77 1.75 4.86 4.57
CA ILE A 77 2.73 4.05 3.86
C ILE A 77 3.45 3.13 4.85
N ASN A 78 3.63 3.62 6.08
CA ASN A 78 4.26 2.85 7.11
C ASN A 78 3.49 1.54 7.36
N LYS A 79 2.19 1.59 7.09
CA LYS A 79 1.32 0.43 7.25
C LYS A 79 1.33 -0.41 5.98
N LEU A 80 1.62 0.21 4.84
CA LEU A 80 1.71 -0.53 3.59
C LEU A 80 2.86 -1.52 3.73
N GLU A 81 4.00 -0.98 4.16
CA GLU A 81 5.20 -1.76 4.39
C GLU A 81 4.96 -2.82 5.46
N ARG A 82 4.30 -2.41 6.54
CA ARG A 82 4.01 -3.30 7.65
C ARG A 82 3.09 -4.44 7.21
N GLN A 83 2.14 -4.13 6.32
CA GLN A 83 1.22 -5.14 5.83
C GLN A 83 1.90 -6.07 4.84
N LEU A 84 2.74 -5.49 3.98
CA LEU A 84 3.47 -6.27 3.00
C LEU A 84 4.44 -7.24 3.67
N ASN A 85 4.85 -6.89 4.90
CA ASN A 85 5.77 -7.73 5.65
C ASN A 85 5.15 -9.09 5.93
N LYS A 86 3.82 -9.12 5.99
CA LYS A 86 3.09 -10.36 6.25
C LYS A 86 3.12 -11.28 5.03
N LEU A 87 3.43 -10.72 3.86
CA LEU A 87 3.49 -11.50 2.64
C LEU A 87 4.68 -12.46 2.68
N GLN A 88 5.86 -11.92 2.96
CA GLN A 88 7.07 -12.73 3.02
C GLN A 88 7.14 -13.50 4.35
N HIS A 89 6.27 -13.12 5.28
CA HIS A 89 6.22 -13.79 6.59
C HIS A 89 7.49 -13.51 7.39
N LYS A 90 8.59 -14.11 6.96
CA LYS A 90 9.88 -13.94 7.64
C LYS A 90 9.98 -14.83 8.86
N GLY A 91 9.30 -15.98 8.81
CA GLY A 91 9.32 -16.90 9.94
C GLY A 91 8.26 -17.96 9.83
N GLU A 92 8.51 -18.98 9.01
CA GLU A 92 7.56 -20.06 8.81
C GLU A 92 8.16 -21.39 9.25
N ALA A 93 7.32 -22.43 9.30
CA ALA A 93 7.77 -23.75 9.71
C ALA A 93 7.05 -24.85 8.94
N ARG A 94 5.75 -24.94 9.14
CA ARG A 94 4.93 -25.95 8.45
C ARG A 94 4.89 -25.68 6.95
N ARG A 95 4.85 -24.40 6.59
CA ARG A 95 4.80 -24.02 5.18
C ARG A 95 6.12 -24.33 4.49
N ALA A 96 7.23 -23.98 5.13
CA ALA A 96 8.55 -24.23 4.57
C ALA A 96 8.78 -25.72 4.37
N ALA A 97 9.75 -26.05 3.51
CA ALA A 97 10.07 -27.44 3.22
C ALA A 97 11.53 -27.58 2.76
N THR A 98 12.40 -26.77 3.34
CA THR A 98 13.82 -26.81 2.99
C THR A 98 14.69 -26.86 4.24
N SER A 99 14.41 -25.98 5.19
CA SER A 99 15.17 -25.92 6.43
C SER A 99 14.25 -25.60 7.61
N VAL A 100 14.41 -26.35 8.70
CA VAL A 100 13.60 -26.14 9.89
C VAL A 100 14.43 -25.51 11.01
N LYS A 101 15.74 -25.75 10.99
CA LYS A 101 16.63 -25.19 12.00
C LYS A 101 16.96 -23.74 11.71
N ASP A 102 16.25 -22.84 12.38
CA ASP A 102 16.46 -21.40 12.20
C ASP A 102 16.28 -20.66 13.52
N ALA A 103 15.10 -20.81 14.12
CA ALA A 103 14.81 -20.15 15.39
C ALA A 103 14.47 -21.16 16.47
N ASN A 104 13.31 -21.81 16.32
CA ASN A 104 12.88 -22.82 17.29
C ASN A 104 12.65 -22.19 18.67
N PHE A 105 13.74 -22.01 19.41
CA PHE A 105 13.67 -21.42 20.74
C PHE A 105 12.88 -22.32 21.69
N VAL A 106 11.55 -22.25 21.59
CA VAL A 106 10.68 -23.06 22.43
C VAL A 106 9.51 -23.64 21.64
N GLU A 107 8.90 -22.81 20.82
CA GLU A 107 7.76 -23.23 20.00
C GLU A 107 6.59 -23.67 20.88
N GLU A 108 5.67 -22.75 21.13
CA GLU A 108 4.51 -23.03 21.96
C GLU A 108 3.36 -23.56 21.11
N VAL A 109 3.18 -24.88 21.12
CA VAL A 109 2.12 -25.52 20.34
C VAL A 109 1.87 -26.94 20.83
N GLU A 110 0.59 -27.31 20.93
CA GLU A 110 0.22 -28.64 21.38
C GLU A 110 -0.93 -29.20 20.55
N GLU A 111 -0.62 -29.65 19.34
CA GLU A 111 -1.62 -30.21 18.45
C GLU A 111 -1.52 -31.74 18.40
N GLU A 112 -0.30 -32.24 18.56
CA GLU A 112 -0.07 -33.68 18.53
C GLU A 112 -0.25 -34.29 19.91
N THR A 1 3.42 5.34 -11.04
CA THR A 1 1.98 5.17 -11.30
C THR A 1 1.16 5.43 -10.04
N MET A 2 1.65 6.33 -9.20
CA MET A 2 0.96 6.68 -7.95
C MET A 2 -0.17 7.65 -8.22
N ASN A 3 -1.31 7.42 -7.58
CA ASN A 3 -2.48 8.28 -7.75
C ASN A 3 -2.92 8.89 -6.42
N ILE A 4 -2.51 10.13 -6.18
CA ILE A 4 -2.87 10.83 -4.95
C ILE A 4 -3.99 11.83 -5.21
N THR A 5 -5.08 11.70 -4.46
CA THR A 5 -6.22 12.59 -4.61
C THR A 5 -6.73 13.08 -3.27
N SER A 6 -7.46 14.18 -3.27
CA SER A 6 -8.01 14.75 -2.04
C SER A 6 -9.11 15.76 -2.36
N LYS A 7 -10.13 15.80 -1.52
CA LYS A 7 -11.24 16.72 -1.71
C LYS A 7 -11.14 17.91 -0.78
N GLN A 8 -9.92 18.35 -0.52
CA GLN A 8 -9.68 19.49 0.35
C GLN A 8 -8.55 20.36 -0.20
N MET A 9 -7.45 19.73 -0.58
CA MET A 9 -6.30 20.45 -1.13
C MET A 9 -5.90 19.88 -2.48
N GLU A 10 -4.91 20.50 -3.11
CA GLU A 10 -4.44 20.05 -4.41
C GLU A 10 -3.16 19.23 -4.26
N ILE A 11 -2.69 18.65 -5.37
CA ILE A 11 -1.49 17.83 -5.36
C ILE A 11 -0.26 18.67 -5.67
N THR A 12 0.58 18.84 -4.65
CA THR A 12 1.81 19.62 -4.79
C THR A 12 3.00 18.72 -5.05
N PRO A 13 4.01 19.21 -5.79
CA PRO A 13 5.22 18.43 -6.08
C PRO A 13 5.91 17.96 -4.80
N ALA A 14 5.60 18.61 -3.69
CA ALA A 14 6.18 18.23 -2.41
C ALA A 14 5.50 16.99 -1.87
N ILE A 15 4.18 16.95 -1.98
CA ILE A 15 3.41 15.81 -1.52
C ILE A 15 3.62 14.65 -2.47
N ARG A 16 3.90 14.97 -3.73
CA ARG A 16 4.15 13.97 -4.75
C ARG A 16 5.55 13.40 -4.57
N GLN A 17 6.51 14.29 -4.33
CA GLN A 17 7.90 13.89 -4.12
C GLN A 17 8.05 13.12 -2.82
N HIS A 18 7.36 13.57 -1.77
CA HIS A 18 7.43 12.87 -0.49
C HIS A 18 6.92 11.45 -0.64
N VAL A 19 5.69 11.30 -1.10
CA VAL A 19 5.12 9.98 -1.30
C VAL A 19 5.95 9.20 -2.31
N ALA A 20 6.28 9.83 -3.43
CA ALA A 20 7.07 9.20 -4.47
C ALA A 20 8.44 8.77 -3.96
N ASP A 21 9.08 9.60 -3.14
CA ASP A 21 10.40 9.25 -2.61
C ASP A 21 10.32 7.94 -1.83
N ARG A 22 9.20 7.75 -1.15
CA ARG A 22 8.98 6.54 -0.36
C ARG A 22 8.63 5.36 -1.26
N LEU A 23 8.06 5.65 -2.42
CA LEU A 23 7.69 4.60 -3.37
C LEU A 23 8.94 3.93 -3.91
N ALA A 24 9.82 4.74 -4.49
CA ALA A 24 11.07 4.25 -5.05
C ALA A 24 11.94 3.59 -3.99
N LYS A 25 11.69 3.95 -2.73
CA LYS A 25 12.45 3.40 -1.61
C LYS A 25 11.93 2.01 -1.25
N LEU A 26 10.65 1.78 -1.50
CA LEU A 26 10.03 0.49 -1.21
C LEU A 26 10.38 -0.53 -2.29
N GLU A 27 11.68 -0.80 -2.42
CA GLU A 27 12.17 -1.76 -3.41
C GLU A 27 11.60 -3.16 -3.19
N LYS A 28 11.72 -3.67 -1.97
CA LYS A 28 11.21 -5.01 -1.65
C LYS A 28 9.73 -4.97 -1.26
N TRP A 29 9.02 -3.99 -1.79
CA TRP A 29 7.60 -3.81 -1.49
C TRP A 29 6.88 -3.19 -2.68
N GLN A 30 5.56 -3.31 -2.70
CA GLN A 30 4.76 -2.77 -3.80
C GLN A 30 5.16 -3.42 -5.13
N THR A 31 5.66 -4.65 -5.04
CA THR A 31 6.08 -5.39 -6.22
C THR A 31 4.89 -6.02 -6.95
N HIS A 32 3.80 -6.23 -6.22
CA HIS A 32 2.60 -6.82 -6.82
C HIS A 32 1.39 -5.91 -6.63
N LEU A 33 1.41 -4.78 -7.34
CA LEU A 33 0.32 -3.82 -7.28
C LEU A 33 -0.17 -3.46 -8.68
N ILE A 34 -1.42 -3.04 -8.79
CA ILE A 34 -1.97 -2.66 -10.09
C ILE A 34 -2.85 -1.42 -9.98
N ASN A 35 -2.28 -0.28 -10.36
CA ASN A 35 -3.01 0.98 -10.32
C ASN A 35 -3.44 1.33 -8.90
N PRO A 36 -2.47 1.72 -8.04
CA PRO A 36 -2.76 2.09 -6.65
C PRO A 36 -3.40 3.47 -6.55
N HIS A 37 -4.21 3.68 -5.51
CA HIS A 37 -4.88 4.96 -5.32
C HIS A 37 -4.87 5.38 -3.86
N ILE A 38 -4.39 6.59 -3.61
CA ILE A 38 -4.33 7.14 -2.26
C ILE A 38 -5.17 8.40 -2.14
N ILE A 39 -5.94 8.50 -1.06
CA ILE A 39 -6.79 9.65 -0.83
C ILE A 39 -6.38 10.41 0.42
N LEU A 40 -6.56 11.72 0.39
CA LEU A 40 -6.21 12.58 1.51
C LEU A 40 -7.43 13.35 2.01
N SER A 41 -7.70 13.25 3.31
CA SER A 41 -8.84 13.94 3.91
C SER A 41 -8.37 14.83 5.06
N LYS A 42 -9.32 15.39 5.79
CA LYS A 42 -9.00 16.26 6.91
C LYS A 42 -10.19 16.42 7.85
N GLU A 43 -9.90 16.42 9.14
CA GLU A 43 -10.90 16.57 10.18
C GLU A 43 -10.45 17.63 11.16
N PRO A 44 -11.38 18.24 11.90
CA PRO A 44 -11.04 19.28 12.88
C PRO A 44 -9.94 18.83 13.84
N GLN A 45 -9.83 17.53 14.01
CA GLN A 45 -8.84 16.95 14.91
C GLN A 45 -7.51 16.68 14.22
N GLY A 46 -7.44 16.88 12.90
CA GLY A 46 -6.20 16.63 12.18
C GLY A 46 -6.44 16.17 10.76
N PHE A 47 -5.44 15.56 10.15
CA PHE A 47 -5.57 15.08 8.77
C PHE A 47 -5.60 13.56 8.70
N VAL A 48 -6.23 13.07 7.64
CA VAL A 48 -6.36 11.64 7.42
C VAL A 48 -5.87 11.26 6.03
N ALA A 49 -5.18 10.12 5.95
CA ALA A 49 -4.67 9.63 4.68
C ALA A 49 -5.02 8.16 4.49
N ASP A 50 -5.72 7.85 3.41
CA ASP A 50 -6.12 6.48 3.14
C ASP A 50 -5.55 5.98 1.81
N ALA A 51 -5.28 4.69 1.71
CA ALA A 51 -4.74 4.12 0.49
C ALA A 51 -5.24 2.69 0.28
N THR A 52 -5.56 2.37 -0.97
CA THR A 52 -6.04 1.04 -1.31
C THR A 52 -5.31 0.52 -2.55
N ILE A 53 -4.83 -0.71 -2.49
CA ILE A 53 -4.11 -1.28 -3.62
C ILE A 53 -4.61 -2.69 -3.93
N ASN A 54 -4.79 -2.97 -5.22
CA ASN A 54 -5.24 -4.28 -5.68
C ASN A 54 -4.07 -5.10 -6.20
N THR A 55 -3.85 -6.26 -5.59
CA THR A 55 -2.76 -7.14 -5.99
C THR A 55 -3.33 -8.43 -6.57
N PRO A 56 -2.47 -9.31 -7.11
CA PRO A 56 -2.90 -10.57 -7.70
C PRO A 56 -3.00 -11.69 -6.67
N ASN A 57 -2.71 -11.37 -5.40
CA ASN A 57 -2.77 -12.35 -4.33
C ASN A 57 -3.55 -11.82 -3.14
N GLY A 58 -4.39 -10.82 -3.38
CA GLY A 58 -5.19 -10.24 -2.30
C GLY A 58 -5.30 -8.73 -2.39
N VAL A 59 -5.78 -8.11 -1.32
CA VAL A 59 -5.93 -6.66 -1.28
C VAL A 59 -5.27 -6.07 -0.04
N LEU A 60 -4.69 -4.88 -0.18
CA LEU A 60 -4.03 -4.21 0.94
C LEU A 60 -4.70 -2.88 1.24
N VAL A 61 -4.75 -2.53 2.53
CA VAL A 61 -5.36 -1.28 2.96
C VAL A 61 -4.57 -0.64 4.08
N ALA A 62 -4.51 0.69 4.09
CA ALA A 62 -3.77 1.42 5.11
C ALA A 62 -4.34 2.83 5.32
N SER A 63 -4.21 3.33 6.54
CA SER A 63 -4.74 4.64 6.89
C SER A 63 -3.84 5.36 7.91
N GLY A 64 -3.99 6.68 7.96
CA GLY A 64 -3.21 7.49 8.89
C GLY A 64 -3.96 8.74 9.31
N LYS A 65 -4.43 8.76 10.55
CA LYS A 65 -5.19 9.90 11.06
C LYS A 65 -4.37 10.75 12.02
N HIS A 66 -3.12 11.02 11.67
CA HIS A 66 -2.25 11.83 12.50
C HIS A 66 -2.59 13.32 12.35
N GLU A 67 -2.27 14.11 13.36
CA GLU A 67 -2.54 15.54 13.34
C GLU A 67 -1.82 16.23 12.19
N ASP A 68 -0.69 15.65 11.77
CA ASP A 68 0.11 16.21 10.69
C ASP A 68 -0.19 15.52 9.36
N MET A 69 -0.67 16.29 8.39
CA MET A 69 -0.99 15.77 7.07
C MET A 69 0.14 14.92 6.51
N TYR A 70 1.37 15.42 6.63
CA TYR A 70 2.53 14.71 6.12
C TYR A 70 2.78 13.43 6.91
N THR A 71 2.61 13.50 8.23
CA THR A 71 2.81 12.33 9.09
C THR A 71 1.78 11.25 8.78
N ALA A 72 0.55 11.66 8.50
CA ALA A 72 -0.51 10.72 8.19
C ALA A 72 -0.20 9.94 6.92
N ILE A 73 0.15 10.64 5.86
CA ILE A 73 0.50 9.99 4.60
C ILE A 73 1.71 9.09 4.78
N ASN A 74 2.71 9.59 5.50
CA ASN A 74 3.92 8.81 5.77
C ASN A 74 3.58 7.58 6.59
N GLU A 75 2.71 7.75 7.58
CA GLU A 75 2.30 6.65 8.44
C GLU A 75 1.49 5.63 7.65
N LEU A 76 0.62 6.11 6.77
CA LEU A 76 -0.18 5.21 5.95
C LEU A 76 0.72 4.23 5.20
N ILE A 77 1.58 4.75 4.34
CA ILE A 77 2.51 3.90 3.60
C ILE A 77 3.32 3.04 4.56
N ASN A 78 3.51 3.52 5.78
CA ASN A 78 4.24 2.75 6.79
C ASN A 78 3.52 1.43 7.02
N LYS A 79 2.20 1.50 7.03
CA LYS A 79 1.35 0.32 7.20
C LYS A 79 1.38 -0.53 5.94
N LEU A 80 1.56 0.10 4.79
CA LEU A 80 1.66 -0.66 3.55
C LEU A 80 2.89 -1.54 3.64
N GLU A 81 4.00 -0.93 4.06
CA GLU A 81 5.26 -1.62 4.26
C GLU A 81 5.11 -2.74 5.28
N ARG A 82 4.57 -2.39 6.44
CA ARG A 82 4.37 -3.36 7.51
C ARG A 82 3.39 -4.46 7.10
N GLN A 83 2.50 -4.13 6.17
CA GLN A 83 1.51 -5.10 5.70
C GLN A 83 2.16 -6.13 4.79
N LEU A 84 2.95 -5.67 3.83
CA LEU A 84 3.64 -6.55 2.90
C LEU A 84 4.64 -7.43 3.63
N ASN A 85 5.12 -6.96 4.78
CA ASN A 85 6.08 -7.72 5.58
C ASN A 85 5.45 -9.02 6.06
N LYS A 86 4.16 -8.99 6.33
CA LYS A 86 3.43 -10.15 6.81
C LYS A 86 3.23 -11.14 5.67
N LEU A 87 3.10 -10.62 4.46
CA LEU A 87 2.90 -11.45 3.27
C LEU A 87 4.16 -12.26 2.95
N GLN A 88 5.31 -11.72 3.33
CA GLN A 88 6.59 -12.40 3.08
C GLN A 88 6.85 -13.47 4.13
N HIS A 89 6.38 -13.22 5.34
CA HIS A 89 6.57 -14.14 6.47
C HIS A 89 7.98 -14.71 6.51
N LYS A 90 8.20 -15.82 5.80
CA LYS A 90 9.50 -16.47 5.76
C LYS A 90 10.10 -16.63 7.15
N GLY A 91 11.34 -17.11 7.21
CA GLY A 91 12.00 -17.29 8.49
C GLY A 91 13.21 -18.21 8.39
N GLU A 92 12.96 -19.52 8.45
CA GLU A 92 14.03 -20.50 8.37
C GLU A 92 13.86 -21.39 7.14
N ALA A 93 14.74 -22.38 7.01
CA ALA A 93 14.68 -23.31 5.88
C ALA A 93 15.29 -24.65 6.25
N ARG A 94 14.91 -25.69 5.51
CA ARG A 94 15.41 -27.03 5.75
C ARG A 94 16.76 -27.24 5.06
N ARG A 95 17.69 -27.86 5.76
CA ARG A 95 19.02 -28.12 5.20
C ARG A 95 19.72 -26.82 4.83
N ALA A 96 19.50 -25.79 5.63
CA ALA A 96 20.11 -24.48 5.38
C ALA A 96 21.42 -24.34 6.13
N ALA A 97 22.49 -24.05 5.39
CA ALA A 97 23.82 -23.89 5.98
C ALA A 97 24.55 -22.70 5.36
N THR A 98 24.69 -22.73 4.04
CA THR A 98 25.38 -21.65 3.33
C THR A 98 24.56 -21.17 2.14
N SER A 99 24.26 -22.09 1.23
CA SER A 99 23.48 -21.77 0.04
C SER A 99 22.30 -22.73 -0.12
N VAL A 100 21.09 -22.19 -0.11
CA VAL A 100 19.89 -23.00 -0.26
C VAL A 100 18.77 -22.21 -0.92
N LYS A 101 19.14 -21.28 -1.79
CA LYS A 101 18.18 -20.46 -2.50
C LYS A 101 17.80 -21.08 -3.84
N ASP A 102 16.52 -21.02 -4.19
CA ASP A 102 16.03 -21.57 -5.44
C ASP A 102 16.44 -20.70 -6.62
N ALA A 103 16.28 -21.23 -7.83
CA ALA A 103 16.63 -20.50 -9.04
C ALA A 103 15.49 -20.55 -10.06
N ASN A 104 15.64 -19.79 -11.14
CA ASN A 104 14.62 -19.74 -12.19
C ASN A 104 14.40 -21.13 -12.79
N PHE A 105 13.15 -21.41 -13.16
CA PHE A 105 12.81 -22.70 -13.75
C PHE A 105 13.11 -22.70 -15.24
N VAL A 106 13.50 -23.86 -15.76
CA VAL A 106 13.83 -24.01 -17.17
C VAL A 106 12.65 -24.59 -17.95
N GLU A 107 12.04 -25.64 -17.39
CA GLU A 107 10.90 -26.30 -18.02
C GLU A 107 9.59 -25.71 -17.53
N GLU A 108 9.63 -25.02 -16.39
CA GLU A 108 8.44 -24.42 -15.81
C GLU A 108 7.43 -25.49 -15.38
N VAL A 109 7.95 -26.62 -14.93
CA VAL A 109 7.10 -27.72 -14.48
C VAL A 109 6.94 -27.72 -12.97
N GLU A 110 5.71 -27.54 -12.51
CA GLU A 110 5.43 -27.52 -11.08
C GLU A 110 6.16 -26.37 -10.39
N GLU A 111 5.79 -26.09 -9.15
CA GLU A 111 6.41 -25.02 -8.39
C GLU A 111 7.50 -25.56 -7.47
N GLU A 112 7.31 -26.78 -6.99
CA GLU A 112 8.27 -27.43 -6.11
C GLU A 112 9.63 -27.55 -6.77
N THR A 1 2.79 5.84 -11.80
CA THR A 1 1.57 5.01 -11.71
C THR A 1 0.75 5.35 -10.46
N MET A 2 1.44 5.82 -9.42
CA MET A 2 0.78 6.18 -8.17
C MET A 2 -0.25 7.28 -8.40
N ASN A 3 -1.41 7.12 -7.78
CA ASN A 3 -2.48 8.10 -7.91
C ASN A 3 -3.00 8.56 -6.55
N ILE A 4 -2.52 9.72 -6.11
CA ILE A 4 -2.94 10.28 -4.83
C ILE A 4 -3.90 11.44 -5.05
N THR A 5 -5.03 11.42 -4.35
CA THR A 5 -6.04 12.47 -4.48
C THR A 5 -6.50 12.94 -3.11
N SER A 6 -7.26 14.04 -3.10
CA SER A 6 -7.78 14.62 -1.87
C SER A 6 -8.92 15.58 -2.17
N LYS A 7 -9.98 15.50 -1.38
CA LYS A 7 -11.15 16.36 -1.56
C LYS A 7 -11.13 17.50 -0.56
N GLN A 8 -9.95 18.03 -0.28
CA GLN A 8 -9.79 19.13 0.65
C GLN A 8 -8.73 20.10 0.14
N MET A 9 -7.58 19.57 -0.24
CA MET A 9 -6.48 20.39 -0.75
C MET A 9 -6.08 19.92 -2.14
N GLU A 10 -5.16 20.67 -2.76
CA GLU A 10 -4.68 20.33 -4.10
C GLU A 10 -3.41 19.48 -4.01
N ILE A 11 -3.05 18.86 -5.12
CA ILE A 11 -1.86 18.02 -5.16
C ILE A 11 -0.63 18.82 -5.58
N THR A 12 0.31 18.96 -4.64
CA THR A 12 1.53 19.71 -4.90
C THR A 12 2.69 18.76 -5.23
N PRO A 13 3.65 19.22 -6.05
CA PRO A 13 4.81 18.42 -6.42
C PRO A 13 5.59 17.96 -5.19
N ALA A 14 5.39 18.63 -4.07
CA ALA A 14 6.06 18.27 -2.83
C ALA A 14 5.41 17.04 -2.22
N ILE A 15 4.07 17.02 -2.23
CA ILE A 15 3.32 15.90 -1.70
C ILE A 15 3.45 14.71 -2.65
N ARG A 16 3.65 15.01 -3.93
CA ARG A 16 3.82 13.99 -4.93
C ARG A 16 5.21 13.37 -4.82
N GLN A 17 6.21 14.24 -4.68
CA GLN A 17 7.59 13.80 -4.54
C GLN A 17 7.78 13.07 -3.20
N HIS A 18 7.14 13.56 -2.15
CA HIS A 18 7.26 12.93 -0.84
C HIS A 18 6.75 11.49 -0.92
N VAL A 19 5.48 11.33 -1.25
CA VAL A 19 4.90 10.00 -1.37
C VAL A 19 5.63 9.19 -2.45
N ALA A 20 5.83 9.81 -3.61
CA ALA A 20 6.51 9.14 -4.71
C ALA A 20 7.91 8.66 -4.33
N ASP A 21 8.69 9.50 -3.66
CA ASP A 21 10.05 9.12 -3.26
C ASP A 21 10.00 7.87 -2.37
N ARG A 22 8.94 7.78 -1.58
CA ARG A 22 8.77 6.64 -0.68
C ARG A 22 8.38 5.39 -1.47
N LEU A 23 7.72 5.58 -2.60
CA LEU A 23 7.31 4.45 -3.43
C LEU A 23 8.54 3.78 -4.06
N ALA A 24 9.35 4.57 -4.74
CA ALA A 24 10.55 4.06 -5.38
C ALA A 24 11.50 3.41 -4.36
N LYS A 25 11.38 3.82 -3.11
CA LYS A 25 12.20 3.26 -2.04
C LYS A 25 11.67 1.90 -1.61
N LEU A 26 10.35 1.76 -1.67
CA LEU A 26 9.67 0.53 -1.29
C LEU A 26 9.75 -0.50 -2.41
N GLU A 27 10.97 -0.84 -2.83
CA GLU A 27 11.17 -1.81 -3.90
C GLU A 27 10.64 -3.19 -3.51
N LYS A 28 11.34 -3.85 -2.59
CA LYS A 28 10.95 -5.18 -2.12
C LYS A 28 9.48 -5.17 -1.66
N TRP A 29 9.01 -4.01 -1.27
CA TRP A 29 7.64 -3.83 -0.80
C TRP A 29 6.66 -3.65 -1.95
N GLN A 30 6.61 -2.45 -2.52
CA GLN A 30 5.70 -2.17 -3.62
C GLN A 30 6.26 -2.67 -4.95
N THR A 31 6.60 -3.95 -5.00
CA THR A 31 7.14 -4.54 -6.22
C THR A 31 6.02 -4.86 -7.21
N HIS A 32 4.96 -5.49 -6.72
CA HIS A 32 3.82 -5.84 -7.55
C HIS A 32 2.76 -4.73 -7.53
N LEU A 33 1.51 -5.06 -7.22
CA LEU A 33 0.44 -4.07 -7.18
C LEU A 33 0.04 -3.66 -8.59
N ILE A 34 -1.22 -3.24 -8.75
CA ILE A 34 -1.70 -2.82 -10.06
C ILE A 34 -2.55 -1.56 -9.97
N ASN A 35 -1.95 -0.41 -10.27
CA ASN A 35 -2.66 0.86 -10.22
C ASN A 35 -3.19 1.17 -8.82
N PRO A 36 -2.32 1.62 -7.92
CA PRO A 36 -2.70 1.96 -6.55
C PRO A 36 -3.34 3.35 -6.47
N HIS A 37 -4.18 3.55 -5.45
CA HIS A 37 -4.86 4.84 -5.27
C HIS A 37 -4.88 5.26 -3.81
N ILE A 38 -4.43 6.47 -3.55
CA ILE A 38 -4.39 7.01 -2.19
C ILE A 38 -5.24 8.28 -2.08
N ILE A 39 -6.01 8.38 -1.00
CA ILE A 39 -6.87 9.53 -0.77
C ILE A 39 -6.49 10.26 0.52
N LEU A 40 -6.56 11.58 0.48
CA LEU A 40 -6.23 12.41 1.63
C LEU A 40 -7.43 13.25 2.07
N SER A 41 -7.73 13.20 3.35
CA SER A 41 -8.85 13.96 3.91
C SER A 41 -8.37 14.83 5.07
N LYS A 42 -9.32 15.43 5.78
CA LYS A 42 -8.99 16.29 6.90
C LYS A 42 -10.17 16.43 7.87
N GLU A 43 -9.84 16.46 9.15
CA GLU A 43 -10.83 16.59 10.20
C GLU A 43 -10.38 17.68 11.17
N PRO A 44 -11.31 18.29 11.91
CA PRO A 44 -10.95 19.35 12.87
C PRO A 44 -9.84 18.92 13.82
N GLN A 45 -9.72 17.61 14.01
CA GLN A 45 -8.72 17.05 14.90
C GLN A 45 -7.40 16.76 14.20
N GLY A 46 -7.35 16.93 12.88
CA GLY A 46 -6.11 16.68 12.15
C GLY A 46 -6.37 16.19 10.75
N PHE A 47 -5.36 15.60 10.11
CA PHE A 47 -5.51 15.09 8.76
C PHE A 47 -5.52 13.58 8.70
N VAL A 48 -6.19 13.06 7.68
CA VAL A 48 -6.31 11.63 7.49
C VAL A 48 -5.87 11.23 6.08
N ALA A 49 -5.18 10.09 5.99
CA ALA A 49 -4.70 9.59 4.71
C ALA A 49 -5.05 8.12 4.53
N ASP A 50 -5.75 7.80 3.45
CA ASP A 50 -6.13 6.41 3.19
C ASP A 50 -5.56 5.93 1.87
N ALA A 51 -5.28 4.63 1.79
CA ALA A 51 -4.73 4.06 0.56
C ALA A 51 -5.21 2.63 0.34
N THR A 52 -5.52 2.30 -0.90
CA THR A 52 -5.98 0.96 -1.24
C THR A 52 -5.27 0.47 -2.50
N ILE A 53 -4.71 -0.73 -2.44
CA ILE A 53 -4.00 -1.27 -3.60
C ILE A 53 -4.41 -2.71 -3.89
N ASN A 54 -4.53 -3.02 -5.18
CA ASN A 54 -4.90 -4.36 -5.63
C ASN A 54 -3.68 -5.12 -6.09
N THR A 55 -3.39 -6.24 -5.42
CA THR A 55 -2.25 -7.07 -5.77
C THR A 55 -2.73 -8.40 -6.35
N PRO A 56 -1.98 -8.97 -7.32
CA PRO A 56 -2.36 -10.24 -7.94
C PRO A 56 -2.52 -11.38 -6.93
N ASN A 57 -1.95 -11.20 -5.74
CA ASN A 57 -2.03 -12.22 -4.70
C ASN A 57 -2.76 -11.70 -3.46
N GLY A 58 -3.61 -10.69 -3.65
CA GLY A 58 -4.35 -10.15 -2.52
C GLY A 58 -4.55 -8.64 -2.62
N VAL A 59 -4.95 -8.04 -1.50
CA VAL A 59 -5.17 -6.60 -1.44
C VAL A 59 -4.65 -6.02 -0.14
N LEU A 60 -4.09 -4.82 -0.21
CA LEU A 60 -3.56 -4.16 0.98
C LEU A 60 -4.27 -2.84 1.26
N VAL A 61 -4.41 -2.50 2.54
CA VAL A 61 -5.07 -1.28 2.95
C VAL A 61 -4.33 -0.62 4.11
N ALA A 62 -4.33 0.71 4.13
CA ALA A 62 -3.64 1.45 5.18
C ALA A 62 -4.25 2.83 5.39
N SER A 63 -4.15 3.33 6.61
CA SER A 63 -4.70 4.64 6.96
C SER A 63 -3.79 5.38 7.94
N GLY A 64 -3.92 6.71 7.96
CA GLY A 64 -3.13 7.52 8.86
C GLY A 64 -3.86 8.81 9.24
N LYS A 65 -4.37 8.87 10.46
CA LYS A 65 -5.11 10.04 10.93
C LYS A 65 -4.32 10.87 11.94
N HIS A 66 -3.04 11.11 11.65
CA HIS A 66 -2.21 11.91 12.54
C HIS A 66 -2.55 13.40 12.39
N GLU A 67 -2.26 14.18 13.42
CA GLU A 67 -2.55 15.60 13.39
C GLU A 67 -1.80 16.30 12.26
N ASP A 68 -0.66 15.74 11.87
CA ASP A 68 0.16 16.33 10.81
C ASP A 68 -0.10 15.64 9.48
N MET A 69 -0.54 16.44 8.50
CA MET A 69 -0.83 15.93 7.15
C MET A 69 0.31 15.06 6.62
N TYR A 70 1.54 15.56 6.74
CA TYR A 70 2.70 14.83 6.25
C TYR A 70 2.93 13.55 7.05
N THR A 71 2.76 13.65 8.36
CA THR A 71 2.96 12.49 9.23
C THR A 71 1.92 11.41 8.93
N ALA A 72 0.69 11.83 8.68
CA ALA A 72 -0.38 10.90 8.36
C ALA A 72 -0.07 10.12 7.09
N ILE A 73 0.29 10.83 6.03
CA ILE A 73 0.63 10.18 4.77
C ILE A 73 1.82 9.25 4.95
N ASN A 74 2.83 9.72 5.68
CA ASN A 74 4.01 8.92 5.93
C ASN A 74 3.64 7.68 6.76
N GLU A 75 2.73 7.87 7.71
CA GLU A 75 2.27 6.77 8.56
C GLU A 75 1.52 5.75 7.74
N LEU A 76 0.63 6.22 6.87
CA LEU A 76 -0.14 5.32 6.01
C LEU A 76 0.81 4.36 5.30
N ILE A 77 1.73 4.91 4.52
CA ILE A 77 2.70 4.09 3.82
C ILE A 77 3.48 3.23 4.81
N ASN A 78 3.63 3.72 6.04
CA ASN A 78 4.31 2.99 7.08
C ASN A 78 3.60 1.66 7.31
N LYS A 79 2.29 1.66 7.09
CA LYS A 79 1.47 0.46 7.24
C LYS A 79 1.54 -0.37 5.97
N LEU A 80 1.76 0.27 4.83
CA LEU A 80 1.89 -0.46 3.59
C LEU A 80 3.12 -1.36 3.69
N GLU A 81 4.23 -0.75 4.11
CA GLU A 81 5.47 -1.45 4.32
C GLU A 81 5.30 -2.54 5.37
N ARG A 82 4.72 -2.16 6.50
CA ARG A 82 4.51 -3.10 7.59
C ARG A 82 3.55 -4.22 7.18
N GLN A 83 2.72 -3.95 6.18
CA GLN A 83 1.76 -4.93 5.70
C GLN A 83 2.47 -5.96 4.84
N LEU A 84 3.32 -5.49 3.93
CA LEU A 84 4.07 -6.38 3.05
C LEU A 84 5.05 -7.23 3.84
N ASN A 85 5.54 -6.69 4.95
CA ASN A 85 6.49 -7.40 5.81
C ASN A 85 5.87 -8.66 6.37
N LYS A 86 4.55 -8.66 6.51
CA LYS A 86 3.83 -9.81 7.03
C LYS A 86 3.79 -10.94 6.01
N LEU A 87 3.93 -10.60 4.73
CA LEU A 87 3.91 -11.59 3.67
C LEU A 87 5.16 -12.47 3.70
N GLN A 88 6.18 -12.03 4.44
CA GLN A 88 7.42 -12.79 4.55
C GLN A 88 7.26 -13.98 5.49
N HIS A 89 6.11 -14.06 6.17
CA HIS A 89 5.85 -15.15 7.10
C HIS A 89 5.29 -16.36 6.36
N LYS A 90 4.07 -16.22 5.85
CA LYS A 90 3.41 -17.31 5.11
C LYS A 90 3.60 -18.66 5.80
N GLY A 91 3.33 -19.74 5.07
CA GLY A 91 3.48 -21.07 5.64
C GLY A 91 2.17 -21.83 5.69
N GLU A 92 1.33 -21.62 4.68
CA GLU A 92 0.04 -22.29 4.61
C GLU A 92 0.04 -23.37 3.51
N ALA A 93 0.30 -24.61 3.91
CA ALA A 93 0.32 -25.72 2.97
C ALA A 93 -1.09 -26.16 2.60
N ARG A 94 -2.03 -25.97 3.52
CA ARG A 94 -3.41 -26.36 3.30
C ARG A 94 -3.99 -25.63 2.08
N ARG A 95 -4.29 -26.39 1.03
CA ARG A 95 -4.85 -25.83 -0.19
C ARG A 95 -6.37 -25.98 -0.22
N ALA A 96 -7.02 -25.15 -1.03
CA ALA A 96 -8.47 -25.18 -1.14
C ALA A 96 -8.92 -26.29 -2.10
N ALA A 97 -9.29 -27.43 -1.54
CA ALA A 97 -9.73 -28.57 -2.35
C ALA A 97 -11.09 -28.28 -2.99
N THR A 98 -11.06 -27.73 -4.19
CA THR A 98 -12.29 -27.40 -4.91
C THR A 98 -13.10 -26.35 -4.16
N SER A 99 -13.66 -25.40 -4.91
CA SER A 99 -14.46 -24.33 -4.32
C SER A 99 -15.01 -23.40 -5.40
N VAL A 100 -16.24 -23.67 -5.82
CA VAL A 100 -16.88 -22.87 -6.85
C VAL A 100 -18.35 -22.61 -6.51
N LYS A 101 -18.58 -21.64 -5.63
CA LYS A 101 -19.93 -21.29 -5.22
C LYS A 101 -20.31 -19.90 -5.71
N ASP A 102 -19.34 -19.00 -5.74
CA ASP A 102 -19.57 -17.64 -6.20
C ASP A 102 -19.35 -17.52 -7.71
N ALA A 103 -20.22 -16.76 -8.37
CA ALA A 103 -20.12 -16.57 -9.81
C ALA A 103 -20.23 -17.90 -10.55
N ASN A 104 -21.43 -18.22 -11.00
CA ASN A 104 -21.67 -19.47 -11.73
C ASN A 104 -22.10 -19.18 -13.16
N PHE A 105 -21.13 -18.79 -13.99
CA PHE A 105 -21.41 -18.48 -15.39
C PHE A 105 -20.11 -18.41 -16.19
N VAL A 106 -20.22 -17.91 -17.42
CA VAL A 106 -19.06 -17.79 -18.30
C VAL A 106 -18.85 -16.34 -18.74
N GLU A 107 -18.22 -15.55 -17.87
CA GLU A 107 -17.97 -14.14 -18.17
C GLU A 107 -16.96 -14.01 -19.31
N GLU A 108 -15.74 -14.45 -19.06
CA GLU A 108 -14.68 -14.37 -20.06
C GLU A 108 -13.70 -15.54 -19.90
N VAL A 109 -12.96 -15.54 -18.78
CA VAL A 109 -11.99 -16.60 -18.52
C VAL A 109 -12.01 -16.99 -17.04
N GLU A 110 -12.69 -18.10 -16.76
CA GLU A 110 -12.79 -18.60 -15.38
C GLU A 110 -12.15 -19.99 -15.26
N GLU A 111 -12.42 -20.84 -16.26
CA GLU A 111 -11.88 -22.20 -16.26
C GLU A 111 -11.57 -22.65 -17.68
N GLU A 112 -10.82 -23.74 -17.80
CA GLU A 112 -10.45 -24.28 -19.10
C GLU A 112 -9.65 -23.26 -19.91
N THR A 1 4.04 7.26 -11.15
CA THR A 1 3.24 6.03 -11.37
C THR A 1 2.29 5.78 -10.21
N MET A 2 1.72 6.85 -9.66
CA MET A 2 0.80 6.74 -8.54
C MET A 2 -0.31 7.78 -8.66
N ASN A 3 -1.37 7.60 -7.87
CA ASN A 3 -2.50 8.51 -7.89
C ASN A 3 -2.79 9.07 -6.50
N ILE A 4 -2.94 10.38 -6.41
CA ILE A 4 -3.21 11.05 -5.15
C ILE A 4 -4.35 12.06 -5.30
N THR A 5 -5.37 11.94 -4.45
CA THR A 5 -6.51 12.84 -4.49
C THR A 5 -6.87 13.33 -3.09
N SER A 6 -7.64 14.41 -3.03
CA SER A 6 -8.05 14.98 -1.77
C SER A 6 -9.21 15.95 -1.96
N LYS A 7 -10.20 15.88 -1.08
CA LYS A 7 -11.37 16.74 -1.15
C LYS A 7 -11.27 17.89 -0.15
N GLN A 8 -10.06 18.42 0.02
CA GLN A 8 -9.83 19.51 0.94
C GLN A 8 -8.86 20.52 0.35
N MET A 9 -7.76 20.02 -0.20
CA MET A 9 -6.74 20.88 -0.80
C MET A 9 -6.31 20.33 -2.16
N GLU A 10 -5.36 21.01 -2.78
CA GLU A 10 -4.85 20.60 -4.09
C GLU A 10 -3.61 19.72 -3.92
N ILE A 11 -3.24 19.01 -4.99
CA ILE A 11 -2.08 18.14 -4.96
C ILE A 11 -0.83 18.89 -5.39
N THR A 12 0.16 18.93 -4.49
CA THR A 12 1.40 19.62 -4.78
C THR A 12 2.50 18.63 -5.16
N PRO A 13 3.44 19.04 -6.03
CA PRO A 13 4.55 18.18 -6.45
C PRO A 13 5.37 17.69 -5.26
N ALA A 14 5.25 18.39 -4.13
CA ALA A 14 5.98 18.01 -2.93
C ALA A 14 5.30 16.83 -2.26
N ILE A 15 3.97 16.86 -2.23
CA ILE A 15 3.20 15.78 -1.65
C ILE A 15 3.24 14.57 -2.56
N ARG A 16 3.34 14.84 -3.86
CA ARG A 16 3.42 13.78 -4.85
C ARG A 16 4.79 13.12 -4.77
N GLN A 17 5.84 13.94 -4.71
CA GLN A 17 7.20 13.44 -4.61
C GLN A 17 7.42 12.76 -3.27
N HIS A 18 6.77 13.28 -2.22
CA HIS A 18 6.90 12.68 -0.90
C HIS A 18 6.42 11.23 -0.93
N VAL A 19 5.13 11.05 -1.17
CA VAL A 19 4.56 9.71 -1.24
C VAL A 19 5.19 8.91 -2.37
N ALA A 20 5.33 9.51 -3.55
CA ALA A 20 5.93 8.84 -4.69
C ALA A 20 7.32 8.31 -4.36
N ASP A 21 8.17 9.15 -3.77
CA ASP A 21 9.52 8.74 -3.42
C ASP A 21 9.48 7.55 -2.46
N ARG A 22 8.42 7.47 -1.67
CA ARG A 22 8.26 6.37 -0.72
C ARG A 22 7.87 5.09 -1.44
N LEU A 23 7.18 5.23 -2.57
CA LEU A 23 6.77 4.08 -3.36
C LEU A 23 7.97 3.41 -4.02
N ALA A 24 8.79 4.21 -4.67
CA ALA A 24 9.99 3.69 -5.32
C ALA A 24 10.91 2.99 -4.32
N LYS A 25 10.80 3.38 -3.06
CA LYS A 25 11.60 2.78 -2.00
C LYS A 25 11.03 1.43 -1.60
N LEU A 26 9.70 1.33 -1.59
CA LEU A 26 9.03 0.08 -1.23
C LEU A 26 8.97 -0.87 -2.42
N GLU A 27 10.13 -1.17 -2.99
CA GLU A 27 10.20 -2.06 -4.15
C GLU A 27 11.00 -3.32 -3.84
N LYS A 28 11.14 -3.64 -2.56
CA LYS A 28 11.89 -4.82 -2.14
C LYS A 28 10.95 -6.00 -1.87
N TRP A 29 9.65 -5.74 -1.92
CA TRP A 29 8.64 -6.77 -1.67
C TRP A 29 8.32 -7.53 -2.95
N GLN A 30 7.36 -8.44 -2.86
CA GLN A 30 6.96 -9.23 -4.02
C GLN A 30 5.45 -9.18 -4.23
N THR A 31 5.00 -8.04 -4.73
CA THR A 31 3.59 -7.80 -5.00
C THR A 31 3.43 -6.63 -5.95
N HIS A 32 3.47 -6.92 -7.24
CA HIS A 32 3.33 -5.90 -8.28
C HIS A 32 2.13 -5.01 -7.99
N LEU A 33 2.39 -3.83 -7.44
CA LEU A 33 1.34 -2.89 -7.11
C LEU A 33 0.64 -2.43 -8.39
N ILE A 34 -0.69 -2.54 -8.43
CA ILE A 34 -1.45 -2.16 -9.61
C ILE A 34 -2.57 -1.18 -9.28
N ASN A 35 -2.44 0.01 -9.84
CA ASN A 35 -3.41 1.08 -9.68
C ASN A 35 -3.34 1.72 -8.30
N PRO A 36 -2.13 2.05 -7.81
CA PRO A 36 -1.96 2.66 -6.49
C PRO A 36 -2.75 3.96 -6.37
N HIS A 37 -3.53 4.08 -5.29
CA HIS A 37 -4.33 5.29 -5.10
C HIS A 37 -4.22 5.80 -3.66
N ILE A 38 -3.99 7.09 -3.52
CA ILE A 38 -3.87 7.72 -2.21
C ILE A 38 -4.88 8.85 -2.06
N ILE A 39 -5.55 8.88 -0.92
CA ILE A 39 -6.55 9.91 -0.66
C ILE A 39 -6.18 10.69 0.61
N LEU A 40 -6.44 11.99 0.58
CA LEU A 40 -6.14 12.86 1.71
C LEU A 40 -7.40 13.56 2.21
N SER A 41 -7.66 13.44 3.51
CA SER A 41 -8.83 14.05 4.12
C SER A 41 -8.40 14.94 5.29
N LYS A 42 -9.39 15.43 6.04
CA LYS A 42 -9.11 16.30 7.18
C LYS A 42 -10.38 16.56 7.98
N GLU A 43 -10.21 16.70 9.28
CA GLU A 43 -11.32 16.98 10.18
C GLU A 43 -10.94 18.13 11.11
N PRO A 44 -11.90 18.71 11.83
CA PRO A 44 -11.63 19.83 12.73
C PRO A 44 -10.45 19.56 13.65
N GLN A 45 -10.14 18.29 13.81
CA GLN A 45 -9.04 17.87 14.65
C GLN A 45 -7.74 17.90 13.85
N GLY A 46 -7.56 16.89 13.02
CA GLY A 46 -6.36 16.80 12.22
C GLY A 46 -6.62 16.27 10.82
N PHE A 47 -5.59 15.71 10.20
CA PHE A 47 -5.72 15.18 8.84
C PHE A 47 -5.69 13.66 8.80
N VAL A 48 -6.37 13.12 7.81
CA VAL A 48 -6.46 11.68 7.61
C VAL A 48 -5.99 11.30 6.21
N ALA A 49 -5.30 10.16 6.10
CA ALA A 49 -4.80 9.70 4.82
C ALA A 49 -5.12 8.23 4.61
N ASP A 50 -5.77 7.91 3.50
CA ASP A 50 -6.13 6.53 3.19
C ASP A 50 -5.47 6.09 1.89
N ALA A 51 -5.08 4.83 1.81
CA ALA A 51 -4.44 4.32 0.61
C ALA A 51 -4.85 2.88 0.32
N THR A 52 -5.02 2.55 -0.95
CA THR A 52 -5.39 1.21 -1.36
C THR A 52 -4.57 0.75 -2.55
N ILE A 53 -4.08 -0.49 -2.51
CA ILE A 53 -3.28 -1.03 -3.60
C ILE A 53 -3.76 -2.42 -4.00
N ASN A 54 -3.90 -2.65 -5.29
CA ASN A 54 -4.35 -3.95 -5.80
C ASN A 54 -3.19 -4.67 -6.49
N THR A 55 -2.87 -5.87 -6.00
CA THR A 55 -1.78 -6.65 -6.58
C THR A 55 -2.28 -8.01 -7.06
N PRO A 56 -1.48 -8.71 -7.88
CA PRO A 56 -1.84 -10.03 -8.42
C PRO A 56 -1.93 -11.09 -7.33
N ASN A 57 -1.45 -10.78 -6.13
CA ASN A 57 -1.49 -11.73 -5.02
C ASN A 57 -2.46 -11.30 -3.93
N GLY A 58 -3.08 -10.13 -4.10
CA GLY A 58 -4.02 -9.65 -3.11
C GLY A 58 -4.12 -8.14 -3.08
N VAL A 59 -4.75 -7.61 -2.04
CA VAL A 59 -4.92 -6.17 -1.88
C VAL A 59 -4.53 -5.72 -0.48
N LEU A 60 -3.87 -4.56 -0.39
CA LEU A 60 -3.45 -4.03 0.90
C LEU A 60 -4.12 -2.68 1.16
N VAL A 61 -4.26 -2.34 2.44
CA VAL A 61 -4.89 -1.08 2.83
C VAL A 61 -4.16 -0.45 4.02
N ALA A 62 -4.19 0.88 4.07
CA ALA A 62 -3.53 1.61 5.16
C ALA A 62 -4.19 2.96 5.39
N SER A 63 -4.05 3.48 6.61
CA SER A 63 -4.63 4.76 6.99
C SER A 63 -3.74 5.52 7.97
N GLY A 64 -3.92 6.84 8.01
CA GLY A 64 -3.15 7.68 8.91
C GLY A 64 -3.92 8.93 9.29
N LYS A 65 -4.44 8.97 10.51
CA LYS A 65 -5.22 10.11 10.98
C LYS A 65 -4.46 10.95 12.02
N HIS A 66 -3.20 11.23 11.73
CA HIS A 66 -2.39 12.06 12.63
C HIS A 66 -2.77 13.53 12.48
N GLU A 67 -2.51 14.31 13.52
CA GLU A 67 -2.82 15.74 13.50
C GLU A 67 -2.06 16.44 12.38
N ASP A 68 -0.91 15.90 12.00
CA ASP A 68 -0.09 16.48 10.95
C ASP A 68 -0.33 15.81 9.60
N MET A 69 -0.69 16.62 8.62
CA MET A 69 -0.95 16.13 7.27
C MET A 69 0.15 15.20 6.77
N TYR A 70 1.40 15.66 6.88
CA TYR A 70 2.55 14.89 6.44
C TYR A 70 2.74 13.62 7.26
N THR A 71 2.47 13.71 8.56
CA THR A 71 2.61 12.56 9.44
C THR A 71 1.64 11.46 9.05
N ALA A 72 0.40 11.85 8.74
CA ALA A 72 -0.63 10.88 8.34
C ALA A 72 -0.20 10.16 7.08
N ILE A 73 0.26 10.93 6.09
CA ILE A 73 0.70 10.34 4.83
C ILE A 73 1.86 9.38 5.05
N ASN A 74 2.84 9.83 5.84
CA ASN A 74 4.00 9.00 6.14
C ASN A 74 3.58 7.76 6.93
N GLU A 75 2.64 7.94 7.85
CA GLU A 75 2.16 6.83 8.66
C GLU A 75 1.44 5.81 7.80
N LEU A 76 0.58 6.28 6.89
CA LEU A 76 -0.15 5.40 5.99
C LEU A 76 0.82 4.48 5.26
N ILE A 77 1.78 5.06 4.55
CA ILE A 77 2.76 4.25 3.84
C ILE A 77 3.50 3.35 4.81
N ASN A 78 3.65 3.81 6.05
CA ASN A 78 4.30 3.04 7.08
C ASN A 78 3.55 1.73 7.32
N LYS A 79 2.24 1.77 7.07
CA LYS A 79 1.39 0.58 7.22
C LYS A 79 1.42 -0.25 5.95
N LEU A 80 1.72 0.37 4.82
CA LEU A 80 1.84 -0.37 3.58
C LEU A 80 2.99 -1.36 3.73
N GLU A 81 4.11 -0.81 4.22
CA GLU A 81 5.31 -1.58 4.49
C GLU A 81 5.02 -2.66 5.53
N ARG A 82 4.31 -2.27 6.58
CA ARG A 82 3.98 -3.21 7.65
C ARG A 82 3.12 -4.37 7.13
N GLN A 83 2.32 -4.08 6.11
CA GLN A 83 1.47 -5.10 5.52
C GLN A 83 2.29 -6.04 4.64
N LEU A 84 3.23 -5.47 3.90
CA LEU A 84 4.10 -6.24 3.03
C LEU A 84 5.00 -7.18 3.83
N ASN A 85 5.34 -6.74 5.04
CA ASN A 85 6.19 -7.53 5.93
C ASN A 85 5.52 -8.85 6.31
N LYS A 86 4.20 -8.87 6.22
CA LYS A 86 3.45 -10.07 6.55
C LYS A 86 3.66 -11.15 5.50
N LEU A 87 3.78 -10.73 4.25
CA LEU A 87 4.00 -11.65 3.14
C LEU A 87 5.41 -12.23 3.16
N GLN A 88 6.32 -11.52 3.82
CA GLN A 88 7.72 -11.96 3.91
C GLN A 88 7.92 -13.07 4.95
N HIS A 89 6.84 -13.52 5.57
CA HIS A 89 6.93 -14.57 6.59
C HIS A 89 7.06 -15.95 5.95
N LYS A 90 7.38 -16.94 6.77
CA LYS A 90 7.52 -18.30 6.30
C LYS A 90 7.69 -19.27 7.47
N GLY A 91 6.59 -19.52 8.18
CA GLY A 91 6.64 -20.43 9.32
C GLY A 91 5.43 -20.28 10.23
N GLU A 92 4.42 -21.11 9.99
CA GLU A 92 3.20 -21.08 10.80
C GLU A 92 3.46 -21.66 12.19
N ALA A 93 4.02 -20.84 13.07
CA ALA A 93 4.30 -21.26 14.44
C ALA A 93 5.24 -22.47 14.46
N ARG A 94 6.54 -22.19 14.59
CA ARG A 94 7.55 -23.25 14.62
C ARG A 94 7.51 -24.06 13.33
N ARG A 95 8.56 -24.85 13.10
CA ARG A 95 8.67 -25.68 11.91
C ARG A 95 9.27 -27.04 12.24
N ALA A 96 10.38 -27.02 12.96
CA ALA A 96 11.07 -28.25 13.34
C ALA A 96 11.59 -28.17 14.77
N ALA A 97 11.23 -29.16 15.58
CA ALA A 97 11.66 -29.20 16.97
C ALA A 97 11.17 -27.97 17.73
N THR A 98 11.57 -27.87 19.00
CA THR A 98 11.18 -26.74 19.84
C THR A 98 12.07 -25.53 19.58
N SER A 99 13.35 -25.68 19.88
CA SER A 99 14.31 -24.59 19.68
C SER A 99 15.51 -25.07 18.87
N VAL A 100 16.09 -24.17 18.09
CA VAL A 100 17.25 -24.50 17.27
C VAL A 100 18.53 -24.49 18.10
N LYS A 101 18.79 -25.60 18.79
CA LYS A 101 19.99 -25.72 19.62
C LYS A 101 21.12 -26.38 18.85
N ASP A 102 20.77 -27.33 17.98
CA ASP A 102 21.75 -28.04 17.18
C ASP A 102 22.27 -27.16 16.04
N ALA A 103 23.52 -27.38 15.65
CA ALA A 103 24.13 -26.61 14.58
C ALA A 103 24.47 -27.50 13.39
N ASN A 104 24.52 -26.91 12.20
CA ASN A 104 24.84 -27.65 10.98
C ASN A 104 23.72 -28.60 10.62
N PHE A 105 23.52 -29.63 11.44
CA PHE A 105 22.47 -30.61 11.20
C PHE A 105 21.77 -30.98 12.51
N VAL A 106 20.49 -30.63 12.60
CA VAL A 106 19.71 -30.94 13.80
C VAL A 106 19.45 -32.43 13.93
N GLU A 107 19.27 -33.10 12.80
CA GLU A 107 19.03 -34.54 12.79
C GLU A 107 19.41 -35.14 11.45
N GLU A 108 19.47 -36.48 11.39
CA GLU A 108 19.82 -37.18 10.16
C GLU A 108 18.59 -37.78 9.50
N VAL A 109 18.08 -38.86 10.09
CA VAL A 109 16.91 -39.54 9.55
C VAL A 109 15.66 -38.66 9.69
N GLU A 110 14.79 -38.70 8.70
CA GLU A 110 13.57 -37.92 8.71
C GLU A 110 12.34 -38.81 8.64
N GLU A 111 11.32 -38.49 9.43
CA GLU A 111 10.09 -39.27 9.45
C GLU A 111 8.99 -38.56 8.66
N GLU A 112 8.80 -37.28 8.94
CA GLU A 112 7.78 -36.48 8.26
C GLU A 112 8.21 -35.02 8.15
N THR A 1 -0.92 3.81 -11.40
CA THR A 1 0.54 4.15 -11.32
C THR A 1 0.75 5.41 -10.48
N MET A 2 0.74 5.25 -9.16
CA MET A 2 0.94 6.38 -8.26
C MET A 2 -0.14 7.44 -8.46
N ASN A 3 -1.25 7.28 -7.75
CA ASN A 3 -2.36 8.22 -7.87
C ASN A 3 -2.74 8.81 -6.51
N ILE A 4 -2.57 10.11 -6.36
CA ILE A 4 -2.91 10.79 -5.12
C ILE A 4 -3.99 11.84 -5.37
N THR A 5 -5.09 11.76 -4.61
CA THR A 5 -6.19 12.71 -4.77
C THR A 5 -6.68 13.20 -3.42
N SER A 6 -7.42 14.31 -3.43
CA SER A 6 -7.94 14.91 -2.21
C SER A 6 -9.07 15.88 -2.55
N LYS A 7 -10.09 15.92 -1.70
CA LYS A 7 -11.24 16.79 -1.91
C LYS A 7 -11.19 18.02 -1.01
N GLN A 8 -10.28 18.00 -0.04
CA GLN A 8 -10.13 19.12 0.88
C GLN A 8 -8.95 20.00 0.49
N MET A 9 -7.99 19.42 -0.22
CA MET A 9 -6.80 20.16 -0.65
C MET A 9 -6.44 19.79 -2.10
N GLU A 10 -5.24 20.16 -2.51
CA GLU A 10 -4.76 19.88 -3.86
C GLU A 10 -3.45 19.11 -3.81
N ILE A 11 -3.07 18.51 -4.95
CA ILE A 11 -1.85 17.74 -5.02
C ILE A 11 -0.67 18.61 -5.47
N THR A 12 0.25 18.83 -4.55
CA THR A 12 1.43 19.64 -4.82
C THR A 12 2.64 18.76 -5.16
N PRO A 13 3.58 19.29 -5.96
CA PRO A 13 4.79 18.54 -6.33
C PRO A 13 5.59 18.11 -5.10
N ALA A 14 5.34 18.76 -3.97
CA ALA A 14 6.04 18.42 -2.74
C ALA A 14 5.43 17.18 -2.11
N ILE A 15 4.10 17.13 -2.10
CA ILE A 15 3.40 15.99 -1.54
C ILE A 15 3.55 14.80 -2.48
N ARG A 16 3.70 15.09 -3.76
CA ARG A 16 3.89 14.05 -4.76
C ARG A 16 5.30 13.49 -4.66
N GLN A 17 6.27 14.38 -4.53
CA GLN A 17 7.67 13.99 -4.40
C GLN A 17 7.91 13.29 -3.07
N HIS A 18 7.28 13.77 -2.01
CA HIS A 18 7.44 13.14 -0.70
C HIS A 18 6.97 11.68 -0.76
N VAL A 19 5.72 11.48 -1.14
CA VAL A 19 5.19 10.13 -1.26
C VAL A 19 5.97 9.35 -2.31
N ALA A 20 6.18 9.96 -3.46
CA ALA A 20 6.93 9.32 -4.55
C ALA A 20 8.34 8.92 -4.12
N ASP A 21 9.03 9.80 -3.39
CA ASP A 21 10.39 9.49 -2.94
C ASP A 21 10.39 8.23 -2.09
N ARG A 22 9.33 8.06 -1.31
CA ARG A 22 9.19 6.89 -0.44
C ARG A 22 8.81 5.67 -1.26
N LEU A 23 8.15 5.89 -2.40
CA LEU A 23 7.74 4.80 -3.27
C LEU A 23 8.94 4.14 -3.90
N ALA A 24 9.74 4.93 -4.60
CA ALA A 24 10.95 4.44 -5.27
C ALA A 24 11.94 3.85 -4.28
N LYS A 25 11.87 4.30 -3.02
CA LYS A 25 12.77 3.80 -1.99
C LYS A 25 12.29 2.44 -1.48
N LEU A 26 10.98 2.32 -1.31
CA LEU A 26 10.37 1.08 -0.84
C LEU A 26 10.22 0.08 -1.98
N GLU A 27 11.34 -0.22 -2.66
CA GLU A 27 11.33 -1.14 -3.78
C GLU A 27 10.66 -2.46 -3.41
N LYS A 28 11.24 -3.18 -2.45
CA LYS A 28 10.70 -4.46 -2.01
C LYS A 28 9.22 -4.33 -1.64
N TRP A 29 8.88 -3.17 -1.11
CA TRP A 29 7.51 -2.90 -0.69
C TRP A 29 6.70 -2.28 -1.84
N GLN A 30 6.78 -2.90 -3.00
CA GLN A 30 6.05 -2.42 -4.18
C GLN A 30 6.51 -3.20 -5.42
N THR A 31 5.73 -4.21 -5.80
CA THR A 31 6.07 -5.02 -6.96
C THR A 31 4.83 -5.76 -7.49
N HIS A 32 4.10 -6.39 -6.58
CA HIS A 32 2.89 -7.12 -6.96
C HIS A 32 1.70 -6.18 -7.08
N LEU A 33 1.82 -4.99 -6.50
CA LEU A 33 0.75 -4.00 -6.55
C LEU A 33 0.39 -3.66 -7.99
N ILE A 34 -0.85 -3.22 -8.20
CA ILE A 34 -1.31 -2.88 -9.54
C ILE A 34 -2.20 -1.63 -9.52
N ASN A 35 -1.64 -0.51 -9.94
CA ASN A 35 -2.39 0.75 -9.98
C ASN A 35 -2.92 1.11 -8.59
N PRO A 36 -2.05 1.62 -7.70
CA PRO A 36 -2.44 2.02 -6.34
C PRO A 36 -3.13 3.38 -6.33
N HIS A 37 -3.99 3.59 -5.33
CA HIS A 37 -4.71 4.84 -5.21
C HIS A 37 -4.73 5.32 -3.76
N ILE A 38 -4.32 6.56 -3.55
CA ILE A 38 -4.29 7.14 -2.22
C ILE A 38 -5.18 8.38 -2.13
N ILE A 39 -5.97 8.47 -1.07
CA ILE A 39 -6.88 9.59 -0.87
C ILE A 39 -6.49 10.38 0.38
N LEU A 40 -6.64 11.70 0.30
CA LEU A 40 -6.31 12.57 1.42
C LEU A 40 -7.55 13.30 1.93
N SER A 41 -7.78 13.19 3.24
CA SER A 41 -8.91 13.84 3.88
C SER A 41 -8.45 14.76 5.00
N LYS A 42 -9.39 15.32 5.73
CA LYS A 42 -9.07 16.23 6.83
C LYS A 42 -10.23 16.37 7.80
N GLU A 43 -9.88 16.38 9.08
CA GLU A 43 -10.87 16.52 10.14
C GLU A 43 -10.41 17.61 11.10
N PRO A 44 -11.33 18.24 11.85
CA PRO A 44 -10.98 19.29 12.80
C PRO A 44 -9.86 18.87 13.75
N GLN A 45 -9.73 17.57 13.94
CA GLN A 45 -8.72 17.01 14.83
C GLN A 45 -7.40 16.74 14.12
N GLY A 46 -7.36 16.90 12.79
CA GLY A 46 -6.13 16.66 12.05
C GLY A 46 -6.40 16.18 10.64
N PHE A 47 -5.39 15.59 10.01
CA PHE A 47 -5.54 15.10 8.64
C PHE A 47 -5.54 13.58 8.59
N VAL A 48 -6.17 13.06 7.55
CA VAL A 48 -6.27 11.63 7.35
C VAL A 48 -5.84 11.23 5.94
N ALA A 49 -5.10 10.13 5.84
CA ALA A 49 -4.64 9.64 4.54
C ALA A 49 -4.97 8.16 4.39
N ASP A 50 -5.70 7.82 3.34
CA ASP A 50 -6.06 6.43 3.10
C ASP A 50 -5.50 5.93 1.77
N ALA A 51 -5.20 4.64 1.70
CA ALA A 51 -4.67 4.06 0.48
C ALA A 51 -5.16 2.62 0.28
N THR A 52 -5.47 2.28 -0.96
CA THR A 52 -5.94 0.95 -1.28
C THR A 52 -5.23 0.42 -2.53
N ILE A 53 -4.71 -0.79 -2.45
CA ILE A 53 -4.00 -1.38 -3.58
C ILE A 53 -4.46 -2.80 -3.86
N ASN A 54 -4.63 -3.11 -5.14
CA ASN A 54 -5.05 -4.45 -5.56
C ASN A 54 -3.87 -5.24 -6.11
N THR A 55 -3.77 -6.50 -5.69
CA THR A 55 -2.69 -7.37 -6.13
C THR A 55 -3.24 -8.69 -6.63
N PRO A 56 -2.46 -9.45 -7.43
CA PRO A 56 -2.89 -10.73 -7.97
C PRO A 56 -3.05 -11.80 -6.89
N ASN A 57 -2.58 -11.51 -5.68
CA ASN A 57 -2.66 -12.45 -4.57
C ASN A 57 -3.55 -11.93 -3.45
N GLY A 58 -4.05 -10.70 -3.58
CA GLY A 58 -4.90 -10.12 -2.57
C GLY A 58 -4.95 -8.61 -2.62
N VAL A 59 -5.50 -8.00 -1.57
CA VAL A 59 -5.60 -6.55 -1.49
C VAL A 59 -5.11 -6.03 -0.16
N LEU A 60 -4.41 -4.89 -0.19
CA LEU A 60 -3.87 -4.29 1.02
C LEU A 60 -4.49 -2.93 1.28
N VAL A 61 -4.56 -2.55 2.56
CA VAL A 61 -5.15 -1.26 2.93
C VAL A 61 -4.34 -0.60 4.06
N ALA A 62 -4.33 0.72 4.07
CA ALA A 62 -3.59 1.47 5.07
C ALA A 62 -4.19 2.87 5.27
N SER A 63 -4.06 3.39 6.49
CA SER A 63 -4.59 4.70 6.83
C SER A 63 -3.70 5.43 7.84
N GLY A 64 -3.81 6.77 7.84
CA GLY A 64 -3.03 7.58 8.75
C GLY A 64 -3.77 8.87 9.11
N LYS A 65 -4.33 8.91 10.32
CA LYS A 65 -5.08 10.08 10.77
C LYS A 65 -4.31 10.91 11.81
N HIS A 66 -3.05 11.15 11.54
CA HIS A 66 -2.23 11.95 12.45
C HIS A 66 -2.57 13.43 12.31
N GLU A 67 -2.29 14.22 13.33
CA GLU A 67 -2.58 15.65 13.29
C GLU A 67 -1.82 16.33 12.16
N ASP A 68 -0.68 15.75 11.79
CA ASP A 68 0.15 16.32 10.72
C ASP A 68 -0.10 15.62 9.40
N MET A 69 -0.58 16.37 8.41
CA MET A 69 -0.86 15.83 7.08
C MET A 69 0.29 14.98 6.56
N TYR A 70 1.52 15.49 6.72
CA TYR A 70 2.71 14.77 6.27
C TYR A 70 2.93 13.50 7.06
N THR A 71 2.69 13.58 8.37
CA THR A 71 2.85 12.42 9.25
C THR A 71 1.85 11.33 8.90
N ALA A 72 0.63 11.74 8.56
CA ALA A 72 -0.42 10.78 8.20
C ALA A 72 -0.02 10.00 6.96
N ILE A 73 0.39 10.71 5.91
CA ILE A 73 0.80 10.05 4.68
C ILE A 73 2.01 9.15 4.93
N ASN A 74 2.95 9.66 5.73
CA ASN A 74 4.14 8.89 6.06
C ASN A 74 3.76 7.64 6.85
N GLU A 75 2.83 7.80 7.78
CA GLU A 75 2.35 6.68 8.59
C GLU A 75 1.60 5.67 7.74
N LEU A 76 0.77 6.16 6.83
CA LEU A 76 0.00 5.29 5.95
C LEU A 76 0.93 4.31 5.22
N ILE A 77 1.80 4.84 4.38
CA ILE A 77 2.75 4.01 3.64
C ILE A 77 3.57 3.17 4.61
N ASN A 78 3.74 3.66 5.84
CA ASN A 78 4.47 2.93 6.85
C ASN A 78 3.80 1.58 7.07
N LYS A 79 2.46 1.60 7.06
CA LYS A 79 1.66 0.40 7.23
C LYS A 79 1.71 -0.45 5.97
N LEU A 80 1.88 0.17 4.81
CA LEU A 80 2.00 -0.59 3.58
C LEU A 80 3.24 -1.46 3.70
N GLU A 81 4.31 -0.85 4.18
CA GLU A 81 5.56 -1.53 4.41
C GLU A 81 5.37 -2.69 5.38
N ARG A 82 4.76 -2.41 6.52
CA ARG A 82 4.49 -3.42 7.53
C ARG A 82 3.52 -4.48 7.03
N GLN A 83 2.79 -4.17 5.95
CA GLN A 83 1.82 -5.10 5.39
C GLN A 83 2.52 -6.22 4.63
N LEU A 84 3.36 -5.87 3.66
CA LEU A 84 4.08 -6.87 2.88
C LEU A 84 5.04 -7.64 3.77
N ASN A 85 5.49 -6.99 4.85
CA ASN A 85 6.43 -7.59 5.78
C ASN A 85 5.81 -8.82 6.44
N LYS A 86 4.51 -8.73 6.69
CA LYS A 86 3.79 -9.83 7.31
C LYS A 86 3.59 -10.98 6.35
N LEU A 87 3.44 -10.66 5.06
CA LEU A 87 3.24 -11.68 4.04
C LEU A 87 4.51 -12.50 3.81
N GLN A 88 5.63 -12.03 4.36
CA GLN A 88 6.91 -12.72 4.19
C GLN A 88 7.01 -13.94 5.10
N HIS A 89 6.06 -14.10 6.02
CA HIS A 89 6.08 -15.23 6.94
C HIS A 89 5.41 -16.45 6.33
N LYS A 90 5.46 -17.56 7.06
CA LYS A 90 4.85 -18.82 6.61
C LYS A 90 5.73 -19.49 5.56
N GLY A 91 5.81 -18.87 4.39
CA GLY A 91 6.60 -19.43 3.30
C GLY A 91 5.76 -20.20 2.31
N GLU A 92 5.23 -19.49 1.32
CA GLU A 92 4.40 -20.11 0.29
C GLU A 92 3.13 -20.69 0.91
N ALA A 93 1.98 -20.18 0.49
CA ALA A 93 0.70 -20.66 1.00
C ALA A 93 0.40 -22.07 0.53
N ARG A 94 0.11 -22.21 -0.77
CA ARG A 94 -0.19 -23.50 -1.36
C ARG A 94 0.30 -23.58 -2.80
N ARG A 95 1.16 -24.55 -3.07
CA ARG A 95 1.72 -24.73 -4.40
C ARG A 95 1.18 -26.01 -5.05
N ALA A 96 0.90 -27.01 -4.23
CA ALA A 96 0.38 -28.28 -4.72
C ALA A 96 -0.82 -28.73 -3.90
N ALA A 97 -1.76 -29.41 -4.57
CA ALA A 97 -2.96 -29.90 -3.91
C ALA A 97 -3.78 -30.79 -4.85
N THR A 98 -3.77 -32.08 -4.59
CA THR A 98 -4.51 -33.04 -5.41
C THR A 98 -4.03 -33.00 -6.85
N SER A 99 -4.69 -33.78 -7.71
CA SER A 99 -4.33 -33.83 -9.12
C SER A 99 -5.51 -34.30 -9.96
N VAL A 100 -6.17 -35.37 -9.50
CA VAL A 100 -7.31 -35.92 -10.22
C VAL A 100 -8.62 -35.53 -9.53
N LYS A 101 -8.56 -35.29 -8.23
CA LYS A 101 -9.74 -34.92 -7.46
C LYS A 101 -10.77 -36.03 -7.48
N ASP A 102 -11.86 -35.85 -6.74
CA ASP A 102 -12.93 -36.83 -6.68
C ASP A 102 -14.30 -36.17 -6.83
N ALA A 103 -14.34 -35.09 -7.61
CA ALA A 103 -15.58 -34.37 -7.84
C ALA A 103 -16.59 -35.23 -8.59
N ASN A 104 -16.08 -36.12 -9.45
CA ASN A 104 -16.94 -37.00 -10.23
C ASN A 104 -16.20 -38.29 -10.59
N PHE A 105 -14.97 -38.14 -11.07
CA PHE A 105 -14.16 -39.29 -11.45
C PHE A 105 -12.76 -38.85 -11.88
N VAL A 106 -12.71 -37.94 -12.85
CA VAL A 106 -11.43 -37.43 -13.36
C VAL A 106 -11.61 -36.07 -14.01
N GLU A 107 -11.47 -35.02 -13.21
CA GLU A 107 -11.60 -33.65 -13.72
C GLU A 107 -13.01 -33.42 -14.30
N GLU A 108 -14.02 -33.77 -13.51
CA GLU A 108 -15.40 -33.61 -13.94
C GLU A 108 -15.69 -34.42 -15.20
N VAL A 109 -16.53 -35.44 -15.05
CA VAL A 109 -16.89 -36.30 -16.18
C VAL A 109 -18.36 -36.19 -16.50
N GLU A 110 -18.68 -36.09 -17.79
CA GLU A 110 -20.06 -35.97 -18.24
C GLU A 110 -20.35 -36.97 -19.36
N GLU A 111 -21.34 -37.82 -19.14
CA GLU A 111 -21.72 -38.82 -20.14
C GLU A 111 -23.10 -38.51 -20.72
N GLU A 112 -23.98 -37.97 -19.89
CA GLU A 112 -25.33 -37.63 -20.32
C GLU A 112 -25.56 -36.13 -20.24
N THR A 1 4.71 4.67 -10.02
CA THR A 1 3.68 5.71 -10.30
C THR A 1 2.36 5.39 -9.61
N MET A 2 1.91 6.29 -8.75
CA MET A 2 0.66 6.09 -8.02
C MET A 2 -0.26 7.30 -8.20
N ASN A 3 -1.47 7.19 -7.65
CA ASN A 3 -2.45 8.27 -7.76
C ASN A 3 -2.74 8.90 -6.40
N ILE A 4 -2.92 10.22 -6.39
CA ILE A 4 -3.22 10.95 -5.16
C ILE A 4 -4.41 11.88 -5.37
N THR A 5 -5.44 11.73 -4.54
CA THR A 5 -6.62 12.55 -4.64
C THR A 5 -7.08 13.05 -3.27
N SER A 6 -7.82 14.15 -3.26
CA SER A 6 -8.32 14.74 -2.02
C SER A 6 -9.46 15.70 -2.31
N LYS A 7 -10.45 15.73 -1.43
CA LYS A 7 -11.60 16.61 -1.59
C LYS A 7 -11.47 17.85 -0.71
N GLN A 8 -10.28 18.08 -0.16
CA GLN A 8 -10.04 19.23 0.69
C GLN A 8 -8.64 19.79 0.45
N MET A 9 -8.11 19.56 -0.75
CA MET A 9 -6.78 20.04 -1.11
C MET A 9 -6.42 19.61 -2.53
N GLU A 10 -5.29 20.13 -3.01
CA GLU A 10 -4.83 19.81 -4.36
C GLU A 10 -3.51 19.04 -4.30
N ILE A 11 -3.09 18.47 -5.43
CA ILE A 11 -1.86 17.70 -5.48
C ILE A 11 -0.66 18.58 -5.81
N THR A 12 0.17 18.82 -4.81
CA THR A 12 1.37 19.63 -4.98
C THR A 12 2.59 18.76 -5.23
N PRO A 13 3.59 19.28 -5.97
CA PRO A 13 4.82 18.55 -6.25
C PRO A 13 5.52 18.09 -4.97
N ALA A 14 5.29 18.82 -3.89
CA ALA A 14 5.89 18.47 -2.61
C ALA A 14 5.24 17.21 -2.04
N ILE A 15 3.91 17.16 -2.11
CA ILE A 15 3.18 16.01 -1.61
C ILE A 15 3.38 14.84 -2.55
N ARG A 16 3.63 15.15 -3.83
CA ARG A 16 3.87 14.14 -4.83
C ARG A 16 5.28 13.59 -4.67
N GLN A 17 6.24 14.49 -4.48
CA GLN A 17 7.63 14.10 -4.29
C GLN A 17 7.82 13.37 -2.97
N HIS A 18 7.14 13.82 -1.92
CA HIS A 18 7.25 13.16 -0.63
C HIS A 18 6.76 11.73 -0.73
N VAL A 19 5.51 11.55 -1.16
CA VAL A 19 4.97 10.21 -1.32
C VAL A 19 5.78 9.43 -2.33
N ALA A 20 6.07 10.06 -3.46
CA ALA A 20 6.86 9.42 -4.51
C ALA A 20 8.25 9.00 -4.02
N ASP A 21 8.88 9.85 -3.21
CA ASP A 21 10.21 9.52 -2.69
C ASP A 21 10.15 8.23 -1.90
N ARG A 22 9.04 8.02 -1.21
CA ARG A 22 8.84 6.81 -0.42
C ARG A 22 8.53 5.62 -1.32
N LEU A 23 7.99 5.89 -2.49
CA LEU A 23 7.68 4.82 -3.43
C LEU A 23 8.96 4.16 -3.94
N ALA A 24 9.84 4.99 -4.49
CA ALA A 24 11.11 4.51 -5.01
C ALA A 24 11.95 3.86 -3.91
N LYS A 25 11.66 4.21 -2.66
CA LYS A 25 12.38 3.66 -1.53
C LYS A 25 11.87 2.26 -1.20
N LEU A 26 10.58 2.04 -1.48
CA LEU A 26 9.95 0.75 -1.23
C LEU A 26 10.27 -0.23 -2.36
N GLU A 27 11.57 -0.47 -2.57
CA GLU A 27 12.03 -1.37 -3.62
C GLU A 27 11.38 -2.76 -3.49
N LYS A 28 11.89 -3.59 -2.58
CA LYS A 28 11.37 -4.93 -2.37
C LYS A 28 9.84 -4.90 -2.22
N TRP A 29 9.34 -3.78 -1.73
CA TRP A 29 7.91 -3.59 -1.52
C TRP A 29 7.25 -3.03 -2.76
N GLN A 30 7.46 -3.70 -3.89
CA GLN A 30 6.88 -3.27 -5.16
C GLN A 30 6.52 -4.48 -6.02
N THR A 31 5.82 -5.43 -5.43
CA THR A 31 5.42 -6.64 -6.13
C THR A 31 4.23 -6.36 -7.05
N HIS A 32 3.59 -7.43 -7.53
CA HIS A 32 2.45 -7.32 -8.42
C HIS A 32 1.40 -6.35 -7.89
N LEU A 33 1.31 -5.18 -8.53
CA LEU A 33 0.35 -4.16 -8.14
C LEU A 33 -0.33 -3.61 -9.39
N ILE A 34 -1.62 -3.25 -9.27
CA ILE A 34 -2.34 -2.72 -10.42
C ILE A 34 -3.20 -1.52 -10.06
N ASN A 35 -2.79 -0.37 -10.58
CA ASN A 35 -3.50 0.89 -10.36
C ASN A 35 -3.75 1.19 -8.89
N PRO A 36 -2.72 1.64 -8.16
CA PRO A 36 -2.84 1.98 -6.74
C PRO A 36 -3.45 3.37 -6.59
N HIS A 37 -4.25 3.57 -5.54
CA HIS A 37 -4.89 4.85 -5.30
C HIS A 37 -4.78 5.30 -3.85
N ILE A 38 -4.32 6.53 -3.66
CA ILE A 38 -4.18 7.11 -2.34
C ILE A 38 -5.03 8.36 -2.20
N ILE A 39 -5.77 8.46 -1.10
CA ILE A 39 -6.65 9.60 -0.86
C ILE A 39 -6.20 10.41 0.34
N LEU A 40 -6.55 11.69 0.36
CA LEU A 40 -6.20 12.58 1.45
C LEU A 40 -7.44 13.30 1.99
N SER A 41 -7.66 13.19 3.29
CA SER A 41 -8.81 13.82 3.93
C SER A 41 -8.36 14.75 5.05
N LYS A 42 -9.31 15.33 5.75
CA LYS A 42 -9.00 16.25 6.84
C LYS A 42 -10.17 16.37 7.82
N GLU A 43 -9.85 16.37 9.09
CA GLU A 43 -10.84 16.50 10.15
C GLU A 43 -10.40 17.58 11.13
N PRO A 44 -11.33 18.20 11.86
CA PRO A 44 -11.00 19.25 12.83
C PRO A 44 -9.90 18.82 13.79
N GLN A 45 -9.77 17.53 13.97
CA GLN A 45 -8.78 16.96 14.87
C GLN A 45 -7.44 16.69 14.18
N GLY A 46 -7.39 16.86 12.86
CA GLY A 46 -6.15 16.62 12.14
C GLY A 46 -6.39 16.16 10.71
N PHE A 47 -5.38 15.57 10.09
CA PHE A 47 -5.50 15.09 8.72
C PHE A 47 -5.50 13.57 8.65
N VAL A 48 -6.11 13.06 7.59
CA VAL A 48 -6.20 11.63 7.37
C VAL A 48 -5.74 11.24 5.97
N ALA A 49 -4.99 10.14 5.88
CA ALA A 49 -4.49 9.66 4.61
C ALA A 49 -4.81 8.18 4.43
N ASP A 50 -5.51 7.83 3.36
CA ASP A 50 -5.87 6.45 3.11
C ASP A 50 -5.29 5.96 1.78
N ALA A 51 -4.99 4.68 1.71
CA ALA A 51 -4.44 4.10 0.49
C ALA A 51 -4.94 2.67 0.29
N THR A 52 -5.25 2.33 -0.96
CA THR A 52 -5.74 1.00 -1.28
C THR A 52 -5.05 0.48 -2.54
N ILE A 53 -4.53 -0.75 -2.47
CA ILE A 53 -3.84 -1.34 -3.61
C ILE A 53 -4.32 -2.77 -3.87
N ASN A 54 -4.57 -3.07 -5.14
CA ASN A 54 -5.01 -4.40 -5.54
C ASN A 54 -3.86 -5.18 -6.16
N THR A 55 -3.72 -6.43 -5.75
CA THR A 55 -2.66 -7.29 -6.27
C THR A 55 -3.22 -8.66 -6.66
N PRO A 56 -2.53 -9.39 -7.55
CA PRO A 56 -2.97 -10.71 -8.00
C PRO A 56 -2.88 -11.76 -6.89
N ASN A 57 -2.29 -11.39 -5.75
CA ASN A 57 -2.15 -12.31 -4.64
C ASN A 57 -2.77 -11.74 -3.36
N GLY A 58 -3.71 -10.81 -3.51
CA GLY A 58 -4.35 -10.22 -2.34
C GLY A 58 -4.55 -8.72 -2.48
N VAL A 59 -4.86 -8.07 -1.36
CA VAL A 59 -5.08 -6.63 -1.34
C VAL A 59 -4.51 -6.00 -0.07
N LEU A 60 -3.98 -4.79 -0.20
CA LEU A 60 -3.40 -4.08 0.95
C LEU A 60 -4.14 -2.77 1.22
N VAL A 61 -4.28 -2.45 2.50
CA VAL A 61 -4.96 -1.23 2.91
C VAL A 61 -4.26 -0.58 4.11
N ALA A 62 -4.20 0.75 4.12
CA ALA A 62 -3.54 1.47 5.20
C ALA A 62 -4.13 2.87 5.37
N SER A 63 -4.00 3.40 6.59
CA SER A 63 -4.52 4.72 6.91
C SER A 63 -3.64 5.45 7.91
N GLY A 64 -3.78 6.78 7.94
CA GLY A 64 -3.00 7.60 8.86
C GLY A 64 -3.74 8.88 9.20
N LYS A 65 -4.33 8.93 10.40
CA LYS A 65 -5.08 10.09 10.84
C LYS A 65 -4.33 10.92 11.88
N HIS A 66 -3.05 11.14 11.64
CA HIS A 66 -2.23 11.95 12.55
C HIS A 66 -2.56 13.43 12.39
N GLU A 67 -2.31 14.21 13.42
CA GLU A 67 -2.58 15.64 13.39
C GLU A 67 -1.80 16.33 12.27
N ASP A 68 -0.66 15.76 11.90
CA ASP A 68 0.19 16.34 10.86
C ASP A 68 -0.06 15.65 9.52
N MET A 69 -0.56 16.42 8.55
CA MET A 69 -0.84 15.90 7.21
C MET A 69 0.32 15.07 6.68
N TYR A 70 1.54 15.57 6.86
CA TYR A 70 2.73 14.88 6.39
C TYR A 70 2.95 13.58 7.16
N THR A 71 2.74 13.63 8.47
CA THR A 71 2.92 12.46 9.31
C THR A 71 1.87 11.40 8.97
N ALA A 72 0.65 11.83 8.68
CA ALA A 72 -0.43 10.91 8.34
C ALA A 72 -0.08 10.12 7.08
N ILE A 73 0.27 10.81 6.01
CA ILE A 73 0.62 10.14 4.77
C ILE A 73 1.83 9.24 4.98
N ASN A 74 2.81 9.74 5.72
CA ASN A 74 4.02 8.97 6.01
C ASN A 74 3.66 7.73 6.82
N GLU A 75 2.74 7.89 7.76
CA GLU A 75 2.28 6.79 8.61
C GLU A 75 1.54 5.74 7.76
N LEU A 76 0.70 6.21 6.85
CA LEU A 76 -0.04 5.32 5.98
C LEU A 76 0.92 4.35 5.30
N ILE A 77 1.83 4.88 4.50
CA ILE A 77 2.83 4.05 3.82
C ILE A 77 3.60 3.23 4.85
N ASN A 78 3.73 3.77 6.07
CA ASN A 78 4.40 3.07 7.13
C ASN A 78 3.70 1.74 7.42
N LYS A 79 2.39 1.71 7.19
CA LYS A 79 1.59 0.51 7.39
C LYS A 79 1.62 -0.35 6.14
N LEU A 80 1.79 0.26 4.97
CA LEU A 80 1.87 -0.52 3.74
C LEU A 80 3.11 -1.41 3.82
N GLU A 81 4.22 -0.79 4.19
CA GLU A 81 5.48 -1.49 4.38
C GLU A 81 5.35 -2.55 5.45
N ARG A 82 4.81 -2.16 6.59
CA ARG A 82 4.62 -3.06 7.72
C ARG A 82 3.66 -4.19 7.39
N GLN A 83 2.76 -3.94 6.43
CA GLN A 83 1.78 -4.94 6.02
C GLN A 83 2.44 -6.03 5.19
N LEU A 84 3.26 -5.62 4.23
CA LEU A 84 3.96 -6.56 3.37
C LEU A 84 4.94 -7.41 4.17
N ASN A 85 5.44 -6.85 5.26
CA ASN A 85 6.38 -7.55 6.12
C ASN A 85 5.72 -8.80 6.72
N LYS A 86 4.41 -8.73 6.88
CA LYS A 86 3.64 -9.84 7.43
C LYS A 86 3.55 -10.97 6.42
N LEU A 87 3.56 -10.60 5.15
CA LEU A 87 3.47 -11.55 4.06
C LEU A 87 4.71 -12.44 4.00
N GLN A 88 5.78 -12.02 4.68
CA GLN A 88 7.02 -12.78 4.70
C GLN A 88 6.91 -14.00 5.62
N HIS A 89 5.80 -14.10 6.35
CA HIS A 89 5.58 -15.21 7.26
C HIS A 89 4.96 -16.40 6.53
N LYS A 90 4.05 -16.09 5.60
CA LYS A 90 3.37 -17.12 4.84
C LYS A 90 4.34 -17.81 3.88
N GLY A 91 4.01 -19.05 3.52
CA GLY A 91 4.86 -19.81 2.61
C GLY A 91 4.83 -19.24 1.20
N GLU A 92 3.76 -18.54 0.86
CA GLU A 92 3.64 -17.95 -0.47
C GLU A 92 4.81 -17.04 -0.78
N ALA A 93 5.73 -17.52 -1.61
CA ALA A 93 6.90 -16.74 -2.00
C ALA A 93 7.48 -17.25 -3.31
N ARG A 94 8.01 -16.32 -4.11
CA ARG A 94 8.60 -16.66 -5.40
C ARG A 94 7.56 -17.32 -6.32
N ARG A 95 6.92 -16.51 -7.14
CA ARG A 95 5.91 -17.00 -8.07
C ARG A 95 5.79 -16.08 -9.28
N ALA A 96 6.48 -16.44 -10.36
CA ALA A 96 6.45 -15.65 -11.59
C ALA A 96 6.71 -16.52 -12.81
N ALA A 97 6.38 -16.01 -13.98
CA ALA A 97 6.58 -16.74 -15.23
C ALA A 97 6.78 -15.78 -16.40
N THR A 98 7.93 -15.90 -17.07
CA THR A 98 8.24 -15.05 -18.21
C THR A 98 7.39 -15.42 -19.42
N SER A 99 6.92 -14.42 -20.15
CA SER A 99 6.10 -14.65 -21.33
C SER A 99 6.51 -13.72 -22.47
N VAL A 100 6.34 -14.19 -23.70
CA VAL A 100 6.70 -13.40 -24.86
C VAL A 100 5.64 -13.52 -25.96
N LYS A 101 5.27 -14.75 -26.27
CA LYS A 101 4.26 -15.01 -27.29
C LYS A 101 2.90 -14.45 -26.87
N ASP A 102 1.99 -14.34 -27.83
CA ASP A 102 0.65 -13.82 -27.56
C ASP A 102 -0.23 -14.89 -26.93
N ALA A 103 -1.36 -14.47 -26.38
CA ALA A 103 -2.29 -15.40 -25.74
C ALA A 103 -3.73 -15.11 -26.17
N ASN A 104 -3.89 -14.66 -27.42
CA ASN A 104 -5.21 -14.34 -27.95
C ASN A 104 -5.82 -13.14 -27.24
N PHE A 105 -6.20 -13.33 -25.98
CA PHE A 105 -6.79 -12.25 -25.19
C PHE A 105 -5.99 -12.01 -23.92
N VAL A 106 -6.47 -11.08 -23.09
CA VAL A 106 -5.79 -10.75 -21.85
C VAL A 106 -6.78 -10.69 -20.69
N GLU A 107 -6.34 -11.13 -19.52
CA GLU A 107 -7.19 -11.12 -18.33
C GLU A 107 -8.42 -12.00 -18.54
N GLU A 108 -8.47 -13.12 -17.84
CA GLU A 108 -9.59 -14.05 -17.96
C GLU A 108 -10.86 -13.44 -17.36
N VAL A 109 -12.00 -14.04 -17.66
CA VAL A 109 -13.28 -13.56 -17.16
C VAL A 109 -14.26 -14.71 -16.93
N GLU A 110 -14.45 -15.07 -15.67
CA GLU A 110 -15.36 -16.16 -15.31
C GLU A 110 -15.76 -16.07 -13.83
N GLU A 111 -17.04 -15.82 -13.60
CA GLU A 111 -17.56 -15.72 -12.23
C GLU A 111 -18.69 -16.71 -12.01
N GLU A 112 -19.21 -16.73 -10.78
CA GLU A 112 -20.31 -17.62 -10.43
C GLU A 112 -19.88 -19.08 -10.60
N THR A 1 -1.11 4.69 -12.97
CA THR A 1 0.32 4.97 -12.64
C THR A 1 0.43 5.99 -11.51
N MET A 2 0.33 5.51 -10.28
CA MET A 2 0.42 6.37 -9.11
C MET A 2 -0.67 7.44 -9.14
N ASN A 3 -1.64 7.31 -8.24
CA ASN A 3 -2.75 8.26 -8.16
C ASN A 3 -2.88 8.85 -6.76
N ILE A 4 -3.06 10.16 -6.70
CA ILE A 4 -3.20 10.85 -5.42
C ILE A 4 -4.35 11.85 -5.50
N THR A 5 -5.30 11.75 -4.57
CA THR A 5 -6.45 12.65 -4.54
C THR A 5 -6.73 13.18 -3.15
N SER A 6 -7.54 14.23 -3.06
CA SER A 6 -7.90 14.84 -1.78
C SER A 6 -9.16 15.69 -1.95
N LYS A 7 -10.12 15.49 -1.06
CA LYS A 7 -11.37 16.23 -1.11
C LYS A 7 -11.37 17.40 -0.13
N GLN A 8 -10.19 17.73 0.39
CA GLN A 8 -10.05 18.83 1.32
C GLN A 8 -8.75 19.59 1.06
N MET A 9 -8.23 19.45 -0.16
CA MET A 9 -7.00 20.12 -0.54
C MET A 9 -6.59 19.73 -1.96
N GLU A 10 -5.72 20.52 -2.56
CA GLU A 10 -5.24 20.23 -3.92
C GLU A 10 -3.92 19.49 -3.87
N ILE A 11 -3.56 18.83 -4.96
CA ILE A 11 -2.32 18.08 -5.03
C ILE A 11 -1.17 18.94 -5.54
N THR A 12 -0.15 19.10 -4.70
CA THR A 12 1.01 19.89 -5.07
C THR A 12 2.16 19.00 -5.50
N PRO A 13 3.11 19.52 -6.29
CA PRO A 13 4.27 18.75 -6.76
C PRO A 13 5.13 18.25 -5.60
N ALA A 14 4.93 18.81 -4.42
CA ALA A 14 5.69 18.41 -3.25
C ALA A 14 5.00 17.25 -2.54
N ILE A 15 3.69 17.29 -2.48
CA ILE A 15 2.91 16.23 -1.85
C ILE A 15 2.91 15.00 -2.75
N ARG A 16 2.96 15.24 -4.05
CA ARG A 16 2.99 14.18 -5.03
C ARG A 16 4.36 13.50 -4.99
N GLN A 17 5.42 14.33 -4.99
CA GLN A 17 6.78 13.81 -4.93
C GLN A 17 7.03 13.15 -3.57
N HIS A 18 6.42 13.69 -2.53
CA HIS A 18 6.58 13.12 -1.19
C HIS A 18 6.11 11.66 -1.20
N VAL A 19 4.81 11.45 -1.41
CA VAL A 19 4.26 10.11 -1.46
C VAL A 19 4.89 9.30 -2.60
N ALA A 20 5.01 9.92 -3.76
CA ALA A 20 5.60 9.25 -4.91
C ALA A 20 6.99 8.71 -4.60
N ASP A 21 7.85 9.56 -4.04
CA ASP A 21 9.21 9.15 -3.69
C ASP A 21 9.18 7.98 -2.72
N ARG A 22 8.13 7.91 -1.92
CA ARG A 22 7.98 6.82 -0.96
C ARG A 22 7.60 5.52 -1.66
N LEU A 23 6.91 5.65 -2.79
CA LEU A 23 6.51 4.49 -3.57
C LEU A 23 7.72 3.83 -4.21
N ALA A 24 8.57 4.64 -4.83
CA ALA A 24 9.78 4.14 -5.48
C ALA A 24 10.69 3.44 -4.47
N LYS A 25 10.59 3.85 -3.21
CA LYS A 25 11.40 3.26 -2.14
C LYS A 25 10.79 1.93 -1.69
N LEU A 26 9.47 1.82 -1.76
CA LEU A 26 8.78 0.60 -1.37
C LEU A 26 8.83 -0.43 -2.48
N GLU A 27 10.04 -0.81 -2.89
CA GLU A 27 10.22 -1.80 -3.95
C GLU A 27 11.03 -3.00 -3.48
N LYS A 28 11.41 -3.00 -2.21
CA LYS A 28 12.18 -4.10 -1.64
C LYS A 28 11.35 -5.38 -1.53
N TRP A 29 10.04 -5.23 -1.69
CA TRP A 29 9.13 -6.38 -1.60
C TRP A 29 9.02 -7.10 -2.94
N GLN A 30 8.61 -8.37 -2.89
CA GLN A 30 8.47 -9.17 -4.09
C GLN A 30 7.00 -9.28 -4.50
N THR A 31 6.43 -8.15 -4.90
CA THR A 31 5.05 -8.09 -5.33
C THR A 31 4.81 -6.83 -6.15
N HIS A 32 4.65 -7.04 -7.45
CA HIS A 32 4.44 -5.94 -8.39
C HIS A 32 3.15 -5.19 -8.09
N LEU A 33 3.26 -4.13 -7.30
CA LEU A 33 2.12 -3.30 -6.95
C LEU A 33 1.32 -2.94 -8.20
N ILE A 34 0.03 -2.68 -8.05
CA ILE A 34 -0.81 -2.35 -9.19
C ILE A 34 -1.95 -1.42 -8.81
N ASN A 35 -2.04 -0.32 -9.55
CA ASN A 35 -3.07 0.69 -9.38
C ASN A 35 -2.94 1.40 -8.01
N PRO A 36 -1.75 1.88 -7.67
CA PRO A 36 -1.53 2.56 -6.39
C PRO A 36 -2.37 3.82 -6.27
N HIS A 37 -3.11 3.95 -5.16
CA HIS A 37 -3.96 5.13 -4.97
C HIS A 37 -3.80 5.70 -3.56
N ILE A 38 -3.63 7.01 -3.47
CA ILE A 38 -3.49 7.68 -2.18
C ILE A 38 -4.51 8.80 -2.04
N ILE A 39 -5.20 8.82 -0.90
CA ILE A 39 -6.21 9.84 -0.63
C ILE A 39 -5.87 10.63 0.63
N LEU A 40 -6.06 11.93 0.58
CA LEU A 40 -5.77 12.78 1.72
C LEU A 40 -7.03 13.54 2.16
N SER A 41 -7.34 13.44 3.46
CA SER A 41 -8.51 14.11 4.02
C SER A 41 -8.12 14.98 5.21
N LYS A 42 -9.11 15.48 5.92
CA LYS A 42 -8.87 16.34 7.07
C LYS A 42 -10.16 16.62 7.83
N GLU A 43 -10.04 16.75 9.14
CA GLU A 43 -11.18 17.03 10.00
C GLU A 43 -10.83 18.17 10.93
N PRO A 44 -11.81 18.73 11.65
CA PRO A 44 -11.56 19.85 12.57
C PRO A 44 -10.42 19.57 13.52
N GLN A 45 -10.11 18.29 13.68
CA GLN A 45 -9.04 17.86 14.55
C GLN A 45 -7.71 17.89 13.81
N GLY A 46 -7.51 16.89 12.96
CA GLY A 46 -6.28 16.80 12.21
C GLY A 46 -6.49 16.26 10.80
N PHE A 47 -5.44 15.71 10.21
CA PHE A 47 -5.53 15.18 8.85
C PHE A 47 -5.49 13.66 8.82
N VAL A 48 -6.15 13.12 7.80
CA VAL A 48 -6.24 11.68 7.60
C VAL A 48 -5.74 11.31 6.21
N ALA A 49 -5.01 10.20 6.12
CA ALA A 49 -4.49 9.74 4.84
C ALA A 49 -4.78 8.26 4.64
N ASP A 50 -5.43 7.93 3.52
CA ASP A 50 -5.76 6.54 3.23
C ASP A 50 -5.14 6.11 1.91
N ALA A 51 -4.76 4.85 1.81
CA ALA A 51 -4.15 4.33 0.59
C ALA A 51 -4.56 2.88 0.34
N THR A 52 -4.78 2.55 -0.92
CA THR A 52 -5.16 1.20 -1.30
C THR A 52 -4.37 0.76 -2.53
N ILE A 53 -3.79 -0.42 -2.49
CA ILE A 53 -3.01 -0.93 -3.60
C ILE A 53 -3.39 -2.37 -3.93
N ASN A 54 -3.50 -2.65 -5.23
CA ASN A 54 -3.84 -3.99 -5.71
C ASN A 54 -2.61 -4.67 -6.27
N THR A 55 -2.34 -5.89 -5.81
CA THR A 55 -1.18 -6.64 -6.27
C THR A 55 -1.61 -8.00 -6.81
N PRO A 56 -0.72 -8.71 -7.53
CA PRO A 56 -1.03 -10.03 -8.09
C PRO A 56 -1.10 -11.12 -7.02
N ASN A 57 -0.79 -10.75 -5.78
CA ASN A 57 -0.82 -11.71 -4.67
C ASN A 57 -1.84 -11.30 -3.61
N GLY A 58 -2.46 -10.13 -3.80
CA GLY A 58 -3.45 -9.66 -2.84
C GLY A 58 -3.58 -8.15 -2.83
N VAL A 59 -4.34 -7.63 -1.88
CA VAL A 59 -4.56 -6.18 -1.77
C VAL A 59 -4.23 -5.70 -0.35
N LEU A 60 -3.64 -4.51 -0.27
CA LEU A 60 -3.28 -3.93 1.01
C LEU A 60 -4.00 -2.59 1.25
N VAL A 61 -4.22 -2.27 2.52
CA VAL A 61 -4.89 -1.02 2.89
C VAL A 61 -4.25 -0.42 4.14
N ALA A 62 -4.17 0.91 4.18
CA ALA A 62 -3.58 1.61 5.31
C ALA A 62 -4.19 2.99 5.51
N SER A 63 -4.08 3.50 6.74
CA SER A 63 -4.64 4.80 7.09
C SER A 63 -3.77 5.53 8.11
N GLY A 64 -3.86 6.86 8.11
CA GLY A 64 -3.09 7.68 9.04
C GLY A 64 -3.83 8.95 9.40
N LYS A 65 -4.46 8.96 10.58
CA LYS A 65 -5.22 10.12 11.04
C LYS A 65 -4.47 10.93 12.07
N HIS A 66 -3.19 11.19 11.82
CA HIS A 66 -2.39 11.99 12.73
C HIS A 66 -2.73 13.47 12.57
N GLU A 67 -2.49 14.26 13.62
CA GLU A 67 -2.78 15.68 13.58
C GLU A 67 -1.95 16.38 12.50
N ASP A 68 -0.79 15.81 12.18
CA ASP A 68 0.11 16.39 11.18
C ASP A 68 -0.09 15.74 9.81
N MET A 69 -0.43 16.56 8.83
CA MET A 69 -0.64 16.09 7.46
C MET A 69 0.47 15.16 6.98
N TYR A 70 1.71 15.61 7.13
CA TYR A 70 2.87 14.85 6.70
C TYR A 70 3.03 13.57 7.53
N THR A 71 2.74 13.65 8.81
CA THR A 71 2.85 12.49 9.69
C THR A 71 1.88 11.40 9.27
N ALA A 72 0.66 11.79 8.93
CA ALA A 72 -0.36 10.84 8.51
C ALA A 72 0.09 10.12 7.24
N ILE A 73 0.57 10.88 6.27
CA ILE A 73 1.04 10.31 5.01
C ILE A 73 2.17 9.33 5.25
N ASN A 74 3.16 9.75 6.03
CA ASN A 74 4.30 8.90 6.34
C ASN A 74 3.87 7.67 7.14
N GLU A 75 2.91 7.86 8.04
CA GLU A 75 2.40 6.77 8.86
C GLU A 75 1.68 5.75 7.99
N LEU A 76 0.84 6.23 7.09
CA LEU A 76 0.10 5.34 6.20
C LEU A 76 1.07 4.42 5.45
N ILE A 77 2.02 5.01 4.74
CA ILE A 77 3.00 4.22 4.00
C ILE A 77 3.74 3.28 4.95
N ASN A 78 3.95 3.73 6.18
CA ASN A 78 4.61 2.91 7.19
C ASN A 78 3.85 1.60 7.39
N LYS A 79 2.53 1.71 7.29
CA LYS A 79 1.64 0.57 7.44
C LYS A 79 1.66 -0.28 6.18
N LEU A 80 1.94 0.34 5.04
CA LEU A 80 2.03 -0.41 3.79
C LEU A 80 3.16 -1.40 3.93
N GLU A 81 4.31 -0.88 4.37
CA GLU A 81 5.50 -1.67 4.62
C GLU A 81 5.25 -2.68 5.72
N ARG A 82 4.64 -2.23 6.81
CA ARG A 82 4.35 -3.09 7.94
C ARG A 82 3.42 -4.23 7.54
N GLN A 83 2.50 -3.95 6.62
CA GLN A 83 1.56 -4.95 6.15
C GLN A 83 2.25 -5.93 5.21
N LEU A 84 3.17 -5.42 4.40
CA LEU A 84 3.91 -6.25 3.46
C LEU A 84 4.76 -7.28 4.20
N ASN A 85 5.17 -6.95 5.41
CA ASN A 85 5.99 -7.84 6.22
C ASN A 85 5.22 -9.11 6.56
N LYS A 86 3.90 -9.01 6.58
CA LYS A 86 3.05 -10.15 6.90
C LYS A 86 3.02 -11.14 5.74
N LEU A 87 3.15 -10.61 4.54
CA LEU A 87 3.13 -11.42 3.32
C LEU A 87 4.37 -12.31 3.21
N GLN A 88 5.34 -12.10 4.09
CA GLN A 88 6.58 -12.88 4.06
C GLN A 88 6.35 -14.28 4.60
N HIS A 89 5.58 -14.36 5.68
CA HIS A 89 5.27 -15.63 6.31
C HIS A 89 4.08 -16.30 5.65
N LYS A 90 3.63 -17.42 6.21
CA LYS A 90 2.49 -18.18 5.69
C LYS A 90 2.94 -19.15 4.61
N GLY A 91 2.27 -20.30 4.54
CA GLY A 91 2.61 -21.31 3.55
C GLY A 91 2.52 -22.71 4.10
N GLU A 92 1.53 -23.46 3.63
CA GLU A 92 1.32 -24.83 4.09
C GLU A 92 1.98 -25.83 3.13
N ALA A 93 2.95 -25.36 2.37
CA ALA A 93 3.66 -26.21 1.41
C ALA A 93 2.69 -26.94 0.48
N ARG A 94 2.22 -26.23 -0.55
CA ARG A 94 1.28 -26.80 -1.50
C ARG A 94 0.99 -25.82 -2.63
N ARG A 95 2.01 -25.08 -3.04
CA ARG A 95 1.86 -24.11 -4.11
C ARG A 95 2.29 -24.69 -5.45
N ALA A 96 3.29 -25.58 -5.41
CA ALA A 96 3.79 -26.22 -6.61
C ALA A 96 3.15 -27.57 -6.83
N ALA A 97 1.94 -27.57 -7.38
CA ALA A 97 1.21 -28.81 -7.64
C ALA A 97 1.65 -29.43 -8.96
N THR A 98 1.01 -30.53 -9.33
CA THR A 98 1.33 -31.23 -10.57
C THR A 98 0.14 -31.23 -11.52
N SER A 99 0.42 -31.11 -12.81
CA SER A 99 -0.63 -31.11 -13.83
C SER A 99 -1.29 -32.47 -13.94
N VAL A 100 -2.32 -32.56 -14.78
CA VAL A 100 -3.04 -33.81 -14.98
C VAL A 100 -3.21 -34.11 -16.47
N LYS A 101 -3.70 -33.12 -17.21
CA LYS A 101 -3.92 -33.28 -18.64
C LYS A 101 -4.49 -31.99 -19.24
N ASP A 102 -3.99 -30.86 -18.77
CA ASP A 102 -4.45 -29.57 -19.27
C ASP A 102 -3.30 -28.56 -19.32
N ALA A 103 -2.98 -28.10 -20.52
CA ALA A 103 -1.90 -27.14 -20.70
C ALA A 103 -1.84 -26.66 -22.15
N ASN A 104 -2.60 -25.61 -22.46
CA ASN A 104 -2.63 -25.07 -23.80
C ASN A 104 -2.19 -23.60 -23.80
N PHE A 105 -2.77 -22.81 -22.91
CA PHE A 105 -2.45 -21.40 -22.80
C PHE A 105 -1.85 -21.08 -21.43
N VAL A 106 -0.53 -21.10 -21.34
CA VAL A 106 0.16 -20.80 -20.10
C VAL A 106 1.14 -19.65 -20.26
N GLU A 107 2.12 -19.84 -21.15
CA GLU A 107 3.12 -18.81 -21.41
C GLU A 107 3.92 -18.50 -20.14
N GLU A 108 5.19 -18.90 -20.13
CA GLU A 108 6.05 -18.65 -18.99
C GLU A 108 7.28 -17.85 -19.39
N VAL A 109 7.92 -18.27 -20.47
CA VAL A 109 9.11 -17.59 -20.96
C VAL A 109 8.76 -16.30 -21.69
N GLU A 110 9.40 -15.21 -21.29
CA GLU A 110 9.14 -13.91 -21.89
C GLU A 110 10.44 -13.25 -22.36
N GLU A 111 11.28 -12.87 -21.41
CA GLU A 111 12.56 -12.24 -21.71
C GLU A 111 13.59 -12.54 -20.62
N GLU A 112 14.35 -13.60 -20.82
CA GLU A 112 15.38 -14.00 -19.86
C GLU A 112 16.72 -14.24 -20.55
N THR A 1 -0.14 2.94 -11.29
CA THR A 1 0.03 4.42 -11.45
C THR A 1 -0.33 5.15 -10.16
N MET A 2 0.64 5.88 -9.61
CA MET A 2 0.42 6.63 -8.39
C MET A 2 -0.69 7.66 -8.56
N ASN A 3 -1.79 7.48 -7.83
CA ASN A 3 -2.92 8.38 -7.92
C ASN A 3 -3.27 8.97 -6.54
N ILE A 4 -2.96 10.25 -6.35
CA ILE A 4 -3.25 10.93 -5.10
C ILE A 4 -4.37 11.95 -5.29
N THR A 5 -5.41 11.84 -4.46
CA THR A 5 -6.54 12.75 -4.53
C THR A 5 -6.94 13.24 -3.16
N SER A 6 -7.70 14.34 -3.13
CA SER A 6 -8.15 14.93 -1.87
C SER A 6 -9.32 15.88 -2.13
N LYS A 7 -10.32 15.83 -1.27
CA LYS A 7 -11.50 16.68 -1.39
C LYS A 7 -11.44 17.85 -0.43
N GLN A 8 -10.24 18.36 -0.19
CA GLN A 8 -10.05 19.48 0.71
C GLN A 8 -8.97 20.42 0.19
N MET A 9 -7.85 19.84 -0.26
CA MET A 9 -6.75 20.63 -0.79
C MET A 9 -6.37 20.16 -2.18
N GLU A 10 -5.34 20.78 -2.75
CA GLU A 10 -4.87 20.43 -4.09
C GLU A 10 -3.55 19.66 -4.01
N ILE A 11 -3.18 18.99 -5.09
CA ILE A 11 -1.95 18.23 -5.13
C ILE A 11 -0.77 19.08 -5.61
N THR A 12 0.21 19.24 -4.74
CA THR A 12 1.40 20.03 -5.07
C THR A 12 2.56 19.12 -5.44
N PRO A 13 3.51 19.62 -6.24
CA PRO A 13 4.68 18.85 -6.66
C PRO A 13 5.48 18.35 -5.47
N ALA A 14 5.41 19.07 -4.36
CA ALA A 14 6.12 18.69 -3.16
C ALA A 14 5.44 17.51 -2.48
N ILE A 15 4.11 17.54 -2.47
CA ILE A 15 3.34 16.46 -1.87
C ILE A 15 3.40 15.25 -2.78
N ARG A 16 3.50 15.51 -4.08
CA ARG A 16 3.60 14.44 -5.06
C ARG A 16 4.96 13.78 -4.97
N GLN A 17 6.00 14.60 -4.89
CA GLN A 17 7.36 14.11 -4.78
C GLN A 17 7.57 13.45 -3.43
N HIS A 18 6.92 13.97 -2.40
CA HIS A 18 7.03 13.38 -1.06
C HIS A 18 6.57 11.92 -1.10
N VAL A 19 5.30 11.71 -1.42
CA VAL A 19 4.76 10.36 -1.52
C VAL A 19 5.49 9.59 -2.61
N ALA A 20 5.72 10.23 -3.75
CA ALA A 20 6.43 9.60 -4.86
C ALA A 20 7.80 9.07 -4.43
N ASP A 21 8.55 9.90 -3.70
CA ASP A 21 9.87 9.50 -3.25
C ASP A 21 9.79 8.27 -2.35
N ARG A 22 8.68 8.16 -1.62
CA ARG A 22 8.46 7.02 -0.74
C ARG A 22 8.15 5.77 -1.54
N LEU A 23 7.58 5.94 -2.73
CA LEU A 23 7.25 4.81 -3.59
C LEU A 23 8.53 4.16 -4.10
N ALA A 24 9.42 4.99 -4.63
CA ALA A 24 10.70 4.51 -5.15
C ALA A 24 11.52 3.83 -4.06
N LYS A 25 11.28 4.24 -2.81
CA LYS A 25 11.98 3.66 -1.67
C LYS A 25 11.42 2.28 -1.33
N LEU A 26 10.13 2.10 -1.54
CA LEU A 26 9.49 0.82 -1.27
C LEU A 26 9.74 -0.17 -2.41
N GLU A 27 11.01 -0.36 -2.75
CA GLU A 27 11.38 -1.27 -3.83
C GLU A 27 12.11 -2.49 -3.29
N LYS A 28 12.51 -2.44 -2.01
CA LYS A 28 13.21 -3.55 -1.38
C LYS A 28 12.37 -4.83 -1.43
N TRP A 29 11.09 -4.67 -1.68
CA TRP A 29 10.17 -5.80 -1.75
C TRP A 29 10.20 -6.43 -3.14
N GLN A 30 9.14 -7.17 -3.47
CA GLN A 30 9.03 -7.81 -4.78
C GLN A 30 7.63 -7.55 -5.36
N THR A 31 6.78 -8.57 -5.30
CA THR A 31 5.41 -8.44 -5.82
C THR A 31 4.49 -7.79 -4.79
N HIS A 32 3.19 -7.89 -5.04
CA HIS A 32 2.17 -7.33 -4.14
C HIS A 32 2.11 -5.81 -4.23
N LEU A 33 2.00 -5.29 -5.44
CA LEU A 33 1.91 -3.85 -5.64
C LEU A 33 1.36 -3.53 -7.04
N ILE A 34 0.07 -3.21 -7.12
CA ILE A 34 -0.54 -2.88 -8.42
C ILE A 34 -1.71 -1.93 -8.26
N ASN A 35 -1.62 -0.82 -8.97
CA ASN A 35 -2.66 0.21 -8.96
C ASN A 35 -2.71 0.92 -7.61
N PRO A 36 -1.67 1.69 -7.27
CA PRO A 36 -1.61 2.41 -5.99
C PRO A 36 -2.54 3.62 -5.97
N HIS A 37 -3.30 3.77 -4.88
CA HIS A 37 -4.22 4.90 -4.75
C HIS A 37 -4.09 5.52 -3.37
N ILE A 38 -4.01 6.85 -3.32
CA ILE A 38 -3.89 7.55 -2.05
C ILE A 38 -4.92 8.67 -1.95
N ILE A 39 -5.64 8.69 -0.84
CA ILE A 39 -6.66 9.71 -0.59
C ILE A 39 -6.30 10.54 0.63
N LEU A 40 -6.53 11.84 0.57
CA LEU A 40 -6.23 12.73 1.68
C LEU A 40 -7.49 13.40 2.22
N SER A 41 -7.70 13.27 3.52
CA SER A 41 -8.87 13.86 4.17
C SER A 41 -8.42 14.78 5.31
N LYS A 42 -9.39 15.28 6.09
CA LYS A 42 -9.08 16.16 7.19
C LYS A 42 -10.33 16.44 8.02
N GLU A 43 -10.13 16.61 9.31
CA GLU A 43 -11.22 16.91 10.24
C GLU A 43 -10.81 18.07 11.14
N PRO A 44 -11.75 18.67 11.87
CA PRO A 44 -11.45 19.81 12.73
C PRO A 44 -10.26 19.53 13.64
N GLN A 45 -9.96 18.26 13.82
CA GLN A 45 -8.85 17.84 14.64
C GLN A 45 -7.56 17.83 13.84
N GLY A 46 -7.40 16.82 13.01
CA GLY A 46 -6.21 16.70 12.19
C GLY A 46 -6.49 16.17 10.80
N PHE A 47 -5.46 15.62 10.16
CA PHE A 47 -5.62 15.08 8.81
C PHE A 47 -5.59 13.57 8.78
N VAL A 48 -6.27 13.02 7.79
CA VAL A 48 -6.36 11.58 7.61
C VAL A 48 -5.94 11.19 6.20
N ALA A 49 -5.20 10.09 6.09
CA ALA A 49 -4.74 9.61 4.79
C ALA A 49 -5.03 8.14 4.62
N ASP A 50 -5.75 7.78 3.56
CA ASP A 50 -6.08 6.38 3.30
C ASP A 50 -5.51 5.93 1.96
N ALA A 51 -5.17 4.65 1.87
CA ALA A 51 -4.62 4.11 0.64
C ALA A 51 -5.07 2.67 0.41
N THR A 52 -5.33 2.33 -0.83
CA THR A 52 -5.76 0.99 -1.19
C THR A 52 -4.99 0.51 -2.41
N ILE A 53 -4.46 -0.71 -2.35
CA ILE A 53 -3.68 -1.26 -3.45
C ILE A 53 -4.09 -2.69 -3.77
N ASN A 54 -4.21 -2.98 -5.06
CA ASN A 54 -4.58 -4.31 -5.53
C ASN A 54 -3.35 -5.06 -6.01
N THR A 55 -3.34 -6.36 -5.77
CA THR A 55 -2.22 -7.21 -6.18
C THR A 55 -2.71 -8.51 -6.81
N PRO A 56 -1.81 -9.27 -7.44
CA PRO A 56 -2.16 -10.54 -8.08
C PRO A 56 -2.47 -11.65 -7.08
N ASN A 57 -2.14 -11.43 -5.81
CA ASN A 57 -2.38 -12.42 -4.78
C ASN A 57 -3.09 -11.82 -3.56
N GLY A 58 -3.77 -10.69 -3.74
CA GLY A 58 -4.48 -10.08 -2.64
C GLY A 58 -4.57 -8.57 -2.75
N VAL A 59 -4.93 -7.93 -1.64
CA VAL A 59 -5.07 -6.48 -1.61
C VAL A 59 -4.54 -5.92 -0.29
N LEU A 60 -3.98 -4.71 -0.33
CA LEU A 60 -3.44 -4.07 0.86
C LEU A 60 -4.14 -2.76 1.15
N VAL A 61 -4.26 -2.43 2.44
CA VAL A 61 -4.92 -1.20 2.86
C VAL A 61 -4.19 -0.56 4.04
N ALA A 62 -4.20 0.77 4.10
CA ALA A 62 -3.54 1.50 5.18
C ALA A 62 -4.16 2.86 5.39
N SER A 63 -4.03 3.39 6.61
CA SER A 63 -4.60 4.69 6.96
C SER A 63 -3.73 5.42 7.98
N GLY A 64 -3.82 6.75 7.97
CA GLY A 64 -3.06 7.57 8.89
C GLY A 64 -3.82 8.84 9.27
N LYS A 65 -4.34 8.88 10.50
CA LYS A 65 -5.11 10.03 10.97
C LYS A 65 -4.34 10.88 11.98
N HIS A 66 -3.07 11.15 11.68
CA HIS A 66 -2.25 11.98 12.56
C HIS A 66 -2.62 13.45 12.39
N GLU A 67 -2.35 14.24 13.41
CA GLU A 67 -2.64 15.67 13.37
C GLU A 67 -1.86 16.36 12.26
N ASP A 68 -0.72 15.79 11.90
CA ASP A 68 0.14 16.35 10.86
C ASP A 68 -0.09 15.66 9.52
N MET A 69 -0.44 16.45 8.51
CA MET A 69 -0.69 15.93 7.17
C MET A 69 0.42 14.98 6.71
N TYR A 70 1.67 15.39 6.89
CA TYR A 70 2.82 14.59 6.49
C TYR A 70 2.94 13.31 7.30
N THR A 71 2.65 13.40 8.60
CA THR A 71 2.73 12.23 9.47
C THR A 71 1.72 11.17 9.05
N ALA A 72 0.51 11.60 8.71
CA ALA A 72 -0.53 10.68 8.29
C ALA A 72 -0.11 9.95 7.02
N ILE A 73 0.36 10.70 6.04
CA ILE A 73 0.79 10.12 4.77
C ILE A 73 1.93 9.13 5.00
N ASN A 74 2.93 9.55 5.78
CA ASN A 74 4.08 8.70 6.08
C ASN A 74 3.63 7.45 6.85
N GLU A 75 2.67 7.63 7.75
CA GLU A 75 2.15 6.52 8.55
C GLU A 75 1.45 5.51 7.65
N LEU A 76 0.63 6.00 6.73
CA LEU A 76 -0.09 5.13 5.81
C LEU A 76 0.89 4.21 5.09
N ILE A 77 1.87 4.80 4.41
CA ILE A 77 2.87 4.01 3.69
C ILE A 77 3.58 3.07 4.66
N ASN A 78 3.70 3.49 5.91
CA ASN A 78 4.34 2.67 6.93
C ASN A 78 3.61 1.34 7.05
N LYS A 79 2.29 1.40 6.89
CA LYS A 79 1.43 0.23 6.95
C LYS A 79 1.54 -0.58 5.67
N LEU A 80 1.82 0.09 4.55
CA LEU A 80 2.00 -0.61 3.29
C LEU A 80 3.17 -1.57 3.46
N GLU A 81 4.26 -1.01 3.98
CA GLU A 81 5.46 -1.75 4.28
C GLU A 81 5.18 -2.83 5.31
N ARG A 82 4.41 -2.46 6.33
CA ARG A 82 4.06 -3.39 7.39
C ARG A 82 3.25 -4.56 6.83
N GLN A 83 2.48 -4.29 5.78
CA GLN A 83 1.67 -5.32 5.14
C GLN A 83 2.54 -6.23 4.30
N LEU A 84 3.50 -5.64 3.59
CA LEU A 84 4.41 -6.40 2.73
C LEU A 84 5.27 -7.33 3.58
N ASN A 85 5.57 -6.91 4.80
CA ASN A 85 6.39 -7.71 5.71
C ASN A 85 5.69 -9.02 6.05
N LYS A 86 4.45 -8.91 6.51
CA LYS A 86 3.68 -10.09 6.87
C LYS A 86 3.27 -10.86 5.61
N LEU A 87 3.28 -10.17 4.48
CA LEU A 87 2.91 -10.77 3.20
C LEU A 87 3.98 -11.78 2.77
N GLN A 88 5.22 -11.50 3.15
CA GLN A 88 6.34 -12.36 2.79
C GLN A 88 6.36 -13.64 3.65
N HIS A 89 5.58 -13.65 4.71
CA HIS A 89 5.50 -14.81 5.60
C HIS A 89 4.50 -15.84 5.07
N LYS A 90 3.27 -15.38 4.87
CA LYS A 90 2.22 -16.27 4.37
C LYS A 90 2.46 -16.65 2.91
N GLY A 91 3.54 -17.39 2.68
CA GLY A 91 3.87 -17.81 1.33
C GLY A 91 5.37 -17.90 1.10
N GLU A 92 5.85 -19.09 0.77
CA GLU A 92 7.26 -19.31 0.53
C GLU A 92 7.61 -19.03 -0.93
N ALA A 93 7.27 -17.85 -1.41
CA ALA A 93 7.54 -17.46 -2.78
C ALA A 93 6.87 -18.40 -3.77
N ARG A 94 6.87 -18.02 -5.04
CA ARG A 94 6.27 -18.83 -6.09
C ARG A 94 7.34 -19.56 -6.90
N ARG A 95 6.94 -20.61 -7.60
CA ARG A 95 7.86 -21.39 -8.41
C ARG A 95 7.71 -21.04 -9.89
N ALA A 96 8.51 -21.70 -10.73
CA ALA A 96 8.46 -21.46 -12.17
C ALA A 96 7.20 -22.07 -12.78
N ALA A 97 6.75 -23.19 -12.21
CA ALA A 97 5.56 -23.86 -12.71
C ALA A 97 4.97 -24.78 -11.63
N THR A 98 5.82 -25.54 -10.98
CA THR A 98 5.39 -26.46 -9.92
C THR A 98 4.42 -27.50 -10.48
N SER A 99 4.16 -28.53 -9.70
CA SER A 99 3.24 -29.59 -10.11
C SER A 99 3.76 -30.29 -11.36
N VAL A 100 2.97 -31.24 -11.87
CA VAL A 100 3.35 -31.97 -13.06
C VAL A 100 2.20 -32.02 -14.07
N LYS A 101 2.53 -32.19 -15.33
CA LYS A 101 1.52 -32.26 -16.39
C LYS A 101 1.21 -33.70 -16.76
N ASP A 102 2.26 -34.49 -16.98
CA ASP A 102 2.10 -35.89 -17.34
C ASP A 102 3.13 -36.75 -16.61
N ALA A 103 4.41 -36.55 -16.94
CA ALA A 103 5.48 -37.31 -16.33
C ALA A 103 6.84 -36.75 -16.74
N ASN A 104 7.08 -36.65 -18.04
CA ASN A 104 8.34 -36.12 -18.56
C ASN A 104 8.15 -35.54 -19.94
N PHE A 105 7.82 -36.39 -20.91
CA PHE A 105 7.61 -35.95 -22.28
C PHE A 105 6.36 -35.09 -22.40
N VAL A 106 6.55 -33.79 -22.54
CA VAL A 106 5.44 -32.85 -22.67
C VAL A 106 5.26 -32.39 -24.11
N GLU A 107 4.12 -32.75 -24.70
CA GLU A 107 3.82 -32.37 -26.08
C GLU A 107 2.58 -31.49 -26.15
N GLU A 108 2.34 -30.91 -27.31
CA GLU A 108 1.18 -30.04 -27.51
C GLU A 108 0.49 -30.36 -28.83
N VAL A 109 1.26 -30.47 -29.89
CA VAL A 109 0.72 -30.77 -31.21
C VAL A 109 1.41 -31.99 -31.82
N GLU A 110 0.64 -32.80 -32.54
CA GLU A 110 1.17 -34.00 -33.18
C GLU A 110 1.02 -33.92 -34.69
N GLU A 111 2.10 -33.53 -35.37
CA GLU A 111 2.09 -33.41 -36.82
C GLU A 111 2.80 -34.59 -37.46
N GLU A 112 2.16 -35.22 -38.44
CA GLU A 112 2.73 -36.37 -39.13
C GLU A 112 2.31 -36.38 -40.60
N THR A 1 1.78 2.97 -10.53
CA THR A 1 1.19 4.32 -10.77
C THR A 1 0.50 4.85 -9.52
N MET A 2 1.29 5.36 -8.58
CA MET A 2 0.76 5.90 -7.33
C MET A 2 -0.08 7.15 -7.59
N ASN A 3 -1.38 7.02 -7.39
CA ASN A 3 -2.31 8.13 -7.61
C ASN A 3 -2.73 8.76 -6.29
N ILE A 4 -2.53 10.06 -6.16
CA ILE A 4 -2.90 10.79 -4.95
C ILE A 4 -4.08 11.70 -5.21
N THR A 5 -5.14 11.54 -4.43
CA THR A 5 -6.34 12.36 -4.57
C THR A 5 -6.82 12.85 -3.21
N SER A 6 -7.57 13.94 -3.21
CA SER A 6 -8.10 14.52 -1.99
C SER A 6 -9.22 15.51 -2.31
N LYS A 7 -10.27 15.49 -1.50
CA LYS A 7 -11.39 16.40 -1.69
C LYS A 7 -11.33 17.56 -0.71
N GLN A 8 -10.11 18.01 -0.42
CA GLN A 8 -9.91 19.11 0.50
C GLN A 8 -8.78 20.01 0.01
N MET A 9 -7.64 19.40 -0.30
CA MET A 9 -6.47 20.14 -0.78
C MET A 9 -6.09 19.68 -2.18
N GLU A 10 -5.06 20.32 -2.74
CA GLU A 10 -4.59 19.99 -4.08
C GLU A 10 -3.29 19.19 -4.00
N ILE A 11 -2.92 18.56 -5.12
CA ILE A 11 -1.71 17.77 -5.17
C ILE A 11 -0.51 18.61 -5.59
N THR A 12 0.41 18.81 -4.66
CA THR A 12 1.61 19.58 -4.92
C THR A 12 2.80 18.69 -5.23
N PRO A 13 3.74 19.16 -6.07
CA PRO A 13 4.93 18.39 -6.43
C PRO A 13 5.71 17.95 -5.20
N ALA A 14 5.49 18.65 -4.08
CA ALA A 14 6.18 18.32 -2.85
C ALA A 14 5.56 17.08 -2.22
N ILE A 15 4.22 17.04 -2.24
CA ILE A 15 3.50 15.91 -1.69
C ILE A 15 3.65 14.71 -2.61
N ARG A 16 3.83 15.00 -3.89
CA ARG A 16 4.02 13.96 -4.89
C ARG A 16 5.42 13.37 -4.77
N GLN A 17 6.40 14.26 -4.64
CA GLN A 17 7.80 13.85 -4.49
C GLN A 17 8.01 13.15 -3.15
N HIS A 18 7.36 13.63 -2.10
CA HIS A 18 7.48 13.01 -0.79
C HIS A 18 7.00 11.56 -0.86
N VAL A 19 5.74 11.36 -1.22
CA VAL A 19 5.20 10.02 -1.34
C VAL A 19 5.98 9.22 -2.39
N ALA A 20 6.19 9.85 -3.55
CA ALA A 20 6.93 9.20 -4.63
C ALA A 20 8.33 8.78 -4.20
N ASP A 21 9.02 9.62 -3.44
CA ASP A 21 10.37 9.29 -2.98
C ASP A 21 10.33 8.02 -2.15
N ARG A 22 9.25 7.85 -1.40
CA ARG A 22 9.08 6.66 -0.55
C ARG A 22 8.74 5.43 -1.41
N LEU A 23 8.15 5.66 -2.57
CA LEU A 23 7.80 4.57 -3.47
C LEU A 23 9.05 3.92 -4.04
N ALA A 24 9.85 4.74 -4.70
CA ALA A 24 11.09 4.28 -5.33
C ALA A 24 12.05 3.70 -4.29
N LYS A 25 11.91 4.14 -3.05
CA LYS A 25 12.76 3.66 -1.96
C LYS A 25 12.29 2.29 -1.49
N LEU A 26 10.98 2.08 -1.57
CA LEU A 26 10.39 0.82 -1.14
C LEU A 26 10.54 -0.24 -2.23
N GLU A 27 11.78 -0.59 -2.52
CA GLU A 27 12.09 -1.59 -3.54
C GLU A 27 11.56 -2.98 -3.17
N LYS A 28 11.73 -3.35 -1.90
CA LYS A 28 11.27 -4.66 -1.43
C LYS A 28 9.83 -4.61 -0.93
N TRP A 29 8.99 -3.86 -1.64
CA TRP A 29 7.58 -3.71 -1.26
C TRP A 29 6.70 -3.52 -2.49
N GLN A 30 6.70 -2.31 -3.05
CA GLN A 30 5.87 -2.02 -4.22
C GLN A 30 6.36 -2.82 -5.42
N THR A 31 5.64 -3.90 -5.74
CA THR A 31 6.00 -4.75 -6.86
C THR A 31 4.81 -5.56 -7.34
N HIS A 32 4.06 -6.13 -6.41
CA HIS A 32 2.88 -6.93 -6.73
C HIS A 32 1.61 -6.08 -6.70
N LEU A 33 1.77 -4.79 -6.97
CA LEU A 33 0.64 -3.86 -6.98
C LEU A 33 0.22 -3.55 -8.42
N ILE A 34 -1.03 -3.14 -8.59
CA ILE A 34 -1.53 -2.81 -9.92
C ILE A 34 -2.43 -1.58 -9.89
N ASN A 35 -1.85 -0.41 -10.18
CA ASN A 35 -2.60 0.83 -10.19
C ASN A 35 -3.22 1.12 -8.83
N PRO A 36 -2.39 1.44 -7.82
CA PRO A 36 -2.87 1.75 -6.48
C PRO A 36 -3.54 3.12 -6.41
N HIS A 37 -4.29 3.35 -5.33
CA HIS A 37 -4.99 4.62 -5.16
C HIS A 37 -4.88 5.12 -3.72
N ILE A 38 -4.51 6.40 -3.59
CA ILE A 38 -4.36 7.02 -2.28
C ILE A 38 -5.29 8.23 -2.15
N ILE A 39 -5.97 8.32 -1.02
CA ILE A 39 -6.90 9.41 -0.78
C ILE A 39 -6.49 10.19 0.48
N LEU A 40 -6.66 11.51 0.41
CA LEU A 40 -6.31 12.38 1.54
C LEU A 40 -7.54 13.17 2.00
N SER A 41 -7.80 13.11 3.31
CA SER A 41 -8.93 13.81 3.90
C SER A 41 -8.47 14.72 5.03
N LYS A 42 -9.42 15.28 5.76
CA LYS A 42 -9.10 16.17 6.86
C LYS A 42 -10.26 16.31 7.83
N GLU A 43 -9.94 16.37 9.10
CA GLU A 43 -10.91 16.52 10.16
C GLU A 43 -10.46 17.61 11.12
N PRO A 44 -11.39 18.22 11.87
CA PRO A 44 -11.05 19.29 12.81
C PRO A 44 -9.94 18.88 13.76
N GLN A 45 -9.80 17.58 13.96
CA GLN A 45 -8.80 17.04 14.85
C GLN A 45 -7.46 16.75 14.15
N GLY A 46 -7.42 16.90 12.83
CA GLY A 46 -6.20 16.65 12.09
C GLY A 46 -6.45 16.16 10.69
N PHE A 47 -5.43 15.59 10.05
CA PHE A 47 -5.59 15.08 8.69
C PHE A 47 -5.56 13.57 8.64
N VAL A 48 -6.21 13.03 7.61
CA VAL A 48 -6.30 11.60 7.43
C VAL A 48 -5.86 11.19 6.02
N ALA A 49 -5.12 10.09 5.93
CA ALA A 49 -4.64 9.60 4.65
C ALA A 49 -4.95 8.12 4.50
N ASP A 50 -5.67 7.76 3.45
CA ASP A 50 -6.03 6.36 3.20
C ASP A 50 -5.45 5.87 1.88
N ALA A 51 -5.14 4.58 1.82
CA ALA A 51 -4.58 4.01 0.60
C ALA A 51 -5.09 2.58 0.39
N THR A 52 -5.40 2.25 -0.85
CA THR A 52 -5.88 0.92 -1.19
C THR A 52 -5.14 0.40 -2.42
N ILE A 53 -4.64 -0.82 -2.35
CA ILE A 53 -3.92 -1.40 -3.47
C ILE A 53 -4.38 -2.82 -3.77
N ASN A 54 -4.54 -3.11 -5.06
CA ASN A 54 -4.97 -4.42 -5.52
C ASN A 54 -3.78 -5.22 -6.03
N THR A 55 -3.51 -6.36 -5.39
CA THR A 55 -2.41 -7.21 -5.79
C THR A 55 -2.94 -8.54 -6.35
N PRO A 56 -2.14 -9.21 -7.20
CA PRO A 56 -2.54 -10.49 -7.81
C PRO A 56 -2.77 -11.59 -6.78
N ASN A 57 -2.31 -11.36 -5.54
CA ASN A 57 -2.47 -12.34 -4.48
C ASN A 57 -3.26 -11.78 -3.31
N GLY A 58 -4.06 -10.75 -3.56
CA GLY A 58 -4.86 -10.16 -2.50
C GLY A 58 -4.90 -8.64 -2.57
N VAL A 59 -5.38 -8.02 -1.50
CA VAL A 59 -5.48 -6.57 -1.43
C VAL A 59 -5.03 -6.06 -0.06
N LEU A 60 -4.35 -4.91 -0.06
CA LEU A 60 -3.87 -4.32 1.18
C LEU A 60 -4.52 -2.96 1.43
N VAL A 61 -4.62 -2.58 2.70
CA VAL A 61 -5.22 -1.31 3.08
C VAL A 61 -4.43 -0.65 4.22
N ALA A 62 -4.40 0.68 4.20
CA ALA A 62 -3.70 1.44 5.23
C ALA A 62 -4.28 2.83 5.43
N SER A 63 -4.15 3.36 6.64
CA SER A 63 -4.68 4.67 6.97
C SER A 63 -3.77 5.42 7.95
N GLY A 64 -3.86 6.75 7.94
CA GLY A 64 -3.06 7.57 8.83
C GLY A 64 -3.79 8.85 9.19
N LYS A 65 -4.32 8.91 10.40
CA LYS A 65 -5.07 10.09 10.85
C LYS A 65 -4.30 10.92 11.87
N HIS A 66 -3.03 11.18 11.59
CA HIS A 66 -2.21 11.99 12.48
C HIS A 66 -2.57 13.46 12.32
N GLU A 67 -2.30 14.26 13.36
CA GLU A 67 -2.61 15.68 13.32
C GLU A 67 -1.87 16.38 12.18
N ASP A 68 -0.72 15.82 11.79
CA ASP A 68 0.08 16.40 10.72
C ASP A 68 -0.17 15.71 9.39
N MET A 69 -0.64 16.47 8.41
CA MET A 69 -0.93 15.94 7.07
C MET A 69 0.22 15.09 6.55
N TYR A 70 1.44 15.60 6.69
CA TYR A 70 2.63 14.89 6.22
C TYR A 70 2.86 13.61 7.02
N THR A 71 2.63 13.68 8.33
CA THR A 71 2.80 12.53 9.20
C THR A 71 1.80 11.44 8.86
N ALA A 72 0.58 11.84 8.54
CA ALA A 72 -0.47 10.89 8.18
C ALA A 72 -0.08 10.10 6.93
N ILE A 73 0.32 10.81 5.88
CA ILE A 73 0.71 10.15 4.64
C ILE A 73 1.92 9.24 4.89
N ASN A 74 2.87 9.73 5.67
CA ASN A 74 4.05 8.95 5.99
C ASN A 74 3.67 7.72 6.81
N GLU A 75 2.73 7.92 7.73
CA GLU A 75 2.25 6.83 8.58
C GLU A 75 1.51 5.79 7.74
N LEU A 76 0.66 6.24 6.82
CA LEU A 76 -0.08 5.33 5.96
C LEU A 76 0.89 4.37 5.27
N ILE A 77 1.82 4.92 4.51
CA ILE A 77 2.82 4.10 3.83
C ILE A 77 3.57 3.25 4.84
N ASN A 78 3.69 3.73 6.07
CA ASN A 78 4.35 2.98 7.12
C ASN A 78 3.64 1.64 7.33
N LYS A 79 2.31 1.70 7.30
CA LYS A 79 1.47 0.53 7.45
C LYS A 79 1.54 -0.33 6.20
N LEU A 80 1.73 0.29 5.04
CA LEU A 80 1.87 -0.48 3.81
C LEU A 80 3.11 -1.36 3.94
N GLU A 81 4.18 -0.73 4.40
CA GLU A 81 5.44 -1.42 4.65
C GLU A 81 5.24 -2.52 5.68
N ARG A 82 4.54 -2.19 6.76
CA ARG A 82 4.28 -3.14 7.84
C ARG A 82 3.42 -4.31 7.36
N GLN A 83 2.49 -4.03 6.46
CA GLN A 83 1.62 -5.07 5.93
C GLN A 83 2.38 -5.98 4.97
N LEU A 84 3.13 -5.36 4.06
CA LEU A 84 3.92 -6.10 3.10
C LEU A 84 5.01 -6.90 3.80
N ASN A 85 5.44 -6.40 4.96
CA ASN A 85 6.49 -7.05 5.74
C ASN A 85 6.04 -8.44 6.16
N LYS A 86 4.82 -8.52 6.66
CA LYS A 86 4.25 -9.78 7.09
C LYS A 86 3.83 -10.63 5.89
N LEU A 87 3.56 -9.97 4.77
CA LEU A 87 3.13 -10.65 3.55
C LEU A 87 4.28 -11.42 2.90
N GLN A 88 5.50 -11.18 3.33
CA GLN A 88 6.66 -11.85 2.75
C GLN A 88 6.78 -13.28 3.24
N HIS A 89 6.62 -13.48 4.53
CA HIS A 89 6.71 -14.81 5.12
C HIS A 89 5.36 -15.52 5.10
N LYS A 90 5.39 -16.82 5.31
CA LYS A 90 4.18 -17.63 5.32
C LYS A 90 4.46 -19.04 5.82
N GLY A 91 5.55 -19.63 5.33
CA GLY A 91 5.92 -20.97 5.75
C GLY A 91 7.06 -21.53 4.92
N GLU A 92 7.23 -22.85 4.98
CA GLU A 92 8.30 -23.50 4.23
C GLU A 92 9.67 -23.01 4.69
N ALA A 93 10.28 -23.75 5.60
CA ALA A 93 11.60 -23.39 6.12
C ALA A 93 11.55 -22.05 6.85
N ARG A 94 11.95 -22.05 8.11
CA ARG A 94 11.95 -20.85 8.92
C ARG A 94 12.86 -19.78 8.31
N ARG A 95 13.91 -20.22 7.65
CA ARG A 95 14.86 -19.31 7.01
C ARG A 95 14.22 -18.63 5.80
N ALA A 96 14.36 -17.31 5.74
CA ALA A 96 13.80 -16.54 4.63
C ALA A 96 14.50 -16.86 3.32
N ALA A 97 13.77 -17.48 2.39
CA ALA A 97 14.34 -17.84 1.10
C ALA A 97 14.41 -16.64 0.17
N THR A 98 15.34 -16.68 -0.78
CA THR A 98 15.51 -15.59 -1.72
C THR A 98 15.85 -14.28 -1.01
N SER A 99 16.36 -13.31 -1.76
CA SER A 99 16.74 -12.03 -1.19
C SER A 99 17.80 -12.18 -0.11
N VAL A 100 18.11 -11.09 0.58
CA VAL A 100 19.11 -11.10 1.63
C VAL A 100 20.48 -11.47 1.09
N LYS A 101 21.53 -10.90 1.69
CA LYS A 101 22.89 -11.17 1.26
C LYS A 101 23.88 -10.90 2.39
N ASP A 102 25.14 -11.25 2.16
CA ASP A 102 26.18 -11.05 3.17
C ASP A 102 27.35 -10.24 2.59
N ALA A 103 27.26 -8.92 2.71
CA ALA A 103 28.30 -8.04 2.20
C ALA A 103 29.58 -8.18 3.02
N ASN A 104 30.58 -7.36 2.70
CA ASN A 104 31.85 -7.38 3.41
C ASN A 104 32.51 -8.75 3.28
N PHE A 105 33.78 -8.82 3.68
CA PHE A 105 34.53 -10.07 3.61
C PHE A 105 34.81 -10.61 5.02
N VAL A 106 34.30 -11.80 5.30
CA VAL A 106 34.49 -12.41 6.61
C VAL A 106 35.09 -13.82 6.46
N GLU A 107 35.76 -14.28 7.50
CA GLU A 107 36.37 -15.60 7.49
C GLU A 107 35.31 -16.70 7.51
N GLU A 108 35.37 -17.58 6.53
CA GLU A 108 34.41 -18.68 6.43
C GLU A 108 35.02 -19.89 5.72
N VAL A 109 36.32 -20.10 5.95
CA VAL A 109 37.03 -21.21 5.33
C VAL A 109 37.68 -22.11 6.38
N GLU A 110 37.20 -23.35 6.49
CA GLU A 110 37.74 -24.29 7.46
C GLU A 110 38.50 -25.41 6.76
N GLU A 111 39.46 -26.00 7.46
CA GLU A 111 40.26 -27.08 6.91
C GLU A 111 39.84 -28.43 7.48
N GLU A 112 40.45 -29.50 6.99
CA GLU A 112 40.14 -30.84 7.46
C GLU A 112 40.96 -31.19 8.69
N THR A 1 0.14 3.09 -11.48
CA THR A 1 0.51 4.53 -11.36
C THR A 1 -0.03 5.13 -10.07
N MET A 2 0.88 5.60 -9.21
CA MET A 2 0.50 6.20 -7.94
C MET A 2 -0.48 7.35 -8.16
N ASN A 3 -1.66 7.24 -7.55
CA ASN A 3 -2.69 8.27 -7.67
C ASN A 3 -3.06 8.83 -6.32
N ILE A 4 -2.95 10.16 -6.18
CA ILE A 4 -3.28 10.84 -4.94
C ILE A 4 -4.40 11.86 -5.15
N THR A 5 -5.46 11.74 -4.36
CA THR A 5 -6.59 12.66 -4.46
C THR A 5 -7.01 13.16 -3.09
N SER A 6 -7.74 14.27 -3.07
CA SER A 6 -8.19 14.87 -1.81
C SER A 6 -9.31 15.87 -2.07
N LYS A 7 -10.30 15.89 -1.17
CA LYS A 7 -11.43 16.79 -1.29
C LYS A 7 -11.31 17.97 -0.33
N GLN A 8 -10.11 18.18 0.20
CA GLN A 8 -9.88 19.27 1.13
C GLN A 8 -8.51 19.90 0.90
N MET A 9 -7.99 19.74 -0.31
CA MET A 9 -6.67 20.29 -0.67
C MET A 9 -6.29 19.87 -2.09
N GLU A 10 -5.11 20.29 -2.51
CA GLU A 10 -4.61 19.96 -3.84
C GLU A 10 -3.29 19.19 -3.76
N ILE A 11 -2.91 18.55 -4.86
CA ILE A 11 -1.68 17.77 -4.90
C ILE A 11 -0.52 18.63 -5.39
N THR A 12 0.48 18.79 -4.54
CA THR A 12 1.65 19.59 -4.88
C THR A 12 2.81 18.69 -5.29
N PRO A 13 3.79 19.24 -6.03
CA PRO A 13 4.96 18.48 -6.47
C PRO A 13 5.80 17.97 -5.30
N ALA A 14 5.53 18.49 -4.11
CA ALA A 14 6.26 18.06 -2.92
C ALA A 14 5.57 16.88 -2.25
N ILE A 15 4.24 16.93 -2.24
CA ILE A 15 3.46 15.86 -1.65
C ILE A 15 3.50 14.64 -2.55
N ARG A 16 3.59 14.89 -3.86
CA ARG A 16 3.66 13.81 -4.83
C ARG A 16 5.03 13.14 -4.73
N GLN A 17 6.07 13.96 -4.67
CA GLN A 17 7.43 13.45 -4.56
C GLN A 17 7.64 12.78 -3.21
N HIS A 18 7.02 13.31 -2.17
CA HIS A 18 7.13 12.70 -0.84
C HIS A 18 6.64 11.25 -0.89
N VAL A 19 5.37 11.07 -1.19
CA VAL A 19 4.80 9.73 -1.28
C VAL A 19 5.48 8.93 -2.38
N ALA A 20 5.67 9.56 -3.54
CA ALA A 20 6.31 8.90 -4.67
C ALA A 20 7.69 8.36 -4.29
N ASP A 21 8.51 9.21 -3.67
CA ASP A 21 9.86 8.78 -3.27
C ASP A 21 9.79 7.59 -2.33
N ARG A 22 8.70 7.50 -1.56
CA ARG A 22 8.51 6.40 -0.63
C ARG A 22 8.13 5.12 -1.38
N LEU A 23 7.49 5.28 -2.54
CA LEU A 23 7.12 4.13 -3.35
C LEU A 23 8.36 3.46 -3.93
N ALA A 24 9.22 4.27 -4.51
CA ALA A 24 10.47 3.76 -5.10
C ALA A 24 11.33 3.07 -4.04
N LYS A 25 11.14 3.47 -2.78
CA LYS A 25 11.89 2.88 -1.68
C LYS A 25 11.30 1.53 -1.29
N LEU A 26 9.99 1.41 -1.45
CA LEU A 26 9.29 0.16 -1.12
C LEU A 26 9.45 -0.86 -2.24
N GLU A 27 10.69 -1.17 -2.58
CA GLU A 27 10.98 -2.13 -3.64
C GLU A 27 11.40 -3.49 -3.07
N LYS A 28 11.50 -3.58 -1.75
CA LYS A 28 11.89 -4.83 -1.10
C LYS A 28 10.83 -5.91 -1.28
N TRP A 29 9.64 -5.48 -1.71
CA TRP A 29 8.53 -6.41 -1.93
C TRP A 29 8.61 -7.04 -3.32
N GLN A 30 8.74 -6.19 -4.34
CA GLN A 30 8.83 -6.66 -5.72
C GLN A 30 7.52 -7.30 -6.17
N THR A 31 6.52 -6.46 -6.40
CA THR A 31 5.21 -6.94 -6.84
C THR A 31 4.42 -5.81 -7.51
N HIS A 32 3.57 -6.19 -8.45
CA HIS A 32 2.75 -5.24 -9.20
C HIS A 32 1.94 -4.33 -8.27
N LEU A 33 1.50 -3.21 -8.83
CA LEU A 33 0.70 -2.22 -8.11
C LEU A 33 -0.13 -1.42 -9.10
N ILE A 34 -0.82 -2.14 -9.98
CA ILE A 34 -1.65 -1.53 -11.02
C ILE A 34 -2.53 -0.40 -10.48
N ASN A 35 -1.98 0.80 -10.57
CA ASN A 35 -2.65 2.02 -10.17
C ASN A 35 -3.26 1.98 -8.77
N PRO A 36 -2.44 2.27 -7.75
CA PRO A 36 -2.90 2.32 -6.36
C PRO A 36 -3.45 3.70 -6.05
N HIS A 37 -4.63 3.73 -5.44
CA HIS A 37 -5.28 5.00 -5.14
C HIS A 37 -5.05 5.45 -3.70
N ILE A 38 -4.63 6.69 -3.54
CA ILE A 38 -4.38 7.28 -2.22
C ILE A 38 -5.25 8.52 -2.04
N ILE A 39 -5.92 8.61 -0.90
CA ILE A 39 -6.80 9.74 -0.62
C ILE A 39 -6.36 10.52 0.61
N LEU A 40 -6.61 11.83 0.59
CA LEU A 40 -6.24 12.69 1.70
C LEU A 40 -7.47 13.44 2.22
N SER A 41 -7.70 13.35 3.53
CA SER A 41 -8.84 14.00 4.16
C SER A 41 -8.39 14.90 5.30
N LYS A 42 -9.34 15.41 6.07
CA LYS A 42 -9.03 16.28 7.19
C LYS A 42 -10.27 16.53 8.05
N GLU A 43 -10.05 16.65 9.34
CA GLU A 43 -11.12 16.91 10.30
C GLU A 43 -10.71 18.06 11.19
N PRO A 44 -11.65 18.68 11.91
CA PRO A 44 -11.35 19.81 12.78
C PRO A 44 -10.16 19.55 13.68
N GLN A 45 -9.88 18.27 13.87
CA GLN A 45 -8.76 17.86 14.69
C GLN A 45 -7.48 17.86 13.87
N GLY A 46 -7.34 16.87 13.01
CA GLY A 46 -6.15 16.77 12.19
C GLY A 46 -6.44 16.24 10.80
N PHE A 47 -5.42 15.68 10.16
CA PHE A 47 -5.58 15.14 8.81
C PHE A 47 -5.58 13.62 8.78
N VAL A 48 -6.27 13.09 7.79
CA VAL A 48 -6.39 11.66 7.60
C VAL A 48 -5.93 11.27 6.20
N ALA A 49 -5.23 10.13 6.09
CA ALA A 49 -4.74 9.67 4.80
C ALA A 49 -5.06 8.19 4.60
N ASP A 50 -5.74 7.88 3.50
CA ASP A 50 -6.10 6.50 3.20
C ASP A 50 -5.44 6.05 1.90
N ALA A 51 -5.13 4.76 1.81
CA ALA A 51 -4.49 4.23 0.61
C ALA A 51 -4.95 2.81 0.31
N THR A 52 -5.10 2.52 -0.98
CA THR A 52 -5.53 1.20 -1.42
C THR A 52 -4.67 0.73 -2.59
N ILE A 53 -4.17 -0.49 -2.52
CA ILE A 53 -3.32 -1.01 -3.59
C ILE A 53 -3.73 -2.43 -3.99
N ASN A 54 -3.72 -2.67 -5.30
CA ASN A 54 -4.06 -3.98 -5.84
C ASN A 54 -2.81 -4.75 -6.24
N THR A 55 -2.61 -5.90 -5.61
CA THR A 55 -1.45 -6.75 -5.89
C THR A 55 -1.90 -8.05 -6.54
N PRO A 56 -0.97 -8.78 -7.19
CA PRO A 56 -1.30 -10.05 -7.84
C PRO A 56 -1.45 -11.20 -6.84
N ASN A 57 -1.22 -10.91 -5.56
CA ASN A 57 -1.34 -11.93 -4.52
C ASN A 57 -2.22 -11.43 -3.37
N GLY A 58 -3.08 -10.46 -3.65
CA GLY A 58 -3.96 -9.93 -2.61
C GLY A 58 -4.12 -8.42 -2.71
N VAL A 59 -4.69 -7.83 -1.66
CA VAL A 59 -4.92 -6.39 -1.62
C VAL A 59 -4.42 -5.79 -0.31
N LEU A 60 -3.94 -4.55 -0.38
CA LEU A 60 -3.43 -3.87 0.81
C LEU A 60 -4.20 -2.58 1.08
N VAL A 61 -4.44 -2.29 2.36
CA VAL A 61 -5.16 -1.10 2.76
C VAL A 61 -4.53 -0.49 4.03
N ALA A 62 -4.45 0.84 4.08
CA ALA A 62 -3.87 1.51 5.22
C ALA A 62 -4.46 2.91 5.42
N SER A 63 -4.32 3.42 6.64
CA SER A 63 -4.85 4.74 6.99
C SER A 63 -3.95 5.46 7.99
N GLY A 64 -4.02 6.78 7.98
CA GLY A 64 -3.22 7.59 8.91
C GLY A 64 -3.94 8.87 9.28
N LYS A 65 -4.47 8.92 10.50
CA LYS A 65 -5.21 10.08 10.98
C LYS A 65 -4.41 10.91 11.99
N HIS A 66 -3.14 11.14 11.70
CA HIS A 66 -2.30 11.95 12.58
C HIS A 66 -2.63 13.43 12.42
N GLU A 67 -2.34 14.22 13.45
CA GLU A 67 -2.62 15.65 13.41
C GLU A 67 -1.82 16.34 12.29
N ASP A 68 -0.69 15.74 11.93
CA ASP A 68 0.17 16.30 10.89
C ASP A 68 -0.09 15.63 9.55
N MET A 69 -0.43 16.44 8.55
CA MET A 69 -0.71 15.95 7.20
C MET A 69 0.38 15.00 6.72
N TYR A 70 1.63 15.43 6.85
CA TYR A 70 2.78 14.64 6.40
C TYR A 70 2.93 13.35 7.22
N THR A 71 2.65 13.45 8.52
CA THR A 71 2.77 12.30 9.41
C THR A 71 1.77 11.22 9.01
N ALA A 72 0.55 11.64 8.69
CA ALA A 72 -0.50 10.71 8.29
C ALA A 72 -0.10 9.97 7.02
N ILE A 73 0.37 10.72 6.03
CA ILE A 73 0.80 10.14 4.76
C ILE A 73 1.94 9.14 4.99
N ASN A 74 2.93 9.57 5.75
CA ASN A 74 4.08 8.72 6.05
C ASN A 74 3.66 7.50 6.86
N GLU A 75 2.75 7.70 7.80
CA GLU A 75 2.25 6.62 8.64
C GLU A 75 1.49 5.60 7.79
N LEU A 76 0.63 6.09 6.90
CA LEU A 76 -0.14 5.22 6.03
C LEU A 76 0.79 4.27 5.28
N ILE A 77 1.74 4.82 4.52
CA ILE A 77 2.68 3.99 3.78
C ILE A 77 3.42 3.05 4.73
N ASN A 78 3.60 3.48 5.97
CA ASN A 78 4.26 2.67 6.97
C ASN A 78 3.48 1.36 7.16
N LYS A 79 2.17 1.49 7.07
CA LYS A 79 1.26 0.36 7.21
C LYS A 79 1.28 -0.49 5.94
N LEU A 80 1.58 0.14 4.81
CA LEU A 80 1.68 -0.60 3.56
C LEU A 80 2.82 -1.59 3.70
N GLU A 81 3.95 -1.06 4.16
CA GLU A 81 5.15 -1.85 4.41
C GLU A 81 4.89 -2.88 5.49
N ARG A 82 4.27 -2.45 6.58
CA ARG A 82 3.98 -3.32 7.70
C ARG A 82 3.04 -4.45 7.28
N GLN A 83 2.08 -4.14 6.41
CA GLN A 83 1.13 -5.13 5.94
C GLN A 83 1.77 -6.06 4.91
N LEU A 84 2.63 -5.49 4.08
CA LEU A 84 3.32 -6.26 3.05
C LEU A 84 4.24 -7.30 3.69
N ASN A 85 4.68 -7.01 4.92
CA ASN A 85 5.56 -7.92 5.64
C ASN A 85 4.85 -9.25 5.92
N LYS A 86 3.52 -9.18 6.04
CA LYS A 86 2.73 -10.37 6.31
C LYS A 86 2.66 -11.27 5.08
N LEU A 87 2.88 -10.69 3.91
CA LEU A 87 2.85 -11.46 2.66
C LEU A 87 4.02 -12.43 2.60
N GLN A 88 5.22 -11.91 2.77
CA GLN A 88 6.42 -12.73 2.74
C GLN A 88 6.59 -13.51 4.04
N HIS A 89 5.77 -13.18 5.04
CA HIS A 89 5.83 -13.85 6.33
C HIS A 89 7.20 -13.68 6.97
N LYS A 90 7.36 -14.21 8.18
CA LYS A 90 8.62 -14.13 8.89
C LYS A 90 8.61 -15.02 10.12
N GLY A 91 7.50 -14.98 10.86
CA GLY A 91 7.37 -15.80 12.06
C GLY A 91 6.28 -16.84 11.94
N GLU A 92 5.23 -16.52 11.19
CA GLU A 92 4.11 -17.43 11.00
C GLU A 92 3.91 -17.74 9.52
N ALA A 93 3.68 -19.01 9.21
CA ALA A 93 3.47 -19.44 7.84
C ALA A 93 3.01 -20.88 7.77
N ARG A 94 2.28 -21.22 6.72
CA ARG A 94 1.77 -22.58 6.54
C ARG A 94 1.54 -22.88 5.06
N ARG A 95 1.88 -24.10 4.65
CA ARG A 95 1.70 -24.52 3.26
C ARG A 95 0.37 -25.23 3.07
N ALA A 96 -0.25 -25.01 1.91
CA ALA A 96 -1.53 -25.64 1.61
C ALA A 96 -1.33 -26.94 0.84
N ALA A 97 -2.44 -27.58 0.47
CA ALA A 97 -2.39 -28.84 -0.27
C ALA A 97 -3.65 -29.04 -1.09
N THR A 98 -3.54 -29.83 -2.15
CA THR A 98 -4.68 -30.11 -3.02
C THR A 98 -4.54 -31.47 -3.69
N SER A 99 -3.56 -31.59 -4.59
CA SER A 99 -3.32 -32.84 -5.30
C SER A 99 -4.52 -33.23 -6.16
N VAL A 100 -4.26 -33.42 -7.46
CA VAL A 100 -5.32 -33.78 -8.39
C VAL A 100 -4.91 -34.98 -9.25
N LYS A 101 -3.89 -35.69 -8.81
CA LYS A 101 -3.40 -36.87 -9.54
C LYS A 101 -2.96 -36.49 -10.95
N ASP A 102 -1.66 -36.56 -11.21
CA ASP A 102 -1.11 -36.23 -12.52
C ASP A 102 0.24 -36.91 -12.72
N ALA A 103 0.26 -37.93 -13.57
CA ALA A 103 1.49 -38.66 -13.86
C ALA A 103 1.61 -38.98 -15.34
N ASN A 104 0.55 -39.57 -15.90
CA ASN A 104 0.54 -39.94 -17.31
C ASN A 104 0.70 -38.71 -18.19
N PHE A 105 0.84 -38.94 -19.49
CA PHE A 105 1.00 -37.84 -20.45
C PHE A 105 0.63 -38.29 -21.86
N VAL A 106 0.78 -37.39 -22.82
CA VAL A 106 0.47 -37.67 -24.22
C VAL A 106 -0.85 -38.44 -24.35
N GLU A 107 -1.86 -37.97 -23.63
CA GLU A 107 -3.17 -38.61 -23.67
C GLU A 107 -3.73 -38.63 -25.09
N GLU A 108 -3.34 -37.65 -25.90
CA GLU A 108 -3.80 -37.56 -27.27
C GLU A 108 -3.38 -38.80 -28.07
N VAL A 109 -3.94 -38.95 -29.27
CA VAL A 109 -3.62 -40.08 -30.12
C VAL A 109 -3.75 -39.72 -31.59
N GLU A 110 -2.80 -40.16 -32.40
CA GLU A 110 -2.81 -39.89 -33.83
C GLU A 110 -2.77 -38.38 -34.09
N GLU A 111 -1.63 -37.91 -34.61
CA GLU A 111 -1.48 -36.49 -34.91
C GLU A 111 -0.90 -36.29 -36.30
N GLU A 112 -0.93 -35.05 -36.79
CA GLU A 112 -0.41 -34.73 -38.11
C GLU A 112 0.41 -33.44 -38.07
N THR A 1 1.64 7.55 -13.07
CA THR A 1 1.97 6.24 -12.45
C THR A 1 1.31 6.10 -11.07
N MET A 2 1.22 7.21 -10.35
CA MET A 2 0.61 7.21 -9.02
C MET A 2 -0.69 8.00 -9.02
N ASN A 3 -1.56 7.69 -8.08
CA ASN A 3 -2.85 8.38 -7.97
C ASN A 3 -3.02 9.02 -6.60
N ILE A 4 -3.06 10.35 -6.57
CA ILE A 4 -3.23 11.08 -5.33
C ILE A 4 -4.45 12.01 -5.40
N THR A 5 -5.38 11.84 -4.45
CA THR A 5 -6.59 12.65 -4.43
C THR A 5 -6.89 13.15 -3.02
N SER A 6 -7.64 14.24 -2.94
CA SER A 6 -8.01 14.84 -1.65
C SER A 6 -9.16 15.81 -1.82
N LYS A 7 -10.10 15.80 -0.88
CA LYS A 7 -11.26 16.68 -0.93
C LYS A 7 -11.09 17.86 0.01
N GLN A 8 -9.84 18.21 0.32
CA GLN A 8 -9.55 19.32 1.20
C GLN A 8 -8.35 20.12 0.70
N MET A 9 -7.97 19.90 -0.56
CA MET A 9 -6.84 20.60 -1.16
C MET A 9 -6.53 20.05 -2.54
N GLU A 10 -5.48 20.58 -3.16
CA GLU A 10 -5.08 20.15 -4.50
C GLU A 10 -3.76 19.38 -4.44
N ILE A 11 -3.37 18.80 -5.56
CA ILE A 11 -2.13 18.03 -5.63
C ILE A 11 -0.96 18.92 -6.05
N THR A 12 -0.03 19.10 -5.11
CA THR A 12 1.15 19.91 -5.37
C THR A 12 2.35 19.04 -5.72
N PRO A 13 3.35 19.61 -6.41
CA PRO A 13 4.57 18.88 -6.80
C PRO A 13 5.35 18.40 -5.58
N ALA A 14 5.02 18.92 -4.41
CA ALA A 14 5.69 18.53 -3.18
C ALA A 14 5.04 17.29 -2.59
N ILE A 15 3.72 17.25 -2.64
CA ILE A 15 2.96 16.13 -2.13
C ILE A 15 3.11 14.94 -3.07
N ARG A 16 3.32 15.24 -4.35
CA ARG A 16 3.50 14.20 -5.34
C ARG A 16 4.89 13.60 -5.21
N GLN A 17 5.87 14.48 -5.03
CA GLN A 17 7.26 14.07 -4.86
C GLN A 17 7.44 13.32 -3.54
N HIS A 18 6.76 13.76 -2.50
CA HIS A 18 6.86 13.08 -1.21
C HIS A 18 6.37 11.63 -1.37
N VAL A 19 5.17 11.48 -1.90
CA VAL A 19 4.62 10.16 -2.14
C VAL A 19 5.49 9.40 -3.14
N ALA A 20 5.81 10.04 -4.26
CA ALA A 20 6.64 9.39 -5.27
C ALA A 20 7.96 8.91 -4.70
N ASP A 21 8.55 9.68 -3.78
CA ASP A 21 9.81 9.27 -3.18
C ASP A 21 9.63 8.00 -2.36
N ARG A 22 8.45 7.85 -1.77
CA ARG A 22 8.14 6.70 -0.95
C ARG A 22 7.82 5.45 -1.79
N LEU A 23 7.08 5.61 -2.89
CA LEU A 23 6.74 4.46 -3.70
C LEU A 23 7.99 3.84 -4.32
N ALA A 24 8.83 4.68 -4.92
CA ALA A 24 10.06 4.23 -5.55
C ALA A 24 10.98 3.57 -4.52
N LYS A 25 10.82 3.95 -3.25
CA LYS A 25 11.64 3.41 -2.18
C LYS A 25 11.14 2.03 -1.77
N LEU A 26 9.83 1.84 -1.83
CA LEU A 26 9.22 0.56 -1.46
C LEU A 26 9.31 -0.44 -2.61
N GLU A 27 10.54 -0.70 -3.06
CA GLU A 27 10.78 -1.63 -4.16
C GLU A 27 11.45 -2.91 -3.66
N LYS A 28 11.95 -2.90 -2.43
CA LYS A 28 12.62 -4.06 -1.85
C LYS A 28 11.65 -5.23 -1.65
N TRP A 29 10.36 -4.93 -1.74
CA TRP A 29 9.33 -5.96 -1.58
C TRP A 29 9.07 -6.69 -2.88
N GLN A 30 8.39 -7.83 -2.78
CA GLN A 30 8.07 -8.63 -3.96
C GLN A 30 6.79 -8.10 -4.61
N THR A 31 5.83 -8.99 -4.92
CA THR A 31 4.57 -8.59 -5.54
C THR A 31 4.82 -7.62 -6.69
N HIS A 32 3.75 -6.98 -7.16
CA HIS A 32 3.85 -6.03 -8.25
C HIS A 32 2.88 -4.86 -8.08
N LEU A 33 1.66 -5.16 -7.62
CA LEU A 33 0.65 -4.14 -7.42
C LEU A 33 0.25 -3.53 -8.75
N ILE A 34 -1.01 -3.11 -8.87
CA ILE A 34 -1.50 -2.53 -10.11
C ILE A 34 -2.40 -1.32 -9.86
N ASN A 35 -1.88 -0.15 -10.23
CA ASN A 35 -2.62 1.11 -10.09
C ASN A 35 -2.93 1.43 -8.62
N PRO A 36 -1.95 1.99 -7.90
CA PRO A 36 -2.12 2.38 -6.50
C PRO A 36 -2.80 3.75 -6.38
N HIS A 37 -3.63 3.91 -5.35
CA HIS A 37 -4.34 5.16 -5.14
C HIS A 37 -4.28 5.61 -3.69
N ILE A 38 -3.92 6.88 -3.50
CA ILE A 38 -3.82 7.46 -2.16
C ILE A 38 -4.78 8.64 -2.04
N ILE A 39 -5.51 8.68 -0.92
CA ILE A 39 -6.46 9.75 -0.68
C ILE A 39 -6.10 10.53 0.59
N LEU A 40 -6.37 11.83 0.58
CA LEU A 40 -6.08 12.68 1.72
C LEU A 40 -7.33 13.40 2.20
N SER A 41 -7.62 13.27 3.49
CA SER A 41 -8.79 13.91 4.08
C SER A 41 -8.37 14.80 5.25
N LYS A 42 -9.35 15.34 5.96
CA LYS A 42 -9.07 16.22 7.09
C LYS A 42 -10.27 16.32 8.03
N GLU A 43 -9.97 16.33 9.32
CA GLU A 43 -10.98 16.43 10.36
C GLU A 43 -10.56 17.51 11.35
N PRO A 44 -11.50 18.10 12.09
CA PRO A 44 -11.18 19.15 13.07
C PRO A 44 -10.09 18.71 14.04
N GLN A 45 -9.97 17.40 14.20
CA GLN A 45 -8.98 16.83 15.11
C GLN A 45 -7.63 16.57 14.44
N GLY A 46 -7.56 16.75 13.12
CA GLY A 46 -6.31 16.51 12.42
C GLY A 46 -6.53 16.06 10.99
N PHE A 47 -5.50 15.51 10.36
CA PHE A 47 -5.62 15.04 8.98
C PHE A 47 -5.61 13.53 8.90
N VAL A 48 -6.23 13.02 7.85
CA VAL A 48 -6.34 11.59 7.62
C VAL A 48 -5.85 11.22 6.22
N ALA A 49 -5.14 10.11 6.11
CA ALA A 49 -4.62 9.65 4.83
C ALA A 49 -4.94 8.17 4.62
N ASP A 50 -5.61 7.85 3.52
CA ASP A 50 -5.97 6.47 3.21
C ASP A 50 -5.34 6.02 1.91
N ALA A 51 -4.99 4.75 1.83
CA ALA A 51 -4.37 4.21 0.62
C ALA A 51 -4.82 2.78 0.34
N THR A 52 -5.03 2.46 -0.92
CA THR A 52 -5.45 1.13 -1.32
C THR A 52 -4.66 0.65 -2.53
N ILE A 53 -4.16 -0.57 -2.47
CA ILE A 53 -3.38 -1.13 -3.57
C ILE A 53 -3.86 -2.53 -3.94
N ASN A 54 -4.01 -2.77 -5.23
CA ASN A 54 -4.44 -4.08 -5.72
C ASN A 54 -3.26 -4.85 -6.29
N THR A 55 -2.97 -5.99 -5.69
CA THR A 55 -1.86 -6.83 -6.14
C THR A 55 -2.37 -8.16 -6.71
N PRO A 56 -1.59 -8.77 -7.61
CA PRO A 56 -1.97 -10.05 -8.23
C PRO A 56 -2.12 -11.18 -7.22
N ASN A 57 -1.59 -10.97 -6.01
CA ASN A 57 -1.66 -11.98 -4.96
C ASN A 57 -2.42 -11.48 -3.74
N GLY A 58 -3.26 -10.47 -3.93
CA GLY A 58 -4.04 -9.93 -2.82
C GLY A 58 -4.18 -8.42 -2.88
N VAL A 59 -4.61 -7.84 -1.76
CA VAL A 59 -4.79 -6.40 -1.67
C VAL A 59 -4.37 -5.88 -0.31
N LEU A 60 -3.77 -4.70 -0.28
CA LEU A 60 -3.31 -4.09 0.95
C LEU A 60 -4.03 -2.77 1.22
N VAL A 61 -4.22 -2.45 2.50
CA VAL A 61 -4.88 -1.21 2.90
C VAL A 61 -4.18 -0.58 4.08
N ALA A 62 -4.16 0.75 4.12
CA ALA A 62 -3.51 1.48 5.21
C ALA A 62 -4.13 2.86 5.40
N SER A 63 -4.08 3.33 6.65
CA SER A 63 -4.64 4.63 7.00
C SER A 63 -3.78 5.36 8.03
N GLY A 64 -3.95 6.68 8.10
CA GLY A 64 -3.20 7.49 9.03
C GLY A 64 -3.95 8.76 9.39
N LYS A 65 -4.42 8.84 10.63
CA LYS A 65 -5.18 10.00 11.09
C LYS A 65 -4.42 10.82 12.12
N HIS A 66 -3.14 11.06 11.86
CA HIS A 66 -2.32 11.86 12.76
C HIS A 66 -2.66 13.34 12.62
N GLU A 67 -2.39 14.13 13.66
CA GLU A 67 -2.67 15.55 13.63
C GLU A 67 -1.90 16.25 12.52
N ASP A 68 -0.76 15.69 12.15
CA ASP A 68 0.08 16.27 11.10
C ASP A 68 -0.16 15.60 9.75
N MET A 69 -0.58 16.39 8.77
CA MET A 69 -0.86 15.90 7.43
C MET A 69 0.28 15.01 6.90
N TYR A 70 1.50 15.52 6.98
CA TYR A 70 2.67 14.79 6.49
C TYR A 70 2.91 13.53 7.32
N THR A 71 2.73 13.63 8.64
CA THR A 71 2.93 12.50 9.52
C THR A 71 1.91 11.39 9.22
N ALA A 72 0.68 11.80 8.96
CA ALA A 72 -0.39 10.85 8.65
C ALA A 72 -0.06 10.08 7.38
N ILE A 73 0.30 10.81 6.33
CA ILE A 73 0.65 10.18 5.06
C ILE A 73 1.83 9.23 5.24
N ASN A 74 2.84 9.70 5.95
CA ASN A 74 4.02 8.89 6.22
C ASN A 74 3.66 7.67 7.07
N GLU A 75 2.74 7.88 8.01
CA GLU A 75 2.30 6.79 8.88
C GLU A 75 1.54 5.75 8.07
N LEU A 76 0.70 6.19 7.16
CA LEU A 76 -0.04 5.28 6.31
C LEU A 76 0.93 4.32 5.62
N ILE A 77 1.90 4.88 4.91
CA ILE A 77 2.91 4.08 4.23
C ILE A 77 3.63 3.19 5.24
N ASN A 78 3.74 3.66 6.48
CA ASN A 78 4.38 2.88 7.53
C ASN A 78 3.65 1.54 7.67
N LYS A 79 2.34 1.61 7.50
CA LYS A 79 1.47 0.45 7.58
C LYS A 79 1.55 -0.37 6.29
N LEU A 80 1.78 0.31 5.18
CA LEU A 80 1.93 -0.39 3.90
C LEU A 80 3.15 -1.29 4.00
N GLU A 81 4.26 -0.69 4.44
CA GLU A 81 5.51 -1.40 4.65
C GLU A 81 5.32 -2.49 5.69
N ARG A 82 4.69 -2.14 6.80
CA ARG A 82 4.45 -3.09 7.89
C ARG A 82 3.54 -4.22 7.41
N GLN A 83 2.74 -3.95 6.39
CA GLN A 83 1.82 -4.95 5.84
C GLN A 83 2.59 -5.96 5.00
N LEU A 84 3.50 -5.47 4.17
CA LEU A 84 4.30 -6.34 3.32
C LEU A 84 5.21 -7.24 4.15
N ASN A 85 5.56 -6.77 5.34
CA ASN A 85 6.43 -7.54 6.23
C ASN A 85 5.74 -8.83 6.67
N LYS A 86 4.41 -8.77 6.79
CA LYS A 86 3.63 -9.92 7.19
C LYS A 86 3.53 -10.94 6.06
N LEU A 87 3.66 -10.45 4.83
CA LEU A 87 3.59 -11.32 3.65
C LEU A 87 4.82 -12.23 3.57
N GLN A 88 5.87 -11.89 4.31
CA GLN A 88 7.10 -12.67 4.31
C GLN A 88 6.94 -13.95 5.14
N HIS A 89 5.80 -14.08 5.82
CA HIS A 89 5.54 -15.26 6.64
C HIS A 89 4.04 -15.50 6.79
N LYS A 90 3.68 -16.51 7.57
CA LYS A 90 2.28 -16.86 7.81
C LYS A 90 1.74 -17.75 6.68
N GLY A 91 1.89 -19.06 6.86
CA GLY A 91 1.43 -20.00 5.84
C GLY A 91 -0.08 -20.17 5.87
N GLU A 92 -0.67 -20.00 7.05
CA GLU A 92 -2.12 -20.14 7.20
C GLU A 92 -2.57 -21.55 6.83
N ALA A 93 -3.88 -21.77 6.89
CA ALA A 93 -4.44 -23.08 6.56
C ALA A 93 -5.67 -22.93 5.67
N ARG A 94 -6.11 -24.04 5.09
CA ARG A 94 -7.28 -24.05 4.22
C ARG A 94 -8.54 -24.35 5.00
N ARG A 95 -9.68 -23.90 4.48
CA ARG A 95 -10.97 -24.12 5.13
C ARG A 95 -12.02 -24.55 4.11
N ALA A 96 -12.23 -23.73 3.09
CA ALA A 96 -13.20 -24.02 2.05
C ALA A 96 -12.74 -23.50 0.69
N ALA A 97 -12.87 -24.32 -0.33
CA ALA A 97 -12.47 -23.95 -1.68
C ALA A 97 -13.34 -22.81 -2.20
N THR A 98 -14.65 -23.03 -2.22
CA THR A 98 -15.59 -22.01 -2.70
C THR A 98 -16.05 -21.11 -1.56
N SER A 99 -16.03 -19.81 -1.80
CA SER A 99 -16.45 -18.84 -0.80
C SER A 99 -16.40 -17.42 -1.36
N VAL A 100 -15.34 -17.12 -2.11
CA VAL A 100 -15.17 -15.80 -2.69
C VAL A 100 -16.29 -15.50 -3.69
N LYS A 101 -16.30 -16.23 -4.79
CA LYS A 101 -17.31 -16.04 -5.82
C LYS A 101 -18.34 -17.17 -5.79
N ASP A 102 -19.59 -16.82 -5.48
CA ASP A 102 -20.66 -17.80 -5.42
C ASP A 102 -21.27 -18.02 -6.80
N ALA A 103 -22.36 -18.79 -6.84
CA ALA A 103 -23.05 -19.07 -8.10
C ALA A 103 -24.56 -18.92 -7.94
N ASN A 104 -25.10 -19.47 -6.87
CA ASN A 104 -26.53 -19.39 -6.62
C ASN A 104 -26.87 -18.16 -5.78
N PHE A 105 -28.13 -17.73 -5.85
CA PHE A 105 -28.58 -16.57 -5.10
C PHE A 105 -27.91 -15.29 -5.61
N VAL A 106 -26.63 -15.13 -5.30
CA VAL A 106 -25.87 -13.96 -5.71
C VAL A 106 -26.65 -12.66 -5.50
N GLU A 107 -26.11 -11.56 -6.02
CA GLU A 107 -26.76 -10.26 -5.88
C GLU A 107 -27.70 -9.99 -7.05
N GLU A 108 -28.94 -10.44 -6.92
CA GLU A 108 -29.93 -10.26 -7.97
C GLU A 108 -30.45 -8.81 -7.99
N VAL A 109 -30.95 -8.39 -9.14
CA VAL A 109 -31.49 -7.04 -9.30
C VAL A 109 -30.37 -6.00 -9.21
N GLU A 110 -29.83 -5.81 -8.02
CA GLU A 110 -28.75 -4.85 -7.80
C GLU A 110 -28.37 -4.79 -6.32
N GLU A 111 -29.37 -4.75 -5.45
CA GLU A 111 -29.14 -4.69 -4.01
C GLU A 111 -30.45 -4.76 -3.25
N GLU A 112 -30.36 -4.81 -1.93
CA GLU A 112 -31.54 -4.89 -1.08
C GLU A 112 -31.99 -3.49 -0.65
N THR A 1 3.27 5.01 -11.66
CA THR A 1 2.81 6.34 -11.19
C THR A 1 1.49 6.23 -10.43
N MET A 2 1.59 6.06 -9.11
CA MET A 2 0.40 5.93 -8.27
C MET A 2 -0.49 7.16 -8.41
N ASN A 3 -1.69 7.07 -7.83
CA ASN A 3 -2.64 8.17 -7.89
C ASN A 3 -2.95 8.73 -6.51
N ILE A 4 -2.99 10.05 -6.41
CA ILE A 4 -3.27 10.73 -5.15
C ILE A 4 -4.44 11.71 -5.32
N THR A 5 -5.46 11.57 -4.50
CA THR A 5 -6.62 12.44 -4.58
C THR A 5 -7.04 12.92 -3.19
N SER A 6 -7.82 14.00 -3.15
CA SER A 6 -8.28 14.58 -1.89
C SER A 6 -9.45 15.53 -2.14
N LYS A 7 -10.45 15.45 -1.28
CA LYS A 7 -11.63 16.31 -1.39
C LYS A 7 -11.57 17.47 -0.41
N GLN A 8 -10.36 17.92 -0.12
CA GLN A 8 -10.16 19.03 0.80
C GLN A 8 -9.03 19.93 0.30
N MET A 9 -7.92 19.32 -0.08
CA MET A 9 -6.77 20.08 -0.57
C MET A 9 -6.42 19.65 -2.00
N GLU A 10 -5.27 20.12 -2.47
CA GLU A 10 -4.81 19.80 -3.82
C GLU A 10 -3.49 19.05 -3.77
N ILE A 11 -3.11 18.43 -4.88
CA ILE A 11 -1.87 17.67 -4.95
C ILE A 11 -0.72 18.55 -5.39
N THR A 12 0.24 18.75 -4.50
CA THR A 12 1.41 19.55 -4.78
C THR A 12 2.61 18.69 -5.13
N PRO A 13 3.59 19.24 -5.88
CA PRO A 13 4.80 18.50 -6.27
C PRO A 13 5.59 18.04 -5.06
N ALA A 14 5.30 18.63 -3.90
CA ALA A 14 5.98 18.24 -2.67
C ALA A 14 5.33 17.00 -2.08
N ILE A 15 4.00 16.97 -2.13
CA ILE A 15 3.24 15.83 -1.62
C ILE A 15 3.40 14.66 -2.57
N ARG A 16 3.60 14.96 -3.84
CA ARG A 16 3.79 13.94 -4.86
C ARG A 16 5.19 13.34 -4.71
N GLN A 17 6.18 14.21 -4.53
CA GLN A 17 7.56 13.79 -4.35
C GLN A 17 7.71 13.07 -3.02
N HIS A 18 7.01 13.53 -1.98
CA HIS A 18 7.08 12.88 -0.68
C HIS A 18 6.63 11.42 -0.81
N VAL A 19 5.40 11.21 -1.24
CA VAL A 19 4.89 9.87 -1.43
C VAL A 19 5.73 9.13 -2.47
N ALA A 20 6.03 9.79 -3.57
CA ALA A 20 6.83 9.20 -4.63
C ALA A 20 8.20 8.75 -4.10
N ASP A 21 8.83 9.57 -3.26
CA ASP A 21 10.13 9.21 -2.71
C ASP A 21 10.02 7.91 -1.92
N ARG A 22 8.87 7.71 -1.30
CA ARG A 22 8.62 6.50 -0.52
C ARG A 22 8.40 5.31 -1.44
N LEU A 23 7.92 5.58 -2.66
CA LEU A 23 7.69 4.51 -3.63
C LEU A 23 9.01 3.87 -4.03
N ALA A 24 9.95 4.72 -4.46
CA ALA A 24 11.27 4.26 -4.87
C ALA A 24 11.98 3.57 -3.71
N LYS A 25 11.56 3.90 -2.49
CA LYS A 25 12.14 3.31 -1.29
C LYS A 25 11.57 1.92 -1.06
N LEU A 26 10.35 1.70 -1.55
CA LEU A 26 9.69 0.41 -1.40
C LEU A 26 10.25 -0.60 -2.41
N GLU A 27 11.55 -0.86 -2.30
CA GLU A 27 12.21 -1.80 -3.20
C GLU A 27 11.65 -3.22 -3.02
N LYS A 28 11.77 -3.77 -1.83
CA LYS A 28 11.27 -5.12 -1.55
C LYS A 28 9.82 -5.06 -1.05
N TRP A 29 9.04 -4.17 -1.67
CA TRP A 29 7.64 -3.97 -1.31
C TRP A 29 6.80 -3.58 -2.53
N GLN A 30 7.39 -2.79 -3.43
CA GLN A 30 6.68 -2.37 -4.63
C GLN A 30 6.50 -3.55 -5.59
N THR A 31 5.71 -4.53 -5.14
CA THR A 31 5.45 -5.72 -5.94
C THR A 31 4.42 -5.44 -7.03
N HIS A 32 3.87 -6.51 -7.61
CA HIS A 32 2.88 -6.38 -8.67
C HIS A 32 1.65 -5.61 -8.19
N LEU A 33 1.74 -4.29 -8.23
CA LEU A 33 0.63 -3.43 -7.82
C LEU A 33 -0.24 -3.08 -9.03
N ILE A 34 -1.55 -2.99 -8.82
CA ILE A 34 -2.45 -2.67 -9.92
C ILE A 34 -3.54 -1.69 -9.49
N ASN A 35 -3.48 -0.51 -10.10
CA ASN A 35 -4.42 0.58 -9.87
C ASN A 35 -4.22 1.22 -8.49
N PRO A 36 -2.96 1.57 -8.13
CA PRO A 36 -2.67 2.18 -6.83
C PRO A 36 -3.37 3.52 -6.65
N HIS A 37 -4.12 3.66 -5.57
CA HIS A 37 -4.83 4.91 -5.32
C HIS A 37 -4.81 5.31 -3.85
N ILE A 38 -4.36 6.54 -3.59
CA ILE A 38 -4.30 7.06 -2.23
C ILE A 38 -5.18 8.29 -2.08
N ILE A 39 -5.89 8.37 -0.96
CA ILE A 39 -6.78 9.49 -0.70
C ILE A 39 -6.33 10.31 0.51
N LEU A 40 -6.59 11.60 0.48
CA LEU A 40 -6.21 12.50 1.56
C LEU A 40 -7.44 13.22 2.11
N SER A 41 -7.64 13.13 3.41
CA SER A 41 -8.78 13.78 4.06
C SER A 41 -8.30 14.69 5.19
N LYS A 42 -9.25 15.20 5.97
CA LYS A 42 -8.94 16.08 7.08
C LYS A 42 -10.18 16.38 7.90
N GLU A 43 -9.99 16.56 9.19
CA GLU A 43 -11.09 16.86 10.11
C GLU A 43 -10.68 18.03 10.99
N PRO A 44 -11.63 18.58 11.78
CA PRO A 44 -11.33 19.72 12.65
C PRO A 44 -10.12 19.46 13.54
N GLN A 45 -9.79 18.20 13.69
CA GLN A 45 -8.66 17.80 14.49
C GLN A 45 -7.40 17.83 13.66
N GLY A 46 -7.22 16.80 12.84
CA GLY A 46 -6.03 16.71 12.01
C GLY A 46 -6.33 16.15 10.63
N PHE A 47 -5.32 15.57 9.99
CA PHE A 47 -5.48 15.02 8.66
C PHE A 47 -5.44 13.50 8.64
N VAL A 48 -6.14 12.94 7.67
CA VAL A 48 -6.23 11.50 7.50
C VAL A 48 -5.80 11.10 6.10
N ALA A 49 -5.10 9.98 5.99
CA ALA A 49 -4.64 9.49 4.69
C ALA A 49 -4.94 8.02 4.53
N ASP A 50 -5.66 7.66 3.47
CA ASP A 50 -6.01 6.28 3.21
C ASP A 50 -5.42 5.81 1.88
N ALA A 51 -5.09 4.53 1.79
CA ALA A 51 -4.54 3.99 0.56
C ALA A 51 -4.96 2.55 0.34
N THR A 52 -5.26 2.21 -0.91
CA THR A 52 -5.67 0.85 -1.25
C THR A 52 -4.95 0.39 -2.50
N ILE A 53 -4.38 -0.81 -2.45
CA ILE A 53 -3.65 -1.35 -3.60
C ILE A 53 -4.05 -2.79 -3.89
N ASN A 54 -4.24 -3.08 -5.17
CA ASN A 54 -4.61 -4.43 -5.61
C ASN A 54 -3.40 -5.13 -6.22
N THR A 55 -3.16 -6.36 -5.78
CA THR A 55 -2.03 -7.13 -6.27
C THR A 55 -2.50 -8.51 -6.75
N PRO A 56 -1.67 -9.21 -7.55
CA PRO A 56 -2.01 -10.53 -8.06
C PRO A 56 -2.01 -11.61 -6.98
N ASN A 57 -1.59 -11.24 -5.77
CA ASN A 57 -1.55 -12.18 -4.65
C ASN A 57 -2.34 -11.67 -3.45
N GLY A 58 -3.29 -10.75 -3.71
CA GLY A 58 -4.09 -10.21 -2.63
C GLY A 58 -4.21 -8.69 -2.69
N VAL A 59 -4.71 -8.10 -1.61
CA VAL A 59 -4.88 -6.65 -1.54
C VAL A 59 -4.45 -6.11 -0.19
N LEU A 60 -3.86 -4.92 -0.18
CA LEU A 60 -3.41 -4.30 1.06
C LEU A 60 -4.12 -2.97 1.31
N VAL A 61 -4.23 -2.59 2.58
CA VAL A 61 -4.90 -1.34 2.94
C VAL A 61 -4.19 -0.68 4.13
N ALA A 62 -4.15 0.64 4.14
CA ALA A 62 -3.51 1.37 5.24
C ALA A 62 -4.13 2.74 5.44
N SER A 63 -3.96 3.28 6.65
CA SER A 63 -4.51 4.58 7.01
C SER A 63 -3.59 5.34 7.96
N GLY A 64 -3.74 6.66 7.95
CA GLY A 64 -2.93 7.52 8.82
C GLY A 64 -3.68 8.79 9.19
N LYS A 65 -4.16 8.85 10.42
CA LYS A 65 -4.92 10.00 10.90
C LYS A 65 -4.15 10.85 11.91
N HIS A 66 -2.89 11.14 11.60
CA HIS A 66 -2.07 11.97 12.47
C HIS A 66 -2.46 13.44 12.33
N GLU A 67 -2.17 14.23 13.35
CA GLU A 67 -2.49 15.66 13.32
C GLU A 67 -1.74 16.37 12.19
N ASP A 68 -0.59 15.82 11.81
CA ASP A 68 0.23 16.41 10.76
C ASP A 68 -0.01 15.72 9.42
N MET A 69 -0.39 16.52 8.42
CA MET A 69 -0.66 16.02 7.07
C MET A 69 0.47 15.12 6.58
N TYR A 70 1.71 15.60 6.70
CA TYR A 70 2.87 14.85 6.25
C TYR A 70 3.07 13.58 7.08
N THR A 71 2.83 13.67 8.38
CA THR A 71 2.99 12.52 9.27
C THR A 71 2.00 11.43 8.92
N ALA A 72 0.77 11.82 8.61
CA ALA A 72 -0.27 10.86 8.25
C ALA A 72 0.12 10.11 6.98
N ILE A 73 0.52 10.85 5.96
CA ILE A 73 0.93 10.24 4.70
C ILE A 73 2.10 9.30 4.91
N ASN A 74 3.11 9.77 5.65
CA ASN A 74 4.28 8.96 5.93
C ASN A 74 3.91 7.74 6.77
N GLU A 75 3.00 7.93 7.72
CA GLU A 75 2.54 6.84 8.57
C GLU A 75 1.80 5.79 7.75
N LEU A 76 0.89 6.24 6.91
CA LEU A 76 0.12 5.33 6.06
C LEU A 76 1.08 4.39 5.31
N ILE A 77 1.99 4.97 4.55
CA ILE A 77 2.97 4.15 3.83
C ILE A 77 3.73 3.26 4.81
N ASN A 78 3.92 3.75 6.03
CA ASN A 78 4.59 2.99 7.06
C ASN A 78 3.84 1.69 7.36
N LYS A 79 2.52 1.72 7.12
CA LYS A 79 1.68 0.56 7.33
C LYS A 79 1.66 -0.32 6.09
N LEU A 80 1.89 0.28 4.92
CA LEU A 80 1.94 -0.50 3.70
C LEU A 80 3.11 -1.47 3.81
N GLU A 81 4.26 -0.91 4.16
CA GLU A 81 5.49 -1.68 4.36
C GLU A 81 5.31 -2.68 5.48
N ARG A 82 4.71 -2.24 6.58
CA ARG A 82 4.49 -3.09 7.74
C ARG A 82 3.57 -4.26 7.39
N GLN A 83 2.56 -4.00 6.57
CA GLN A 83 1.62 -5.04 6.17
C GLN A 83 2.26 -5.98 5.16
N LEU A 84 3.05 -5.42 4.25
CA LEU A 84 3.72 -6.20 3.23
C LEU A 84 4.74 -7.15 3.87
N ASN A 85 5.25 -6.75 5.04
CA ASN A 85 6.24 -7.54 5.76
C ASN A 85 5.64 -8.89 6.15
N LYS A 86 4.37 -8.88 6.53
CA LYS A 86 3.67 -10.08 6.93
C LYS A 86 3.36 -10.96 5.72
N LEU A 87 3.25 -10.33 4.55
CA LEU A 87 2.96 -11.05 3.32
C LEU A 87 4.13 -11.93 2.89
N GLN A 88 5.30 -11.68 3.46
CA GLN A 88 6.49 -12.46 3.15
C GLN A 88 6.45 -13.82 3.81
N HIS A 89 6.68 -13.82 5.11
CA HIS A 89 6.68 -15.05 5.88
C HIS A 89 5.27 -15.44 6.29
N LYS A 90 5.08 -16.70 6.66
CA LYS A 90 3.78 -17.19 7.08
C LYS A 90 3.88 -18.59 7.67
N GLY A 91 2.84 -19.02 8.36
CA GLY A 91 2.84 -20.34 8.98
C GLY A 91 1.61 -21.15 8.60
N GLU A 92 0.66 -21.24 9.53
CA GLU A 92 -0.57 -21.99 9.30
C GLU A 92 -1.78 -21.22 9.79
N ALA A 93 -2.82 -21.16 8.96
CA ALA A 93 -4.04 -20.45 9.31
C ALA A 93 -5.21 -21.42 9.46
N ARG A 94 -5.67 -21.60 10.69
CA ARG A 94 -6.79 -22.50 10.98
C ARG A 94 -8.03 -21.71 11.35
N ARG A 95 -9.14 -22.01 10.68
CA ARG A 95 -10.40 -21.33 10.95
C ARG A 95 -11.44 -22.30 11.52
N ALA A 96 -11.46 -22.42 12.85
CA ALA A 96 -12.39 -23.31 13.52
C ALA A 96 -13.22 -22.55 14.55
N ALA A 97 -14.14 -21.72 14.06
CA ALA A 97 -15.01 -20.94 14.95
C ALA A 97 -16.43 -21.49 14.95
N THR A 98 -16.89 -21.89 16.14
CA THR A 98 -18.24 -22.44 16.28
C THR A 98 -19.29 -21.34 16.11
N SER A 99 -20.56 -21.73 16.26
CA SER A 99 -21.66 -20.78 16.12
C SER A 99 -22.06 -20.21 17.49
N VAL A 100 -23.01 -19.28 17.47
CA VAL A 100 -23.49 -18.66 18.69
C VAL A 100 -24.98 -18.92 18.90
N LYS A 101 -25.35 -19.28 20.13
CA LYS A 101 -26.74 -19.56 20.45
C LYS A 101 -27.51 -18.27 20.71
N ASP A 102 -28.37 -17.90 19.77
CA ASP A 102 -29.17 -16.69 19.89
C ASP A 102 -30.45 -16.79 19.08
N ALA A 103 -31.31 -15.79 19.21
CA ALA A 103 -32.58 -15.78 18.48
C ALA A 103 -33.04 -14.34 18.21
N ASN A 104 -32.91 -13.90 16.97
CA ASN A 104 -33.33 -12.57 16.58
C ASN A 104 -33.80 -12.54 15.13
N PHE A 105 -34.43 -13.64 14.70
CA PHE A 105 -34.93 -13.73 13.34
C PHE A 105 -36.38 -14.18 13.33
N VAL A 106 -37.19 -13.55 12.47
CA VAL A 106 -38.60 -13.88 12.36
C VAL A 106 -39.10 -13.66 10.93
N GLU A 107 -38.71 -14.56 10.03
CA GLU A 107 -39.13 -14.47 8.64
C GLU A 107 -38.50 -13.27 7.95
N GLU A 108 -38.93 -12.07 8.35
CA GLU A 108 -38.40 -10.84 7.76
C GLU A 108 -38.67 -10.78 6.27
N VAL A 109 -39.82 -10.21 5.89
CA VAL A 109 -40.19 -10.09 4.49
C VAL A 109 -40.71 -8.69 4.18
N GLU A 110 -41.58 -8.17 5.04
CA GLU A 110 -42.14 -6.85 4.85
C GLU A 110 -42.97 -6.78 3.56
N GLU A 111 -43.58 -7.90 3.19
CA GLU A 111 -44.39 -7.97 1.98
C GLU A 111 -45.71 -7.23 2.19
N GLU A 112 -46.17 -6.57 1.12
CA GLU A 112 -47.43 -5.82 1.17
C GLU A 112 -47.53 -4.98 2.43
N THR A 1 1.67 3.13 -11.53
CA THR A 1 1.34 4.58 -11.48
C THR A 1 0.62 4.92 -10.18
N MET A 2 1.28 5.72 -9.34
CA MET A 2 0.70 6.13 -8.07
C MET A 2 -0.36 7.21 -8.26
N ASN A 3 -1.48 7.07 -7.57
CA ASN A 3 -2.58 8.02 -7.69
C ASN A 3 -2.92 8.63 -6.33
N ILE A 4 -2.79 9.95 -6.23
CA ILE A 4 -3.09 10.66 -5.00
C ILE A 4 -4.23 11.66 -5.24
N THR A 5 -5.29 11.55 -4.45
CA THR A 5 -6.44 12.44 -4.58
C THR A 5 -6.91 12.93 -3.23
N SER A 6 -7.66 14.04 -3.23
CA SER A 6 -8.18 14.62 -2.00
C SER A 6 -9.29 15.61 -2.30
N LYS A 7 -10.31 15.63 -1.45
CA LYS A 7 -11.45 16.52 -1.62
C LYS A 7 -11.33 17.74 -0.71
N GLN A 8 -10.09 18.11 -0.39
CA GLN A 8 -9.84 19.25 0.47
C GLN A 8 -8.61 20.03 -0.01
N MET A 9 -7.55 19.30 -0.34
CA MET A 9 -6.32 19.91 -0.83
C MET A 9 -6.06 19.51 -2.27
N GLU A 10 -4.93 19.96 -2.81
CA GLU A 10 -4.56 19.65 -4.18
C GLU A 10 -3.22 18.91 -4.22
N ILE A 11 -2.87 18.38 -5.39
CA ILE A 11 -1.66 17.62 -5.55
C ILE A 11 -0.50 18.55 -5.90
N THR A 12 0.31 18.83 -4.89
CA THR A 12 1.47 19.68 -5.05
C THR A 12 2.73 18.86 -5.30
N PRO A 13 3.71 19.42 -6.03
CA PRO A 13 4.98 18.73 -6.30
C PRO A 13 5.65 18.25 -5.03
N ALA A 14 5.39 18.95 -3.93
CA ALA A 14 5.97 18.58 -2.65
C ALA A 14 5.30 17.33 -2.09
N ILE A 15 3.97 17.30 -2.17
CA ILE A 15 3.21 16.16 -1.69
C ILE A 15 3.41 14.98 -2.64
N ARG A 16 3.68 15.31 -3.91
CA ARG A 16 3.91 14.30 -4.91
C ARG A 16 5.31 13.72 -4.74
N GLN A 17 6.29 14.60 -4.54
CA GLN A 17 7.67 14.19 -4.35
C GLN A 17 7.83 13.44 -3.03
N HIS A 18 7.16 13.91 -1.98
CA HIS A 18 7.25 13.25 -0.68
C HIS A 18 6.73 11.82 -0.80
N VAL A 19 5.48 11.67 -1.23
CA VAL A 19 4.90 10.34 -1.40
C VAL A 19 5.70 9.55 -2.41
N ALA A 20 5.99 10.16 -3.55
CA ALA A 20 6.76 9.51 -4.61
C ALA A 20 8.14 9.06 -4.13
N ASP A 21 8.80 9.89 -3.33
CA ASP A 21 10.13 9.54 -2.83
C ASP A 21 10.04 8.25 -2.01
N ARG A 22 8.92 8.10 -1.30
CA ARG A 22 8.70 6.91 -0.48
C ARG A 22 8.32 5.72 -1.36
N LEU A 23 7.71 6.00 -2.51
CA LEU A 23 7.31 4.95 -3.43
C LEU A 23 8.53 4.27 -4.03
N ALA A 24 9.36 5.07 -4.71
CA ALA A 24 10.57 4.56 -5.34
C ALA A 24 11.51 3.93 -4.31
N LYS A 25 11.38 4.35 -3.06
CA LYS A 25 12.22 3.83 -1.99
C LYS A 25 11.70 2.46 -1.53
N LEU A 26 10.40 2.27 -1.65
CA LEU A 26 9.76 1.03 -1.26
C LEU A 26 9.95 -0.05 -2.33
N GLU A 27 11.20 -0.36 -2.63
CA GLU A 27 11.52 -1.38 -3.64
C GLU A 27 10.93 -2.73 -3.26
N LYS A 28 11.54 -3.38 -2.26
CA LYS A 28 11.07 -4.70 -1.81
C LYS A 28 9.57 -4.69 -1.54
N TRP A 29 9.06 -3.52 -1.21
CA TRP A 29 7.64 -3.32 -0.92
C TRP A 29 6.86 -3.00 -2.20
N GLN A 30 7.14 -3.76 -3.25
CA GLN A 30 6.45 -3.57 -4.54
C GLN A 30 6.53 -4.85 -5.35
N THR A 31 5.79 -5.87 -4.93
CA THR A 31 5.79 -7.15 -5.61
C THR A 31 4.93 -7.10 -6.87
N HIS A 32 3.61 -7.19 -6.69
CA HIS A 32 2.70 -7.17 -7.82
C HIS A 32 1.52 -6.21 -7.57
N LEU A 33 1.84 -4.92 -7.47
CA LEU A 33 0.82 -3.90 -7.26
C LEU A 33 0.30 -3.39 -8.60
N ILE A 34 -0.99 -3.05 -8.66
CA ILE A 34 -1.58 -2.56 -9.90
C ILE A 34 -2.45 -1.34 -9.66
N ASN A 35 -1.95 -0.18 -10.10
CA ASN A 35 -2.68 1.08 -9.97
C ASN A 35 -3.17 1.32 -8.54
N PRO A 36 -2.25 1.69 -7.63
CA PRO A 36 -2.60 1.97 -6.24
C PRO A 36 -3.21 3.36 -6.08
N HIS A 37 -4.33 3.42 -5.39
CA HIS A 37 -5.01 4.70 -5.18
C HIS A 37 -4.87 5.20 -3.75
N ILE A 38 -4.47 6.46 -3.61
CA ILE A 38 -4.29 7.07 -2.30
C ILE A 38 -5.18 8.31 -2.17
N ILE A 39 -5.89 8.40 -1.04
CA ILE A 39 -6.78 9.54 -0.80
C ILE A 39 -6.34 10.32 0.44
N LEU A 40 -6.61 11.63 0.42
CA LEU A 40 -6.26 12.49 1.53
C LEU A 40 -7.48 13.26 2.05
N SER A 41 -7.71 13.15 3.35
CA SER A 41 -8.84 13.83 3.97
C SER A 41 -8.37 14.74 5.10
N LYS A 42 -9.31 15.32 5.84
CA LYS A 42 -8.97 16.21 6.93
C LYS A 42 -10.14 16.36 7.90
N GLU A 43 -9.81 16.37 9.19
CA GLU A 43 -10.79 16.52 10.24
C GLU A 43 -10.32 17.61 11.21
N PRO A 44 -11.24 18.23 11.96
CA PRO A 44 -10.87 19.28 12.91
C PRO A 44 -9.76 18.84 13.85
N GLN A 45 -9.65 17.55 14.04
CA GLN A 45 -8.64 16.97 14.93
C GLN A 45 -7.32 16.69 14.21
N GLY A 46 -7.28 16.87 12.89
CA GLY A 46 -6.06 16.62 12.15
C GLY A 46 -6.33 16.15 10.74
N PHE A 47 -5.33 15.54 10.11
CA PHE A 47 -5.49 15.05 8.75
C PHE A 47 -5.50 13.53 8.69
N VAL A 48 -6.15 13.01 7.65
CA VAL A 48 -6.28 11.58 7.46
C VAL A 48 -5.83 11.19 6.05
N ALA A 49 -5.11 10.06 5.95
CA ALA A 49 -4.62 9.58 4.67
C ALA A 49 -4.95 8.10 4.49
N ASP A 50 -5.64 7.77 3.41
CA ASP A 50 -6.00 6.38 3.13
C ASP A 50 -5.39 5.90 1.82
N ALA A 51 -5.06 4.61 1.76
CA ALA A 51 -4.48 4.04 0.56
C ALA A 51 -4.95 2.62 0.32
N THR A 52 -5.19 2.28 -0.95
CA THR A 52 -5.64 0.95 -1.30
C THR A 52 -4.86 0.45 -2.52
N ILE A 53 -4.33 -0.76 -2.43
CA ILE A 53 -3.57 -1.34 -3.53
C ILE A 53 -4.05 -2.75 -3.84
N ASN A 54 -4.22 -3.03 -5.12
CA ASN A 54 -4.68 -4.35 -5.56
C ASN A 54 -3.51 -5.14 -6.16
N THR A 55 -3.40 -6.39 -5.75
CA THR A 55 -2.33 -7.26 -6.25
C THR A 55 -2.89 -8.62 -6.63
N PRO A 56 -2.50 -9.17 -7.79
CA PRO A 56 -2.97 -10.48 -8.24
C PRO A 56 -2.93 -11.54 -7.14
N ASN A 57 -2.11 -11.31 -6.12
CA ASN A 57 -1.99 -12.27 -5.01
C ASN A 57 -2.58 -11.72 -3.71
N GLY A 58 -3.46 -10.73 -3.81
CA GLY A 58 -4.07 -10.16 -2.62
C GLY A 58 -4.26 -8.66 -2.69
N VAL A 59 -4.71 -8.07 -1.59
CA VAL A 59 -4.95 -6.62 -1.52
C VAL A 59 -4.59 -6.08 -0.14
N LEU A 60 -3.97 -4.90 -0.12
CA LEU A 60 -3.55 -4.27 1.13
C LEU A 60 -4.26 -2.94 1.35
N VAL A 61 -4.40 -2.55 2.61
CA VAL A 61 -5.05 -1.29 2.97
C VAL A 61 -4.32 -0.63 4.13
N ALA A 62 -4.28 0.70 4.13
CA ALA A 62 -3.61 1.44 5.18
C ALA A 62 -4.20 2.84 5.36
N SER A 63 -4.08 3.36 6.58
CA SER A 63 -4.60 4.67 6.92
C SER A 63 -3.72 5.39 7.92
N GLY A 64 -3.83 6.73 7.95
CA GLY A 64 -3.05 7.53 8.87
C GLY A 64 -3.78 8.82 9.24
N LYS A 65 -4.32 8.87 10.45
CA LYS A 65 -5.06 10.04 10.91
C LYS A 65 -4.28 10.86 11.93
N HIS A 66 -3.00 11.09 11.66
CA HIS A 66 -2.18 11.89 12.55
C HIS A 66 -2.51 13.37 12.40
N GLU A 67 -2.22 14.16 13.43
CA GLU A 67 -2.50 15.59 13.41
C GLU A 67 -1.75 16.29 12.27
N ASP A 68 -0.62 15.74 11.88
CA ASP A 68 0.19 16.32 10.81
C ASP A 68 -0.07 15.63 9.48
N MET A 69 -0.55 16.41 8.51
CA MET A 69 -0.84 15.89 7.17
C MET A 69 0.32 15.05 6.63
N TYR A 70 1.54 15.57 6.76
CA TYR A 70 2.72 14.87 6.27
C TYR A 70 2.97 13.60 7.07
N THR A 71 2.82 13.69 8.38
CA THR A 71 3.03 12.53 9.25
C THR A 71 2.00 11.45 8.97
N ALA A 72 0.76 11.87 8.68
CA ALA A 72 -0.31 10.92 8.38
C ALA A 72 0.02 10.13 7.12
N ILE A 73 0.38 10.82 6.04
CA ILE A 73 0.72 10.14 4.80
C ILE A 73 1.92 9.23 5.01
N ASN A 74 2.90 9.73 5.75
CA ASN A 74 4.11 8.95 6.04
C ASN A 74 3.75 7.72 6.87
N GLU A 75 2.86 7.91 7.84
CA GLU A 75 2.41 6.82 8.69
C GLU A 75 1.62 5.79 7.88
N LEU A 76 0.80 6.28 6.96
CA LEU A 76 0.01 5.39 6.12
C LEU A 76 0.93 4.39 5.41
N ILE A 77 1.81 4.90 4.55
CA ILE A 77 2.75 4.04 3.84
C ILE A 77 3.54 3.18 4.83
N ASN A 78 3.70 3.68 6.05
CA ASN A 78 4.40 2.93 7.08
C ASN A 78 3.69 1.61 7.32
N LYS A 79 2.37 1.67 7.31
CA LYS A 79 1.51 0.50 7.48
C LYS A 79 1.53 -0.37 6.23
N LEU A 80 1.68 0.27 5.06
CA LEU A 80 1.77 -0.49 3.82
C LEU A 80 3.00 -1.38 3.90
N GLU A 81 4.11 -0.75 4.30
CA GLU A 81 5.38 -1.44 4.48
C GLU A 81 5.24 -2.53 5.53
N ARG A 82 4.61 -2.18 6.65
CA ARG A 82 4.41 -3.11 7.74
C ARG A 82 3.52 -4.28 7.31
N GLN A 83 2.60 -4.01 6.39
CA GLN A 83 1.70 -5.04 5.89
C GLN A 83 2.43 -5.97 4.93
N LEU A 84 3.22 -5.39 4.03
CA LEU A 84 3.98 -6.16 3.07
C LEU A 84 5.05 -7.01 3.76
N ASN A 85 5.48 -6.55 4.94
CA ASN A 85 6.49 -7.27 5.71
C ASN A 85 5.96 -8.64 6.13
N LYS A 86 4.66 -8.71 6.34
CA LYS A 86 4.02 -9.96 6.73
C LYS A 86 3.95 -10.94 5.56
N LEU A 87 4.05 -10.41 4.35
CA LEU A 87 3.99 -11.25 3.15
C LEU A 87 5.23 -12.14 3.02
N GLN A 88 6.28 -11.80 3.76
CA GLN A 88 7.52 -12.58 3.73
C GLN A 88 7.38 -13.88 4.53
N HIS A 89 6.24 -14.04 5.20
CA HIS A 89 5.99 -15.25 5.99
C HIS A 89 4.50 -15.51 6.14
N LYS A 90 4.11 -16.77 6.02
CA LYS A 90 2.72 -17.15 6.14
C LYS A 90 2.56 -18.67 6.20
N GLY A 91 2.85 -19.32 5.07
CA GLY A 91 2.75 -20.77 5.01
C GLY A 91 1.55 -21.22 4.19
N GLU A 92 1.14 -20.40 3.23
CA GLU A 92 0.00 -20.73 2.38
C GLU A 92 0.43 -21.61 1.21
N ALA A 93 -0.52 -21.93 0.34
CA ALA A 93 -0.25 -22.76 -0.83
C ALA A 93 -1.07 -22.31 -2.03
N ARG A 94 -0.39 -22.12 -3.15
CA ARG A 94 -1.06 -21.68 -4.38
C ARG A 94 -1.43 -22.88 -5.24
N ARG A 95 -0.61 -23.92 -5.20
CA ARG A 95 -0.86 -25.13 -5.98
C ARG A 95 -0.79 -26.37 -5.09
N ALA A 96 -1.92 -27.05 -4.96
CA ALA A 96 -1.98 -28.26 -4.14
C ALA A 96 -1.66 -27.96 -2.69
N ALA A 97 -2.69 -27.64 -1.91
CA ALA A 97 -2.52 -27.33 -0.49
C ALA A 97 -2.21 -28.58 0.32
N THR A 98 -2.61 -29.73 -0.20
CA THR A 98 -2.37 -31.00 0.48
C THR A 98 -3.24 -31.13 1.73
N SER A 99 -3.00 -30.26 2.71
CA SER A 99 -3.77 -30.26 3.95
C SER A 99 -5.26 -30.17 3.67
N VAL A 100 -6.07 -30.58 4.66
CA VAL A 100 -7.51 -30.55 4.51
C VAL A 100 -8.16 -29.79 5.66
N LYS A 101 -9.35 -29.26 5.43
CA LYS A 101 -10.08 -28.50 6.44
C LYS A 101 -11.33 -29.27 6.89
N ASP A 102 -11.93 -30.00 5.96
CA ASP A 102 -13.13 -30.77 6.26
C ASP A 102 -14.28 -29.86 6.69
N ALA A 103 -14.90 -29.19 5.72
CA ALA A 103 -16.00 -28.29 6.00
C ALA A 103 -16.61 -27.75 4.71
N ASN A 104 -15.93 -26.78 4.10
CA ASN A 104 -16.40 -26.18 2.86
C ASN A 104 -17.79 -25.56 3.05
N PHE A 105 -18.38 -25.12 1.94
CA PHE A 105 -19.71 -24.50 1.97
C PHE A 105 -20.44 -24.73 0.66
N VAL A 106 -21.73 -24.40 0.64
CA VAL A 106 -22.55 -24.56 -0.55
C VAL A 106 -22.46 -23.32 -1.44
N GLU A 107 -21.25 -22.99 -1.87
CA GLU A 107 -21.02 -21.83 -2.73
C GLU A 107 -20.84 -22.26 -4.18
N GLU A 108 -21.66 -21.69 -5.06
CA GLU A 108 -21.59 -22.02 -6.48
C GLU A 108 -21.81 -20.77 -7.33
N VAL A 109 -20.71 -20.14 -7.75
CA VAL A 109 -20.78 -18.95 -8.57
C VAL A 109 -19.68 -18.94 -9.63
N GLU A 110 -18.45 -19.24 -9.21
CA GLU A 110 -17.32 -19.27 -10.12
C GLU A 110 -16.61 -20.62 -10.06
N GLU A 111 -16.10 -21.07 -11.21
CA GLU A 111 -15.40 -22.34 -11.29
C GLU A 111 -14.83 -22.57 -12.68
N GLU A 112 -13.72 -21.90 -12.99
CA GLU A 112 -13.08 -22.03 -14.29
C GLU A 112 -11.75 -22.77 -14.17
N THR A 1 1.92 6.17 -12.26
CA THR A 1 1.40 4.99 -11.52
C THR A 1 0.79 5.42 -10.19
N MET A 2 1.58 6.10 -9.37
CA MET A 2 1.13 6.57 -8.06
C MET A 2 -0.04 7.55 -8.22
N ASN A 3 -1.09 7.35 -7.45
CA ASN A 3 -2.27 8.21 -7.52
C ASN A 3 -2.60 8.81 -6.14
N ILE A 4 -2.80 10.12 -6.11
CA ILE A 4 -3.12 10.81 -4.87
C ILE A 4 -4.25 11.82 -5.11
N THR A 5 -5.32 11.72 -4.33
CA THR A 5 -6.46 12.62 -4.46
C THR A 5 -6.93 13.11 -3.10
N SER A 6 -7.68 14.22 -3.11
CA SER A 6 -8.20 14.81 -1.88
C SER A 6 -9.32 15.78 -2.19
N LYS A 7 -10.30 15.85 -1.30
CA LYS A 7 -11.45 16.74 -1.48
C LYS A 7 -11.33 17.98 -0.62
N GLN A 8 -10.11 18.41 -0.36
CA GLN A 8 -9.86 19.60 0.43
C GLN A 8 -8.67 20.38 -0.12
N MET A 9 -7.53 19.71 -0.27
CA MET A 9 -6.33 20.34 -0.79
C MET A 9 -6.02 19.84 -2.19
N GLU A 10 -4.90 20.30 -2.75
CA GLU A 10 -4.49 19.89 -4.09
C GLU A 10 -3.18 19.12 -4.03
N ILE A 11 -2.81 18.49 -5.15
CA ILE A 11 -1.59 17.71 -5.22
C ILE A 11 -0.41 18.56 -5.66
N THR A 12 0.54 18.74 -4.76
CA THR A 12 1.74 19.52 -5.04
C THR A 12 2.91 18.62 -5.39
N PRO A 13 3.92 19.15 -6.09
CA PRO A 13 5.12 18.38 -6.46
C PRO A 13 5.88 17.91 -5.24
N ALA A 14 5.59 18.48 -4.08
CA ALA A 14 6.24 18.10 -2.85
C ALA A 14 5.56 16.87 -2.25
N ILE A 15 4.23 16.86 -2.31
CA ILE A 15 3.46 15.74 -1.81
C ILE A 15 3.61 14.56 -2.76
N ARG A 16 3.83 14.87 -4.03
CA ARG A 16 4.02 13.85 -5.04
C ARG A 16 5.39 13.22 -4.87
N GLN A 17 6.40 14.07 -4.73
CA GLN A 17 7.78 13.62 -4.54
C GLN A 17 7.94 12.91 -3.20
N HIS A 18 7.27 13.42 -2.16
CA HIS A 18 7.35 12.79 -0.84
C HIS A 18 6.85 11.34 -0.93
N VAL A 19 5.59 11.18 -1.27
CA VAL A 19 5.01 9.85 -1.41
C VAL A 19 5.74 9.05 -2.47
N ALA A 20 5.95 9.65 -3.63
CA ALA A 20 6.65 8.98 -4.73
C ALA A 20 8.02 8.49 -4.32
N ASP A 21 8.79 9.33 -3.62
CA ASP A 21 10.12 8.94 -3.18
C ASP A 21 10.05 7.70 -2.29
N ARG A 22 8.96 7.60 -1.53
CA ARG A 22 8.77 6.46 -0.64
C ARG A 22 8.38 5.22 -1.43
N LEU A 23 7.72 5.41 -2.56
CA LEU A 23 7.29 4.29 -3.40
C LEU A 23 8.50 3.61 -4.03
N ALA A 24 9.31 4.40 -4.73
CA ALA A 24 10.50 3.88 -5.39
C ALA A 24 11.44 3.22 -4.39
N LYS A 25 11.36 3.64 -3.13
CA LYS A 25 12.19 3.07 -2.08
C LYS A 25 11.61 1.73 -1.63
N LEU A 26 10.28 1.65 -1.68
CA LEU A 26 9.55 0.45 -1.29
C LEU A 26 9.56 -0.58 -2.41
N GLU A 27 10.75 -1.01 -2.81
CA GLU A 27 10.90 -1.98 -3.89
C GLU A 27 10.19 -3.29 -3.57
N LYS A 28 10.79 -4.09 -2.69
CA LYS A 28 10.22 -5.38 -2.29
C LYS A 28 8.77 -5.24 -1.82
N TRP A 29 8.42 -4.05 -1.41
CA TRP A 29 7.09 -3.76 -0.89
C TRP A 29 6.09 -3.43 -2.01
N GLN A 30 6.41 -2.43 -2.81
CA GLN A 30 5.54 -2.03 -3.91
C GLN A 30 5.91 -2.75 -5.20
N THR A 31 6.39 -3.99 -5.07
CA THR A 31 6.79 -4.77 -6.23
C THR A 31 5.58 -5.43 -6.90
N HIS A 32 4.73 -6.04 -6.09
CA HIS A 32 3.54 -6.72 -6.61
C HIS A 32 2.38 -5.75 -6.80
N LEU A 33 2.37 -4.67 -6.03
CA LEU A 33 1.31 -3.67 -6.13
C LEU A 33 1.10 -3.23 -7.58
N ILE A 34 -0.15 -2.91 -7.93
CA ILE A 34 -0.47 -2.50 -9.29
C ILE A 34 -1.35 -1.25 -9.30
N ASN A 35 -0.75 -0.12 -9.64
CA ASN A 35 -1.48 1.15 -9.71
C ASN A 35 -2.27 1.42 -8.42
N PRO A 36 -1.58 1.88 -7.37
CA PRO A 36 -2.20 2.19 -6.09
C PRO A 36 -2.87 3.56 -6.08
N HIS A 37 -3.78 3.77 -5.13
CA HIS A 37 -4.48 5.04 -5.01
C HIS A 37 -4.57 5.49 -3.56
N ILE A 38 -4.17 6.72 -3.30
CA ILE A 38 -4.20 7.28 -1.95
C ILE A 38 -5.08 8.52 -1.88
N ILE A 39 -5.87 8.60 -0.82
CA ILE A 39 -6.78 9.73 -0.62
C ILE A 39 -6.36 10.53 0.61
N LEU A 40 -6.61 11.84 0.58
CA LEU A 40 -6.27 12.71 1.69
C LEU A 40 -7.49 13.47 2.19
N SER A 41 -7.74 13.38 3.49
CA SER A 41 -8.87 14.05 4.11
C SER A 41 -8.41 14.95 5.26
N LYS A 42 -9.36 15.47 6.03
CA LYS A 42 -9.05 16.34 7.14
C LYS A 42 -10.29 16.62 7.98
N GLU A 43 -10.08 16.74 9.28
CA GLU A 43 -11.16 17.04 10.21
C GLU A 43 -10.74 18.20 11.11
N PRO A 44 -11.68 18.82 11.84
CA PRO A 44 -11.35 19.95 12.72
C PRO A 44 -10.15 19.69 13.60
N GLN A 45 -9.83 18.42 13.77
CA GLN A 45 -8.69 18.02 14.57
C GLN A 45 -7.43 18.03 13.73
N GLY A 46 -7.28 17.01 12.91
CA GLY A 46 -6.10 16.91 12.06
C GLY A 46 -6.41 16.35 10.69
N PHE A 47 -5.43 15.73 10.06
CA PHE A 47 -5.62 15.16 8.72
C PHE A 47 -5.62 13.64 8.74
N VAL A 48 -6.36 13.09 7.78
CA VAL A 48 -6.49 11.65 7.63
C VAL A 48 -6.08 11.23 6.21
N ALA A 49 -5.39 10.11 6.12
CA ALA A 49 -4.95 9.61 4.81
C ALA A 49 -5.28 8.14 4.66
N ASP A 50 -6.00 7.80 3.59
CA ASP A 50 -6.38 6.42 3.33
C ASP A 50 -5.79 5.95 2.00
N ALA A 51 -5.47 4.67 1.92
CA ALA A 51 -4.91 4.12 0.69
C ALA A 51 -5.34 2.68 0.45
N THR A 52 -5.55 2.33 -0.81
CA THR A 52 -5.94 0.98 -1.17
C THR A 52 -5.15 0.53 -2.39
N ILE A 53 -4.53 -0.64 -2.31
CA ILE A 53 -3.74 -1.16 -3.43
C ILE A 53 -4.11 -2.60 -3.77
N ASN A 54 -4.13 -2.89 -5.06
CA ASN A 54 -4.44 -4.23 -5.54
C ASN A 54 -3.18 -4.99 -5.92
N THR A 55 -3.16 -6.28 -5.61
CA THR A 55 -2.02 -7.13 -5.91
C THR A 55 -2.49 -8.44 -6.52
N PRO A 56 -1.63 -9.12 -7.29
CA PRO A 56 -1.99 -10.39 -7.94
C PRO A 56 -2.27 -11.50 -6.94
N ASN A 57 -1.93 -11.27 -5.67
CA ASN A 57 -2.14 -12.27 -4.63
C ASN A 57 -2.95 -11.71 -3.46
N GLY A 58 -3.71 -10.64 -3.70
CA GLY A 58 -4.51 -10.05 -2.65
C GLY A 58 -4.59 -8.54 -2.73
N VAL A 59 -5.08 -7.92 -1.65
CA VAL A 59 -5.20 -6.47 -1.58
C VAL A 59 -4.82 -5.96 -0.20
N LEU A 60 -4.19 -4.79 -0.17
CA LEU A 60 -3.77 -4.19 1.10
C LEU A 60 -4.45 -2.84 1.34
N VAL A 61 -4.61 -2.50 2.61
CA VAL A 61 -5.25 -1.23 2.99
C VAL A 61 -4.54 -0.60 4.19
N ALA A 62 -4.52 0.73 4.23
CA ALA A 62 -3.87 1.44 5.32
C ALA A 62 -4.48 2.84 5.52
N SER A 63 -4.32 3.36 6.73
CA SER A 63 -4.86 4.67 7.08
C SER A 63 -3.92 5.42 8.03
N GLY A 64 -4.08 6.75 8.06
CA GLY A 64 -3.27 7.59 8.92
C GLY A 64 -3.98 8.88 9.29
N LYS A 65 -4.47 8.95 10.53
CA LYS A 65 -5.21 10.12 11.00
C LYS A 65 -4.39 10.97 11.97
N HIS A 66 -3.12 11.20 11.65
CA HIS A 66 -2.26 12.02 12.49
C HIS A 66 -2.61 13.50 12.32
N GLU A 67 -2.28 14.30 13.33
CA GLU A 67 -2.56 15.73 13.28
C GLU A 67 -1.82 16.39 12.12
N ASP A 68 -0.70 15.80 11.72
CA ASP A 68 0.11 16.34 10.62
C ASP A 68 -0.20 15.63 9.30
N MET A 69 -0.61 16.40 8.30
CA MET A 69 -0.93 15.87 6.99
C MET A 69 0.15 14.93 6.46
N TYR A 70 1.40 15.40 6.53
CA TYR A 70 2.53 14.61 6.05
C TYR A 70 2.75 13.36 6.89
N THR A 71 2.52 13.48 8.20
CA THR A 71 2.70 12.35 9.10
C THR A 71 1.70 11.25 8.78
N ALA A 72 0.45 11.64 8.50
CA ALA A 72 -0.59 10.68 8.17
C ALA A 72 -0.22 9.91 6.91
N ILE A 73 0.20 10.64 5.88
CA ILE A 73 0.58 10.01 4.62
C ILE A 73 1.75 9.05 4.83
N ASN A 74 2.76 9.51 5.56
CA ASN A 74 3.94 8.70 5.85
C ASN A 74 3.56 7.48 6.70
N GLU A 75 2.67 7.70 7.66
CA GLU A 75 2.22 6.62 8.54
C GLU A 75 1.43 5.59 7.75
N LEU A 76 0.53 6.06 6.89
CA LEU A 76 -0.28 5.17 6.07
C LEU A 76 0.61 4.20 5.30
N ILE A 77 1.50 4.72 4.48
CA ILE A 77 2.42 3.87 3.72
C ILE A 77 3.20 2.97 4.66
N ASN A 78 3.45 3.44 5.88
CA ASN A 78 4.16 2.66 6.88
C ASN A 78 3.41 1.35 7.13
N LYS A 79 2.09 1.45 7.13
CA LYS A 79 1.21 0.31 7.34
C LYS A 79 1.20 -0.57 6.09
N LEU A 80 1.41 0.04 4.93
CA LEU A 80 1.47 -0.73 3.70
C LEU A 80 2.64 -1.69 3.81
N GLU A 81 3.78 -1.13 4.21
CA GLU A 81 4.99 -1.89 4.42
C GLU A 81 4.80 -2.92 5.53
N ARG A 82 4.17 -2.48 6.61
CA ARG A 82 3.94 -3.33 7.77
C ARG A 82 3.02 -4.51 7.39
N GLN A 83 2.11 -4.28 6.45
CA GLN A 83 1.20 -5.33 6.00
C GLN A 83 1.93 -6.33 5.11
N LEU A 84 2.76 -5.80 4.24
CA LEU A 84 3.55 -6.63 3.32
C LEU A 84 4.53 -7.51 4.08
N ASN A 85 5.03 -6.97 5.21
CA ASN A 85 6.00 -7.67 6.03
C ASN A 85 5.42 -8.97 6.56
N LYS A 86 4.11 -8.97 6.82
CA LYS A 86 3.43 -10.14 7.33
C LYS A 86 3.19 -11.17 6.22
N LEU A 87 3.07 -10.68 4.99
CA LEU A 87 2.82 -11.55 3.85
C LEU A 87 4.03 -12.40 3.45
N GLN A 88 5.23 -11.97 3.82
CA GLN A 88 6.43 -12.70 3.48
C GLN A 88 6.64 -13.90 4.39
N HIS A 89 7.55 -13.78 5.35
CA HIS A 89 7.86 -14.86 6.28
C HIS A 89 8.42 -16.08 5.54
N LYS A 90 7.55 -16.77 4.83
CA LYS A 90 7.94 -17.96 4.10
C LYS A 90 8.82 -17.60 2.91
N GLY A 91 8.23 -16.94 1.92
CA GLY A 91 8.96 -16.55 0.73
C GLY A 91 8.14 -16.64 -0.53
N GLU A 92 8.80 -16.64 -1.69
CA GLU A 92 8.11 -16.73 -2.96
C GLU A 92 9.07 -17.12 -4.08
N ALA A 93 8.83 -18.26 -4.70
CA ALA A 93 9.67 -18.75 -5.79
C ALA A 93 9.07 -18.40 -7.15
N ARG A 94 8.48 -17.22 -7.25
CA ARG A 94 7.86 -16.77 -8.50
C ARG A 94 8.85 -15.96 -9.32
N ARG A 95 9.29 -16.55 -10.43
CA ARG A 95 10.24 -15.87 -11.32
C ARG A 95 9.59 -15.53 -12.65
N ALA A 96 10.28 -14.73 -13.45
CA ALA A 96 9.77 -14.33 -14.75
C ALA A 96 10.38 -15.17 -15.87
N ALA A 97 10.63 -16.44 -15.57
CA ALA A 97 11.21 -17.35 -16.55
C ALA A 97 10.14 -17.94 -17.46
N THR A 98 9.98 -17.34 -18.64
CA THR A 98 8.99 -17.80 -19.60
C THR A 98 9.47 -17.56 -21.03
N SER A 99 8.87 -18.27 -21.98
CA SER A 99 9.23 -18.13 -23.39
C SER A 99 7.98 -18.15 -24.27
N VAL A 100 7.54 -16.98 -24.70
CA VAL A 100 6.37 -16.86 -25.56
C VAL A 100 6.35 -15.53 -26.29
N LYS A 101 5.61 -15.47 -27.39
CA LYS A 101 5.51 -14.25 -28.19
C LYS A 101 4.48 -14.40 -29.31
N ASP A 102 4.41 -15.61 -29.89
CA ASP A 102 3.47 -15.87 -30.97
C ASP A 102 3.75 -14.99 -32.17
N ALA A 103 4.78 -15.33 -32.93
CA ALA A 103 5.15 -14.56 -34.11
C ALA A 103 5.10 -15.41 -35.36
N ASN A 104 3.91 -15.57 -35.92
CA ASN A 104 3.72 -16.37 -37.12
C ASN A 104 3.34 -15.49 -38.32
N PHE A 105 4.05 -14.38 -38.46
CA PHE A 105 3.80 -13.45 -39.55
C PHE A 105 2.40 -12.84 -39.45
N VAL A 106 2.29 -11.55 -39.73
CA VAL A 106 1.03 -10.82 -39.67
C VAL A 106 0.31 -11.03 -38.33
N GLU A 107 -0.66 -10.17 -38.05
CA GLU A 107 -1.42 -10.25 -36.80
C GLU A 107 -0.54 -9.92 -35.61
N GLU A 108 -1.02 -9.01 -34.76
CA GLU A 108 -0.28 -8.60 -33.57
C GLU A 108 -1.21 -7.95 -32.55
N VAL A 109 -1.80 -6.82 -32.92
CA VAL A 109 -2.70 -6.11 -32.03
C VAL A 109 -3.86 -5.50 -32.81
N GLU A 110 -5.02 -5.40 -32.16
CA GLU A 110 -6.21 -4.83 -32.80
C GLU A 110 -6.60 -5.65 -34.03
N GLU A 111 -7.57 -5.14 -34.77
CA GLU A 111 -8.05 -5.82 -35.97
C GLU A 111 -8.10 -4.88 -37.16
N GLU A 112 -8.97 -3.87 -37.08
CA GLU A 112 -9.11 -2.89 -38.15
C GLU A 112 -9.07 -1.48 -37.59
N THR A 1 4.26 4.80 -11.28
CA THR A 1 3.13 5.75 -11.22
C THR A 1 2.19 5.42 -10.07
N MET A 2 1.53 6.45 -9.54
CA MET A 2 0.60 6.28 -8.43
C MET A 2 -0.57 7.25 -8.55
N ASN A 3 -1.58 7.04 -7.72
CA ASN A 3 -2.77 7.90 -7.73
C ASN A 3 -3.00 8.53 -6.37
N ILE A 4 -3.00 9.86 -6.32
CA ILE A 4 -3.20 10.59 -5.07
C ILE A 4 -4.35 11.59 -5.21
N THR A 5 -5.34 11.48 -4.33
CA THR A 5 -6.49 12.37 -4.38
C THR A 5 -6.84 12.89 -2.99
N SER A 6 -7.64 13.96 -2.94
CA SER A 6 -8.04 14.56 -1.67
C SER A 6 -9.24 15.47 -1.88
N LYS A 7 -10.26 15.30 -1.04
CA LYS A 7 -11.48 16.11 -1.14
C LYS A 7 -11.47 17.22 -0.11
N GLN A 8 -10.32 17.86 0.05
CA GLN A 8 -10.17 18.96 0.98
C GLN A 8 -9.30 20.06 0.39
N MET A 9 -8.19 19.68 -0.22
CA MET A 9 -7.28 20.61 -0.84
C MET A 9 -6.85 20.11 -2.21
N GLU A 10 -5.98 20.88 -2.88
CA GLU A 10 -5.50 20.51 -4.20
C GLU A 10 -4.23 19.68 -4.08
N ILE A 11 -3.86 19.00 -5.17
CA ILE A 11 -2.67 18.17 -5.19
C ILE A 11 -1.45 18.96 -5.64
N THR A 12 -0.48 19.09 -4.75
CA THR A 12 0.74 19.82 -5.03
C THR A 12 1.89 18.87 -5.39
N PRO A 13 2.79 19.29 -6.29
CA PRO A 13 3.94 18.47 -6.69
C PRO A 13 4.76 18.05 -5.48
N ALA A 14 4.64 18.79 -4.39
CA ALA A 14 5.36 18.47 -3.17
C ALA A 14 4.76 17.27 -2.49
N ILE A 15 3.43 17.24 -2.44
CA ILE A 15 2.70 16.14 -1.85
C ILE A 15 2.80 14.91 -2.75
N ARG A 16 2.92 15.17 -4.05
CA ARG A 16 3.05 14.10 -5.02
C ARG A 16 4.45 13.51 -4.93
N GLN A 17 5.46 14.39 -4.88
CA GLN A 17 6.85 13.95 -4.77
C GLN A 17 7.10 13.29 -3.42
N HIS A 18 6.47 13.79 -2.37
CA HIS A 18 6.64 13.20 -1.05
C HIS A 18 6.18 11.75 -1.06
N VAL A 19 4.89 11.54 -1.28
CA VAL A 19 4.34 10.19 -1.34
C VAL A 19 5.01 9.38 -2.44
N ALA A 20 5.11 9.96 -3.63
CA ALA A 20 5.73 9.28 -4.75
C ALA A 20 7.15 8.82 -4.44
N ASP A 21 7.95 9.70 -3.84
CA ASP A 21 9.33 9.34 -3.49
C ASP A 21 9.37 8.14 -2.57
N ARG A 22 8.34 8.02 -1.73
CA ARG A 22 8.24 6.90 -0.78
C ARG A 22 7.86 5.61 -1.50
N LEU A 23 7.13 5.75 -2.61
CA LEU A 23 6.71 4.58 -3.38
C LEU A 23 7.91 3.93 -4.04
N ALA A 24 8.69 4.73 -4.75
CA ALA A 24 9.89 4.24 -5.43
C ALA A 24 10.86 3.62 -4.44
N LYS A 25 10.76 4.04 -3.18
CA LYS A 25 11.63 3.52 -2.13
C LYS A 25 11.15 2.13 -1.70
N LEU A 26 9.84 1.93 -1.71
CA LEU A 26 9.26 0.65 -1.34
C LEU A 26 9.33 -0.34 -2.49
N GLU A 27 10.53 -0.56 -3.02
CA GLU A 27 10.73 -1.48 -4.13
C GLU A 27 11.60 -2.67 -3.74
N LYS A 28 12.05 -2.69 -2.49
CA LYS A 28 12.89 -3.78 -2.00
C LYS A 28 12.08 -5.06 -1.84
N TRP A 29 10.77 -4.95 -1.93
CA TRP A 29 9.88 -6.10 -1.79
C TRP A 29 9.74 -6.85 -3.11
N GLN A 30 8.94 -7.92 -3.10
CA GLN A 30 8.73 -8.72 -4.30
C GLN A 30 7.27 -8.65 -4.77
N THR A 31 6.40 -8.16 -3.90
CA THR A 31 4.98 -8.04 -4.25
C THR A 31 4.76 -6.84 -5.16
N HIS A 32 4.40 -7.12 -6.41
CA HIS A 32 4.17 -6.08 -7.39
C HIS A 32 3.03 -5.16 -6.97
N LEU A 33 2.88 -4.06 -7.68
CA LEU A 33 1.86 -3.07 -7.40
C LEU A 33 1.30 -2.49 -8.70
N ILE A 34 -0.02 -2.47 -8.83
CA ILE A 34 -0.64 -1.96 -10.05
C ILE A 34 -1.60 -0.80 -9.75
N ASN A 35 -1.13 0.40 -10.04
CA ASN A 35 -1.91 1.63 -9.85
C ASN A 35 -2.52 1.72 -8.45
N PRO A 36 -1.72 2.10 -7.44
CA PRO A 36 -2.19 2.25 -6.07
C PRO A 36 -2.84 3.62 -5.86
N HIS A 37 -4.00 3.63 -5.23
CA HIS A 37 -4.72 4.88 -4.99
C HIS A 37 -4.62 5.32 -3.54
N ILE A 38 -4.19 6.57 -3.35
CA ILE A 38 -4.06 7.14 -2.01
C ILE A 38 -4.96 8.38 -1.89
N ILE A 39 -5.69 8.46 -0.78
CA ILE A 39 -6.58 9.58 -0.55
C ILE A 39 -6.16 10.40 0.67
N LEU A 40 -6.41 11.70 0.62
CA LEU A 40 -6.06 12.59 1.72
C LEU A 40 -7.29 13.34 2.22
N SER A 41 -7.52 13.27 3.53
CA SER A 41 -8.67 13.93 4.15
C SER A 41 -8.21 14.85 5.29
N LYS A 42 -9.18 15.36 6.04
CA LYS A 42 -8.87 16.25 7.15
C LYS A 42 -10.12 16.53 7.98
N GLU A 43 -9.91 16.66 9.28
CA GLU A 43 -11.00 16.95 10.21
C GLU A 43 -10.59 18.12 11.10
N PRO A 44 -11.55 18.74 11.80
CA PRO A 44 -11.27 19.89 12.67
C PRO A 44 -10.06 19.65 13.56
N GLN A 45 -9.73 18.40 13.76
CA GLN A 45 -8.59 18.03 14.56
C GLN A 45 -7.34 18.06 13.71
N GLY A 46 -7.15 17.03 12.91
CA GLY A 46 -5.97 16.94 12.07
C GLY A 46 -6.27 16.37 10.70
N PHE A 47 -5.27 15.75 10.09
CA PHE A 47 -5.44 15.16 8.76
C PHE A 47 -5.42 13.64 8.78
N VAL A 48 -6.13 13.08 7.81
CA VAL A 48 -6.23 11.64 7.65
C VAL A 48 -5.79 11.22 6.26
N ALA A 49 -5.08 10.11 6.17
CA ALA A 49 -4.60 9.62 4.88
C ALA A 49 -4.89 8.13 4.72
N ASP A 50 -5.58 7.78 3.63
CA ASP A 50 -5.92 6.39 3.36
C ASP A 50 -5.26 5.94 2.06
N ALA A 51 -4.90 4.66 2.00
CA ALA A 51 -4.26 4.13 0.80
C ALA A 51 -4.69 2.69 0.53
N THR A 52 -4.85 2.37 -0.75
CA THR A 52 -5.22 1.03 -1.15
C THR A 52 -4.36 0.58 -2.33
N ILE A 53 -3.80 -0.62 -2.22
CA ILE A 53 -2.93 -1.15 -3.28
C ILE A 53 -3.34 -2.56 -3.66
N ASN A 54 -3.35 -2.83 -4.97
CA ASN A 54 -3.70 -4.14 -5.49
C ASN A 54 -2.45 -4.91 -5.90
N THR A 55 -2.41 -6.19 -5.57
CA THR A 55 -1.28 -7.05 -5.90
C THR A 55 -1.77 -8.35 -6.51
N PRO A 56 -0.89 -9.08 -7.21
CA PRO A 56 -1.25 -10.35 -7.86
C PRO A 56 -1.53 -11.46 -6.84
N ASN A 57 -1.24 -11.20 -5.56
CA ASN A 57 -1.47 -12.18 -4.50
C ASN A 57 -2.50 -11.68 -3.48
N GLY A 58 -2.96 -10.44 -3.64
CA GLY A 58 -3.94 -9.90 -2.72
C GLY A 58 -3.96 -8.39 -2.71
N VAL A 59 -4.61 -7.80 -1.71
CA VAL A 59 -4.71 -6.35 -1.60
C VAL A 59 -4.41 -5.90 -0.17
N LEU A 60 -3.70 -4.78 -0.05
CA LEU A 60 -3.35 -4.24 1.26
C LEU A 60 -4.02 -2.87 1.48
N VAL A 61 -4.17 -2.50 2.75
CA VAL A 61 -4.79 -1.23 3.10
C VAL A 61 -4.07 -0.58 4.28
N ALA A 62 -4.08 0.75 4.32
CA ALA A 62 -3.43 1.49 5.39
C ALA A 62 -4.06 2.86 5.58
N SER A 63 -3.91 3.40 6.80
CA SER A 63 -4.47 4.70 7.14
C SER A 63 -3.57 5.47 8.11
N GLY A 64 -3.74 6.78 8.13
CA GLY A 64 -2.96 7.64 9.02
C GLY A 64 -3.72 8.89 9.39
N LYS A 65 -4.15 8.98 10.64
CA LYS A 65 -4.91 10.14 11.12
C LYS A 65 -4.11 11.01 12.07
N HIS A 66 -2.86 11.28 11.72
CA HIS A 66 -2.00 12.13 12.56
C HIS A 66 -2.39 13.59 12.39
N GLU A 67 -2.07 14.41 13.39
CA GLU A 67 -2.40 15.83 13.34
C GLU A 67 -1.69 16.52 12.18
N ASP A 68 -0.54 15.97 11.78
CA ASP A 68 0.24 16.55 10.69
C ASP A 68 -0.02 15.82 9.37
N MET A 69 -0.48 16.58 8.38
CA MET A 69 -0.78 16.04 7.06
C MET A 69 0.36 15.16 6.54
N TYR A 70 1.58 15.70 6.58
CA TYR A 70 2.75 14.99 6.10
C TYR A 70 3.07 13.77 6.95
N THR A 71 3.01 13.93 8.26
CA THR A 71 3.29 12.83 9.18
C THR A 71 2.28 11.70 9.02
N ALA A 72 1.01 12.07 8.88
CA ALA A 72 -0.05 11.09 8.70
C ALA A 72 0.16 10.28 7.43
N ILE A 73 0.44 10.97 6.33
CA ILE A 73 0.67 10.29 5.05
C ILE A 73 1.85 9.33 5.18
N ASN A 74 2.92 9.78 5.82
CA ASN A 74 4.10 8.94 6.01
C ASN A 74 3.76 7.73 6.87
N GLU A 75 2.88 7.95 7.85
CA GLU A 75 2.45 6.87 8.74
C GLU A 75 1.70 5.80 7.94
N LEU A 76 0.84 6.26 7.03
CA LEU A 76 0.08 5.35 6.19
C LEU A 76 1.03 4.40 5.46
N ILE A 77 1.93 4.96 4.66
CA ILE A 77 2.90 4.14 3.94
C ILE A 77 3.70 3.29 4.93
N ASN A 78 3.88 3.79 6.14
CA ASN A 78 4.58 3.07 7.17
C ASN A 78 3.86 1.75 7.46
N LYS A 79 2.54 1.77 7.31
CA LYS A 79 1.71 0.59 7.53
C LYS A 79 1.70 -0.29 6.29
N LEU A 80 1.96 0.28 5.12
CA LEU A 80 2.03 -0.52 3.92
C LEU A 80 3.22 -1.47 4.07
N GLU A 81 4.34 -0.89 4.48
CA GLU A 81 5.56 -1.63 4.72
C GLU A 81 5.35 -2.70 5.78
N ARG A 82 4.67 -2.33 6.84
CA ARG A 82 4.40 -3.25 7.95
C ARG A 82 3.41 -4.34 7.53
N GLN A 83 2.42 -3.97 6.72
CA GLN A 83 1.39 -4.91 6.27
C GLN A 83 1.87 -5.82 5.15
N LEU A 84 2.49 -5.26 4.12
CA LEU A 84 2.96 -6.06 3.01
C LEU A 84 4.04 -7.04 3.47
N ASN A 85 4.59 -6.80 4.67
CA ASN A 85 5.62 -7.67 5.23
C ASN A 85 5.02 -9.03 5.56
N LYS A 86 3.72 -9.04 5.86
CA LYS A 86 3.02 -10.26 6.21
C LYS A 86 2.83 -11.16 4.99
N LEU A 87 3.15 -10.64 3.81
CA LEU A 87 3.03 -11.41 2.57
C LEU A 87 4.07 -12.53 2.53
N GLN A 88 5.19 -12.32 3.21
CA GLN A 88 6.27 -13.31 3.24
C GLN A 88 5.92 -14.48 4.15
N HIS A 89 4.83 -14.34 4.91
CA HIS A 89 4.39 -15.40 5.82
C HIS A 89 3.50 -16.40 5.09
N LYS A 90 2.39 -15.91 4.56
CA LYS A 90 1.43 -16.74 3.83
C LYS A 90 1.19 -18.07 4.53
N GLY A 91 0.56 -19.01 3.82
CA GLY A 91 0.29 -20.32 4.40
C GLY A 91 0.98 -21.44 3.65
N GLU A 92 1.43 -21.16 2.43
CA GLU A 92 2.12 -22.16 1.62
C GLU A 92 1.21 -23.35 1.33
N ALA A 93 0.68 -23.41 0.12
CA ALA A 93 -0.21 -24.50 -0.28
C ALA A 93 -0.30 -24.59 -1.80
N ARG A 94 0.08 -25.75 -2.33
CA ARG A 94 0.03 -25.97 -3.77
C ARG A 94 -0.30 -27.43 -4.10
N ARG A 95 -1.59 -27.75 -4.10
CA ARG A 95 -2.03 -29.11 -4.39
C ARG A 95 -3.56 -29.17 -4.48
N ALA A 96 -4.09 -30.39 -4.57
CA ALA A 96 -5.53 -30.58 -4.65
C ALA A 96 -6.16 -30.65 -3.27
N ALA A 97 -5.57 -31.47 -2.39
CA ALA A 97 -6.07 -31.62 -1.04
C ALA A 97 -4.94 -31.60 -0.03
N THR A 98 -5.29 -31.71 1.26
CA THR A 98 -4.29 -31.71 2.32
C THR A 98 -4.51 -32.88 3.27
N SER A 99 -5.73 -33.01 3.78
CA SER A 99 -6.07 -34.09 4.69
C SER A 99 -7.58 -34.21 4.85
N VAL A 100 -8.21 -33.15 5.34
CA VAL A 100 -9.66 -33.14 5.54
C VAL A 100 -10.27 -31.80 5.13
N LYS A 101 -11.13 -31.84 4.12
CA LYS A 101 -11.78 -30.63 3.62
C LYS A 101 -13.01 -30.98 2.79
N ASP A 102 -13.70 -29.94 2.31
CA ASP A 102 -14.89 -30.14 1.49
C ASP A 102 -15.36 -28.81 0.90
N ALA A 103 -15.85 -28.87 -0.34
CA ALA A 103 -16.32 -27.68 -1.03
C ALA A 103 -17.85 -27.62 -1.02
N ASN A 104 -18.39 -26.46 -0.68
CA ASN A 104 -19.84 -26.28 -0.65
C ASN A 104 -20.33 -25.64 -1.94
N PHE A 105 -20.72 -26.48 -2.89
CA PHE A 105 -21.23 -26.00 -4.18
C PHE A 105 -22.59 -25.33 -4.02
N VAL A 106 -23.49 -26.01 -3.31
CA VAL A 106 -24.83 -25.48 -3.08
C VAL A 106 -25.59 -25.34 -4.40
N GLU A 107 -26.88 -25.69 -4.36
CA GLU A 107 -27.72 -25.60 -5.56
C GLU A 107 -28.59 -24.36 -5.51
N GLU A 108 -29.40 -24.17 -6.55
CA GLU A 108 -30.30 -23.02 -6.64
C GLU A 108 -29.50 -21.72 -6.79
N VAL A 109 -28.84 -21.30 -5.71
CA VAL A 109 -28.06 -20.08 -5.73
C VAL A 109 -28.93 -18.86 -5.97
N GLU A 110 -28.69 -17.81 -5.19
CA GLU A 110 -29.46 -16.57 -5.32
C GLU A 110 -28.72 -15.55 -6.15
N GLU A 111 -29.28 -14.35 -6.28
CA GLU A 111 -28.68 -13.29 -7.06
C GLU A 111 -28.34 -12.10 -6.17
N GLU A 112 -29.24 -11.77 -5.25
CA GLU A 112 -29.04 -10.65 -4.34
C GLU A 112 -29.95 -10.76 -3.13
N THR A 1 2.15 4.21 -12.12
CA THR A 1 1.77 5.63 -11.91
C THR A 1 0.89 5.78 -10.68
N MET A 2 1.51 6.14 -9.55
CA MET A 2 0.78 6.33 -8.31
C MET A 2 -0.30 7.40 -8.46
N ASN A 3 -1.39 7.26 -7.72
CA ASN A 3 -2.50 8.21 -7.77
C ASN A 3 -2.77 8.81 -6.40
N ILE A 4 -2.82 10.14 -6.34
CA ILE A 4 -3.08 10.84 -5.10
C ILE A 4 -4.20 11.87 -5.29
N THR A 5 -5.25 11.76 -4.47
CA THR A 5 -6.38 12.68 -4.54
C THR A 5 -6.82 13.15 -3.17
N SER A 6 -7.55 14.25 -3.13
CA SER A 6 -8.04 14.83 -1.89
C SER A 6 -9.17 15.83 -2.17
N LYS A 7 -10.18 15.83 -1.30
CA LYS A 7 -11.32 16.72 -1.47
C LYS A 7 -11.20 17.93 -0.54
N GLN A 8 -9.98 18.30 -0.21
CA GLN A 8 -9.72 19.43 0.65
C GLN A 8 -8.49 20.21 0.19
N MET A 9 -7.43 19.48 -0.12
CA MET A 9 -6.19 20.09 -0.59
C MET A 9 -5.91 19.72 -2.04
N GLU A 10 -4.77 20.15 -2.55
CA GLU A 10 -4.39 19.87 -3.92
C GLU A 10 -3.09 19.07 -3.96
N ILE A 11 -2.78 18.49 -5.11
CA ILE A 11 -1.58 17.68 -5.26
C ILE A 11 -0.39 18.53 -5.71
N THR A 12 0.54 18.74 -4.78
CA THR A 12 1.73 19.53 -5.05
C THR A 12 2.92 18.63 -5.40
N PRO A 13 3.94 19.19 -6.08
CA PRO A 13 5.13 18.44 -6.46
C PRO A 13 5.90 17.94 -5.24
N ALA A 14 5.55 18.46 -4.06
CA ALA A 14 6.22 18.06 -2.83
C ALA A 14 5.53 16.83 -2.25
N ILE A 15 4.20 16.82 -2.28
CA ILE A 15 3.42 15.71 -1.78
C ILE A 15 3.57 14.53 -2.71
N ARG A 16 3.73 14.82 -4.00
CA ARG A 16 3.90 13.78 -5.00
C ARG A 16 5.29 13.17 -4.86
N GLN A 17 6.28 14.04 -4.69
CA GLN A 17 7.67 13.60 -4.54
C GLN A 17 7.84 12.82 -3.23
N HIS A 18 7.16 13.26 -2.17
CA HIS A 18 7.25 12.55 -0.90
C HIS A 18 6.75 11.12 -1.07
N VAL A 19 5.58 10.96 -1.67
CA VAL A 19 5.05 9.63 -1.91
C VAL A 19 5.95 8.87 -2.87
N ALA A 20 6.39 9.54 -3.93
CA ALA A 20 7.25 8.92 -4.91
C ALA A 20 8.60 8.51 -4.30
N ASP A 21 9.13 9.33 -3.39
CA ASP A 21 10.41 9.03 -2.75
C ASP A 21 10.32 7.69 -2.01
N ARG A 22 9.23 7.49 -1.28
CA ARG A 22 9.03 6.24 -0.56
C ARG A 22 8.66 5.15 -1.56
N LEU A 23 8.25 5.60 -2.74
CA LEU A 23 7.86 4.76 -3.85
C LEU A 23 9.10 4.05 -4.41
N ALA A 24 10.02 4.83 -4.94
CA ALA A 24 11.25 4.30 -5.51
C ALA A 24 12.09 3.60 -4.44
N LYS A 25 11.84 3.94 -3.18
CA LYS A 25 12.57 3.35 -2.06
C LYS A 25 12.01 1.98 -1.72
N LEU A 26 10.72 1.80 -1.96
CA LEU A 26 10.04 0.54 -1.66
C LEU A 26 10.32 -0.50 -2.76
N GLU A 27 11.59 -0.83 -2.93
CA GLU A 27 12.01 -1.80 -3.94
C GLU A 27 11.49 -3.20 -3.61
N LYS A 28 12.02 -3.80 -2.56
CA LYS A 28 11.62 -5.15 -2.14
C LYS A 28 10.10 -5.28 -2.01
N TRP A 29 9.46 -4.14 -1.79
CA TRP A 29 8.02 -4.07 -1.61
C TRP A 29 7.27 -3.99 -2.95
N GLN A 30 7.78 -3.20 -3.87
CA GLN A 30 7.13 -3.04 -5.18
C GLN A 30 7.24 -4.34 -5.98
N THR A 31 6.51 -5.36 -5.54
CA THR A 31 6.52 -6.66 -6.20
C THR A 31 5.64 -6.64 -7.45
N HIS A 32 4.42 -6.12 -7.31
CA HIS A 32 3.50 -6.05 -8.43
C HIS A 32 2.52 -4.88 -8.28
N LEU A 33 1.38 -5.14 -7.62
CA LEU A 33 0.37 -4.10 -7.42
C LEU A 33 -0.13 -3.59 -8.78
N ILE A 34 -1.38 -3.13 -8.81
CA ILE A 34 -1.95 -2.63 -10.07
C ILE A 34 -2.79 -1.39 -9.85
N ASN A 35 -2.29 -0.25 -10.32
CA ASN A 35 -2.99 1.02 -10.22
C ASN A 35 -3.37 1.35 -8.77
N PRO A 36 -2.38 1.72 -7.93
CA PRO A 36 -2.63 2.08 -6.54
C PRO A 36 -3.25 3.47 -6.42
N HIS A 37 -4.03 3.69 -5.37
CA HIS A 37 -4.70 4.97 -5.17
C HIS A 37 -4.56 5.46 -3.74
N ILE A 38 -4.20 6.73 -3.60
CA ILE A 38 -4.03 7.36 -2.29
C ILE A 38 -4.96 8.56 -2.15
N ILE A 39 -5.67 8.63 -1.03
CA ILE A 39 -6.59 9.73 -0.77
C ILE A 39 -6.19 10.49 0.48
N LEU A 40 -6.44 11.80 0.49
CA LEU A 40 -6.10 12.64 1.63
C LEU A 40 -7.33 13.40 2.12
N SER A 41 -7.62 13.27 3.41
CA SER A 41 -8.75 13.94 4.03
C SER A 41 -8.30 14.81 5.19
N LYS A 42 -9.25 15.37 5.92
CA LYS A 42 -8.93 16.23 7.05
C LYS A 42 -10.14 16.41 7.96
N GLU A 43 -9.88 16.39 9.25
CA GLU A 43 -10.91 16.57 10.26
C GLU A 43 -10.46 17.61 11.27
N PRO A 44 -11.38 18.23 12.02
CA PRO A 44 -11.02 19.24 13.02
C PRO A 44 -9.97 18.76 13.98
N GLN A 45 -9.88 17.45 14.13
CA GLN A 45 -8.93 16.84 15.05
C GLN A 45 -7.58 16.53 14.38
N GLY A 46 -7.49 16.76 13.07
CA GLY A 46 -6.24 16.49 12.37
C GLY A 46 -6.47 16.06 10.94
N PHE A 47 -5.46 15.43 10.33
CA PHE A 47 -5.58 14.99 8.95
C PHE A 47 -5.62 13.47 8.84
N VAL A 48 -6.23 13.00 7.76
CA VAL A 48 -6.36 11.57 7.51
C VAL A 48 -5.85 11.20 6.12
N ALA A 49 -5.16 10.07 6.04
CA ALA A 49 -4.62 9.60 4.77
C ALA A 49 -4.98 8.14 4.54
N ASP A 50 -5.66 7.86 3.44
CA ASP A 50 -6.06 6.49 3.14
C ASP A 50 -5.45 6.02 1.82
N ALA A 51 -5.14 4.72 1.74
CA ALA A 51 -4.56 4.15 0.54
C ALA A 51 -5.08 2.75 0.28
N THR A 52 -5.36 2.44 -0.98
CA THR A 52 -5.86 1.12 -1.35
C THR A 52 -5.15 0.61 -2.58
N ILE A 53 -4.65 -0.61 -2.54
CA ILE A 53 -3.95 -1.20 -3.67
C ILE A 53 -4.45 -2.61 -3.97
N ASN A 54 -4.67 -2.89 -5.25
CA ASN A 54 -5.15 -4.20 -5.67
C ASN A 54 -4.02 -5.01 -6.28
N THR A 55 -3.73 -6.15 -5.67
CA THR A 55 -2.68 -7.05 -6.14
C THR A 55 -3.28 -8.35 -6.68
N PRO A 56 -2.54 -9.05 -7.56
CA PRO A 56 -3.02 -10.31 -8.14
C PRO A 56 -3.22 -11.41 -7.10
N ASN A 57 -2.68 -11.19 -5.90
CA ASN A 57 -2.79 -12.17 -4.83
C ASN A 57 -3.56 -11.59 -3.63
N GLY A 58 -4.39 -10.58 -3.89
CA GLY A 58 -5.16 -9.99 -2.82
C GLY A 58 -5.15 -8.47 -2.86
N VAL A 59 -5.62 -7.85 -1.78
CA VAL A 59 -5.66 -6.39 -1.70
C VAL A 59 -5.23 -5.90 -0.32
N LEU A 60 -4.50 -4.78 -0.29
CA LEU A 60 -4.03 -4.22 0.97
C LEU A 60 -4.65 -2.85 1.23
N VAL A 61 -4.80 -2.50 2.50
CA VAL A 61 -5.37 -1.21 2.87
C VAL A 61 -4.62 -0.61 4.05
N ALA A 62 -4.55 0.73 4.09
CA ALA A 62 -3.87 1.42 5.17
C ALA A 62 -4.42 2.84 5.36
N SER A 63 -4.35 3.31 6.60
CA SER A 63 -4.86 4.64 6.94
C SER A 63 -3.99 5.31 8.01
N GLY A 64 -4.07 6.64 8.06
CA GLY A 64 -3.31 7.40 9.04
C GLY A 64 -4.02 8.68 9.43
N LYS A 65 -4.59 8.70 10.62
CA LYS A 65 -5.33 9.87 11.10
C LYS A 65 -4.53 10.67 12.13
N HIS A 66 -3.26 10.90 11.84
CA HIS A 66 -2.40 11.68 12.74
C HIS A 66 -2.71 13.17 12.62
N GLU A 67 -2.41 13.93 13.66
CA GLU A 67 -2.65 15.36 13.66
C GLU A 67 -1.89 16.07 12.55
N ASP A 68 -0.76 15.49 12.15
CA ASP A 68 0.07 16.08 11.10
C ASP A 68 -0.19 15.42 9.74
N MET A 69 -0.62 16.22 8.78
CA MET A 69 -0.91 15.73 7.43
C MET A 69 0.23 14.87 6.89
N TYR A 70 1.46 15.35 7.03
CA TYR A 70 2.62 14.62 6.55
C TYR A 70 2.83 13.34 7.34
N THR A 71 2.63 13.40 8.65
CA THR A 71 2.79 12.22 9.50
C THR A 71 1.75 11.17 9.17
N ALA A 72 0.54 11.63 8.85
CA ALA A 72 -0.55 10.72 8.51
C ALA A 72 -0.23 9.94 7.24
N ILE A 73 0.18 10.64 6.19
CA ILE A 73 0.54 9.99 4.94
C ILE A 73 1.73 9.07 5.15
N ASN A 74 2.70 9.53 5.92
CA ASN A 74 3.88 8.72 6.22
C ASN A 74 3.48 7.50 7.02
N GLU A 75 2.54 7.68 7.94
CA GLU A 75 2.04 6.59 8.78
C GLU A 75 1.27 5.59 7.92
N LEU A 76 0.46 6.09 6.98
CA LEU A 76 -0.30 5.22 6.10
C LEU A 76 0.64 4.22 5.44
N ILE A 77 1.59 4.73 4.66
CA ILE A 77 2.56 3.88 3.99
C ILE A 77 3.27 2.99 5.02
N ASN A 78 3.41 3.49 6.24
CA ASN A 78 4.04 2.72 7.31
C ASN A 78 3.27 1.42 7.48
N LYS A 79 1.95 1.53 7.37
CA LYS A 79 1.05 0.39 7.49
C LYS A 79 1.08 -0.43 6.21
N LEU A 80 1.31 0.23 5.07
CA LEU A 80 1.42 -0.48 3.81
C LEU A 80 2.64 -1.40 3.88
N GLU A 81 3.75 -0.81 4.30
CA GLU A 81 5.00 -1.52 4.48
C GLU A 81 4.82 -2.65 5.50
N ARG A 82 4.23 -2.30 6.63
CA ARG A 82 3.99 -3.27 7.70
C ARG A 82 3.01 -4.34 7.25
N GLN A 83 2.17 -4.01 6.28
CA GLN A 83 1.19 -4.95 5.75
C GLN A 83 1.87 -5.98 4.85
N LEU A 84 2.70 -5.50 3.94
CA LEU A 84 3.42 -6.37 3.02
C LEU A 84 4.40 -7.25 3.80
N ASN A 85 4.89 -6.74 4.92
CA ASN A 85 5.83 -7.48 5.75
C ASN A 85 5.18 -8.77 6.25
N LYS A 86 3.87 -8.69 6.49
CA LYS A 86 3.11 -9.85 6.95
C LYS A 86 2.93 -10.86 5.82
N LEU A 87 2.97 -10.35 4.60
CA LEU A 87 2.82 -11.19 3.42
C LEU A 87 3.98 -12.18 3.31
N GLN A 88 5.20 -11.67 3.49
CA GLN A 88 6.38 -12.51 3.43
C GLN A 88 6.56 -13.29 4.73
N HIS A 89 5.80 -12.92 5.75
CA HIS A 89 5.86 -13.59 7.05
C HIS A 89 7.24 -13.46 7.68
N LYS A 90 8.18 -14.28 7.22
CA LYS A 90 9.53 -14.26 7.75
C LYS A 90 9.54 -14.60 9.24
N GLY A 91 10.67 -15.10 9.72
CA GLY A 91 10.78 -15.47 11.12
C GLY A 91 12.09 -16.17 11.45
N GLU A 92 13.18 -15.68 10.85
CA GLU A 92 14.49 -16.27 11.09
C GLU A 92 15.57 -15.46 10.36
N ALA A 93 16.14 -14.47 11.06
CA ALA A 93 17.18 -13.63 10.49
C ALA A 93 18.38 -14.47 10.07
N ARG A 94 18.63 -14.54 8.76
CA ARG A 94 19.74 -15.30 8.23
C ARG A 94 21.08 -14.66 8.62
N ARG A 95 21.15 -13.34 8.49
CA ARG A 95 22.37 -12.60 8.83
C ARG A 95 22.42 -12.30 10.32
N ALA A 96 23.58 -12.51 10.92
CA ALA A 96 23.77 -12.25 12.35
C ALA A 96 24.66 -11.04 12.57
N ALA A 97 24.54 -10.04 11.69
CA ALA A 97 25.34 -8.83 11.79
C ALA A 97 24.45 -7.59 11.74
N THR A 98 24.99 -6.46 12.20
CA THR A 98 24.25 -5.21 12.18
C THR A 98 25.19 -4.03 11.97
N SER A 99 26.17 -3.89 12.85
CA SER A 99 27.13 -2.80 12.75
C SER A 99 28.57 -3.33 12.68
N VAL A 100 29.29 -2.92 11.66
CA VAL A 100 30.68 -3.36 11.47
C VAL A 100 31.65 -2.26 11.85
N LYS A 101 31.54 -1.79 13.09
CA LYS A 101 32.43 -0.73 13.59
C LYS A 101 32.29 0.54 12.74
N ASP A 102 31.12 0.72 12.13
CA ASP A 102 30.86 1.89 11.30
C ASP A 102 31.88 2.00 10.17
N ALA A 103 31.48 1.62 8.97
CA ALA A 103 32.36 1.68 7.81
C ALA A 103 32.65 3.11 7.41
N ASN A 104 31.69 4.00 7.66
CA ASN A 104 31.84 5.41 7.31
C ASN A 104 32.01 5.59 5.81
N PHE A 105 30.95 6.02 5.15
CA PHE A 105 30.99 6.24 3.71
C PHE A 105 29.66 6.80 3.21
N VAL A 106 29.73 7.81 2.35
CA VAL A 106 28.54 8.43 1.79
C VAL A 106 28.89 9.50 0.77
N GLU A 107 28.42 9.32 -0.46
CA GLU A 107 28.69 10.27 -1.54
C GLU A 107 30.18 10.34 -1.84
N GLU A 108 30.55 10.03 -3.08
CA GLU A 108 31.94 10.06 -3.51
C GLU A 108 32.85 9.36 -2.50
N VAL A 109 34.15 9.51 -2.67
CA VAL A 109 35.13 8.91 -1.78
C VAL A 109 35.78 9.95 -0.89
N GLU A 110 36.16 9.55 0.32
CA GLU A 110 36.79 10.45 1.27
C GLU A 110 38.29 10.17 1.36
N GLU A 111 38.68 8.93 1.17
CA GLU A 111 40.08 8.53 1.22
C GLU A 111 40.84 9.06 0.00
N GLU A 112 41.19 10.34 0.04
CA GLU A 112 41.93 10.96 -1.05
C GLU A 112 43.39 11.16 -0.69
N THR A 1 1.54 4.08 -11.49
CA THR A 1 2.28 5.35 -11.31
C THR A 1 1.74 6.13 -10.11
N MET A 2 1.25 5.40 -9.11
CA MET A 2 0.68 5.99 -7.89
C MET A 2 -0.34 7.08 -8.20
N ASN A 3 -1.53 6.94 -7.61
CA ASN A 3 -2.60 7.91 -7.83
C ASN A 3 -3.03 8.55 -6.52
N ILE A 4 -2.51 9.75 -6.26
CA ILE A 4 -2.85 10.48 -5.05
C ILE A 4 -3.95 11.50 -5.33
N THR A 5 -5.04 11.43 -4.56
CA THR A 5 -6.15 12.35 -4.74
C THR A 5 -6.64 12.89 -3.41
N SER A 6 -7.34 14.02 -3.44
CA SER A 6 -7.87 14.64 -2.24
C SER A 6 -8.95 15.66 -2.60
N LYS A 7 -9.95 15.77 -1.73
CA LYS A 7 -11.06 16.70 -1.97
C LYS A 7 -10.93 17.94 -1.09
N GLN A 8 -9.95 17.95 -0.19
CA GLN A 8 -9.73 19.07 0.70
C GLN A 8 -8.60 19.96 0.20
N MET A 9 -7.65 19.37 -0.52
CA MET A 9 -6.52 20.10 -1.05
C MET A 9 -6.17 19.64 -2.46
N GLU A 10 -5.09 20.20 -3.00
CA GLU A 10 -4.65 19.85 -4.34
C GLU A 10 -3.34 19.07 -4.30
N ILE A 11 -2.96 18.47 -5.42
CA ILE A 11 -1.74 17.68 -5.48
C ILE A 11 -0.55 18.55 -5.89
N THR A 12 0.34 18.80 -4.94
CA THR A 12 1.52 19.61 -5.18
C THR A 12 2.74 18.72 -5.45
N PRO A 13 3.74 19.26 -6.18
CA PRO A 13 4.96 18.52 -6.51
C PRO A 13 5.71 18.08 -5.25
N ALA A 14 5.39 18.71 -4.13
CA ALA A 14 6.04 18.37 -2.86
C ALA A 14 5.37 17.15 -2.24
N ILE A 15 4.05 17.13 -2.27
CA ILE A 15 3.30 16.02 -1.72
C ILE A 15 3.43 14.81 -2.63
N ARG A 16 3.65 15.08 -3.91
CA ARG A 16 3.83 14.04 -4.89
C ARG A 16 5.23 13.42 -4.74
N GLN A 17 6.22 14.31 -4.59
CA GLN A 17 7.59 13.87 -4.41
C GLN A 17 7.78 13.18 -3.07
N HIS A 18 7.12 13.68 -2.03
CA HIS A 18 7.22 13.07 -0.72
C HIS A 18 6.71 11.63 -0.78
N VAL A 19 5.47 11.46 -1.21
CA VAL A 19 4.90 10.13 -1.33
C VAL A 19 5.70 9.31 -2.34
N ALA A 20 5.97 9.90 -3.50
CA ALA A 20 6.74 9.23 -4.55
C ALA A 20 8.12 8.80 -4.05
N ASP A 21 8.79 9.65 -3.30
CA ASP A 21 10.12 9.30 -2.79
C ASP A 21 10.04 8.05 -1.93
N ARG A 22 8.94 7.92 -1.20
CA ARG A 22 8.71 6.77 -0.34
C ARG A 22 8.32 5.54 -1.17
N LEU A 23 7.72 5.78 -2.33
CA LEU A 23 7.31 4.70 -3.21
C LEU A 23 8.54 3.99 -3.78
N ALA A 24 9.40 4.76 -4.43
CA ALA A 24 10.62 4.23 -5.03
C ALA A 24 11.52 3.60 -3.97
N LYS A 25 11.37 4.04 -2.72
CA LYS A 25 12.17 3.50 -1.62
C LYS A 25 11.63 2.15 -1.19
N LEU A 26 10.32 1.97 -1.33
CA LEU A 26 9.67 0.72 -0.96
C LEU A 26 9.85 -0.32 -2.07
N GLU A 27 11.11 -0.60 -2.41
CA GLU A 27 11.41 -1.57 -3.46
C GLU A 27 10.79 -2.93 -3.16
N LYS A 28 10.90 -3.36 -1.91
CA LYS A 28 10.33 -4.65 -1.51
C LYS A 28 8.93 -4.50 -0.93
N TRP A 29 8.27 -3.39 -1.25
CA TRP A 29 6.93 -3.13 -0.75
C TRP A 29 6.11 -2.34 -1.77
N GLN A 30 6.53 -2.38 -3.02
CA GLN A 30 5.84 -1.68 -4.09
C GLN A 30 5.50 -2.64 -5.22
N THR A 31 6.46 -3.49 -5.57
CA THR A 31 6.30 -4.49 -6.62
C THR A 31 5.53 -3.94 -7.82
N HIS A 32 4.21 -4.05 -7.81
CA HIS A 32 3.39 -3.57 -8.92
C HIS A 32 2.28 -2.63 -8.43
N LEU A 33 1.51 -3.08 -7.44
CA LEU A 33 0.41 -2.29 -6.91
C LEU A 33 -0.77 -2.26 -7.88
N ILE A 34 -0.66 -3.04 -8.96
CA ILE A 34 -1.69 -3.16 -9.99
C ILE A 34 -2.45 -1.86 -10.23
N ASN A 35 -1.78 -0.74 -10.11
CA ASN A 35 -2.45 0.56 -10.25
C ASN A 35 -3.24 0.87 -8.97
N PRO A 36 -2.53 1.31 -7.91
CA PRO A 36 -3.14 1.61 -6.61
C PRO A 36 -3.79 2.99 -6.57
N HIS A 37 -4.48 3.28 -5.47
CA HIS A 37 -5.15 4.56 -5.29
C HIS A 37 -5.01 5.06 -3.86
N ILE A 38 -4.52 6.29 -3.71
CA ILE A 38 -4.34 6.90 -2.39
C ILE A 38 -5.20 8.16 -2.27
N ILE A 39 -5.85 8.31 -1.13
CA ILE A 39 -6.71 9.46 -0.89
C ILE A 39 -6.25 10.27 0.33
N LEU A 40 -6.49 11.56 0.29
CA LEU A 40 -6.12 12.46 1.37
C LEU A 40 -7.32 13.24 1.86
N SER A 41 -7.58 13.19 3.16
CA SER A 41 -8.70 13.89 3.76
C SER A 41 -8.22 14.81 4.87
N LYS A 42 -9.17 15.43 5.58
CA LYS A 42 -8.83 16.33 6.67
C LYS A 42 -10.01 16.54 7.61
N GLU A 43 -9.70 16.60 8.89
CA GLU A 43 -10.69 16.81 9.93
C GLU A 43 -10.21 17.91 10.87
N PRO A 44 -11.11 18.50 11.66
CA PRO A 44 -10.75 19.56 12.60
C PRO A 44 -9.65 19.12 13.56
N GLN A 45 -9.60 17.82 13.78
CA GLN A 45 -8.63 17.23 14.68
C GLN A 45 -7.30 16.88 14.00
N GLY A 46 -7.25 17.02 12.67
CA GLY A 46 -6.02 16.71 11.96
C GLY A 46 -6.27 16.22 10.56
N PHE A 47 -5.27 15.62 9.94
CA PHE A 47 -5.41 15.10 8.57
C PHE A 47 -5.46 13.59 8.55
N VAL A 48 -6.08 13.06 7.50
CA VAL A 48 -6.23 11.63 7.32
C VAL A 48 -5.78 11.20 5.94
N ALA A 49 -5.08 10.07 5.87
CA ALA A 49 -4.60 9.54 4.60
C ALA A 49 -4.96 8.07 4.46
N ASP A 50 -5.66 7.73 3.38
CA ASP A 50 -6.06 6.35 3.14
C ASP A 50 -5.47 5.82 1.85
N ALA A 51 -5.14 4.53 1.84
CA ALA A 51 -4.55 3.93 0.65
C ALA A 51 -5.02 2.49 0.47
N THR A 52 -5.28 2.10 -0.77
CA THR A 52 -5.71 0.74 -1.07
C THR A 52 -4.93 0.22 -2.28
N ILE A 53 -4.34 -0.97 -2.15
CA ILE A 53 -3.57 -1.53 -3.24
C ILE A 53 -3.91 -3.00 -3.47
N ASN A 54 -3.99 -3.38 -4.73
CA ASN A 54 -4.31 -4.76 -5.10
C ASN A 54 -3.03 -5.51 -5.48
N THR A 55 -3.00 -6.80 -5.14
CA THR A 55 -1.86 -7.65 -5.46
C THR A 55 -2.35 -9.01 -5.93
N PRO A 56 -1.52 -9.77 -6.66
CA PRO A 56 -1.92 -11.08 -7.18
C PRO A 56 -1.98 -12.15 -6.08
N ASN A 57 -1.64 -11.77 -4.85
CA ASN A 57 -1.66 -12.70 -3.73
C ASN A 57 -2.50 -12.16 -2.57
N GLY A 58 -3.11 -11.00 -2.75
CA GLY A 58 -3.92 -10.42 -1.68
C GLY A 58 -4.18 -8.94 -1.89
N VAL A 59 -4.63 -8.27 -0.83
CA VAL A 59 -4.92 -6.85 -0.87
C VAL A 59 -4.32 -6.12 0.33
N LEU A 60 -3.92 -4.87 0.12
CA LEU A 60 -3.33 -4.07 1.19
C LEU A 60 -4.14 -2.80 1.45
N VAL A 61 -4.35 -2.50 2.73
CA VAL A 61 -5.09 -1.31 3.14
C VAL A 61 -4.45 -0.66 4.36
N ALA A 62 -4.36 0.65 4.35
CA ALA A 62 -3.75 1.39 5.46
C ALA A 62 -4.30 2.81 5.58
N SER A 63 -4.21 3.35 6.79
CA SER A 63 -4.70 4.69 7.08
C SER A 63 -3.81 5.41 8.08
N GLY A 64 -3.88 6.75 8.06
CA GLY A 64 -3.09 7.56 8.96
C GLY A 64 -3.79 8.87 9.28
N LYS A 65 -4.44 8.93 10.44
CA LYS A 65 -5.16 10.14 10.85
C LYS A 65 -4.37 10.97 11.86
N HIS A 66 -3.08 11.15 11.60
CA HIS A 66 -2.24 11.95 12.48
C HIS A 66 -2.52 13.43 12.28
N GLU A 67 -2.25 14.24 13.30
CA GLU A 67 -2.48 15.67 13.23
C GLU A 67 -1.66 16.31 12.10
N ASP A 68 -0.54 15.68 11.76
CA ASP A 68 0.33 16.20 10.72
C ASP A 68 0.07 15.50 9.38
N MET A 69 -0.39 16.29 8.40
CA MET A 69 -0.69 15.76 7.07
C MET A 69 0.44 14.88 6.54
N TYR A 70 1.68 15.36 6.68
CA TYR A 70 2.85 14.61 6.20
C TYR A 70 3.04 13.34 7.01
N THR A 71 2.86 13.42 8.32
CA THR A 71 3.02 12.26 9.19
C THR A 71 1.97 11.21 8.88
N ALA A 72 0.76 11.66 8.58
CA ALA A 72 -0.34 10.75 8.27
C ALA A 72 -0.01 9.92 7.03
N ILE A 73 0.38 10.60 5.95
CA ILE A 73 0.71 9.91 4.71
C ILE A 73 1.90 8.97 4.93
N ASN A 74 2.90 9.46 5.66
CA ASN A 74 4.08 8.67 5.96
C ASN A 74 3.69 7.45 6.79
N GLU A 75 2.79 7.65 7.74
CA GLU A 75 2.32 6.58 8.61
C GLU A 75 1.54 5.54 7.80
N LEU A 76 0.68 6.01 6.90
CA LEU A 76 -0.10 5.11 6.06
C LEU A 76 0.81 4.11 5.37
N ILE A 77 1.74 4.62 4.56
CA ILE A 77 2.69 3.75 3.87
C ILE A 77 3.46 2.91 4.89
N ASN A 78 3.65 3.45 6.08
CA ASN A 78 4.32 2.74 7.14
C ASN A 78 3.57 1.45 7.46
N LYS A 79 2.26 1.48 7.24
CA LYS A 79 1.40 0.33 7.47
C LYS A 79 1.37 -0.57 6.25
N LEU A 80 1.55 0.01 5.06
CA LEU A 80 1.59 -0.80 3.85
C LEU A 80 2.78 -1.74 3.94
N GLU A 81 3.94 -1.16 4.26
CA GLU A 81 5.17 -1.90 4.44
C GLU A 81 5.02 -2.92 5.56
N ARG A 82 4.45 -2.48 6.68
CA ARG A 82 4.24 -3.36 7.83
C ARG A 82 3.31 -4.52 7.49
N GLN A 83 2.33 -4.27 6.62
CA GLN A 83 1.39 -5.30 6.22
C GLN A 83 2.05 -6.28 5.26
N LEU A 84 2.82 -5.75 4.32
CA LEU A 84 3.52 -6.59 3.35
C LEU A 84 4.56 -7.46 4.04
N ASN A 85 5.10 -6.97 5.16
CA ASN A 85 6.09 -7.71 5.91
C ASN A 85 5.51 -9.03 6.41
N LYS A 86 4.35 -8.95 7.02
CA LYS A 86 3.66 -10.12 7.54
C LYS A 86 3.01 -10.92 6.40
N LEU A 87 2.78 -10.25 5.28
CA LEU A 87 2.13 -10.87 4.13
C LEU A 87 3.05 -11.88 3.43
N GLN A 88 4.35 -11.59 3.38
CA GLN A 88 5.29 -12.48 2.72
C GLN A 88 5.60 -13.71 3.57
N HIS A 89 6.73 -13.68 4.26
CA HIS A 89 7.15 -14.80 5.10
C HIS A 89 7.12 -16.11 4.32
N LYS A 90 5.98 -16.81 4.38
CA LYS A 90 5.80 -18.06 3.68
C LYS A 90 6.68 -19.16 4.30
N GLY A 91 7.98 -19.05 4.07
CA GLY A 91 8.90 -20.04 4.61
C GLY A 91 10.02 -20.37 3.62
N GLU A 92 9.73 -20.24 2.34
CA GLU A 92 10.70 -20.53 1.30
C GLU A 92 10.39 -19.76 0.02
N ALA A 93 10.20 -18.46 0.15
CA ALA A 93 9.90 -17.61 -0.99
C ALA A 93 11.15 -17.26 -1.78
N ARG A 94 11.77 -18.29 -2.39
CA ARG A 94 12.98 -18.09 -3.18
C ARG A 94 13.16 -19.22 -4.17
N ARG A 95 12.05 -19.84 -4.58
CA ARG A 95 12.09 -20.94 -5.54
C ARG A 95 10.69 -21.50 -5.77
N ALA A 96 10.00 -20.95 -6.77
CA ALA A 96 8.65 -21.40 -7.10
C ALA A 96 8.55 -21.86 -8.55
N ALA A 97 8.71 -20.92 -9.48
CA ALA A 97 8.65 -21.24 -10.90
C ALA A 97 7.29 -21.82 -11.27
N THR A 98 6.99 -21.81 -12.56
CA THR A 98 5.72 -22.34 -13.05
C THR A 98 5.90 -23.72 -13.67
N SER A 99 6.75 -23.79 -14.69
CA SER A 99 7.01 -25.05 -15.38
C SER A 99 8.35 -24.99 -16.12
N VAL A 100 9.30 -25.78 -15.67
CA VAL A 100 10.63 -25.82 -16.29
C VAL A 100 10.55 -26.40 -17.69
N LYS A 101 10.74 -25.53 -18.69
CA LYS A 101 10.69 -25.95 -20.09
C LYS A 101 12.00 -25.63 -20.79
N ASP A 102 12.13 -26.09 -22.03
CA ASP A 102 13.34 -25.85 -22.81
C ASP A 102 13.05 -24.95 -24.01
N ALA A 103 14.09 -24.65 -24.79
CA ALA A 103 13.94 -23.80 -25.96
C ALA A 103 15.13 -23.96 -26.90
N ASN A 104 14.84 -23.95 -28.20
CA ASN A 104 15.89 -24.10 -29.21
C ASN A 104 15.56 -23.29 -30.46
N PHE A 105 16.59 -22.69 -31.06
CA PHE A 105 16.40 -21.88 -32.25
C PHE A 105 15.47 -20.70 -31.99
N VAL A 106 15.49 -20.21 -30.75
CA VAL A 106 14.65 -19.08 -30.35
C VAL A 106 15.43 -18.08 -29.51
N GLU A 107 15.90 -17.02 -30.14
CA GLU A 107 16.67 -15.99 -29.44
C GLU A 107 15.74 -15.10 -28.63
N GLU A 108 16.29 -14.49 -27.58
CA GLU A 108 15.51 -13.60 -26.71
C GLU A 108 15.12 -12.33 -27.45
N VAL A 109 13.82 -12.04 -27.46
CA VAL A 109 13.30 -10.86 -28.13
C VAL A 109 12.83 -9.82 -27.11
N GLU A 110 13.01 -8.54 -27.45
CA GLU A 110 12.60 -7.46 -26.57
C GLU A 110 11.12 -7.11 -26.78
N GLU A 111 10.27 -7.61 -25.89
CA GLU A 111 8.84 -7.37 -25.97
C GLU A 111 8.27 -7.94 -27.27
N GLU A 112 7.01 -8.34 -27.22
CA GLU A 112 6.34 -8.91 -28.38
C GLU A 112 5.36 -7.91 -29.00
#